data_8UEK
#
_entry.id   8UEK
#
_entity_poly.entity_id   1
_entity_poly.type   'polypeptide(L)'
_entity_poly.pdbx_seq_one_letter_code
;GSGSQVQLVESGGGLVQAGGSLRLSCAASGSTFSLHLMGWYRQAPGKQREVVATSGSGGDTNYADSVKGRFTISRDNDKN
TVDLQMNNLKPEDTADYYCRAQQKIGRDTFRDYWGQGTQVTVSS
;
_entity_poly.pdbx_strand_id   A
#
# COMPACT_ATOMS: atom_id res chain seq x y z
N GLY A 1 4.88 7.55 23.43
CA GLY A 1 3.53 7.19 23.87
C GLY A 1 3.33 5.71 23.80
N SER A 2 2.10 5.28 23.63
CA SER A 2 1.81 3.89 23.51
C SER A 2 1.68 3.53 22.02
N GLY A 3 2.40 2.52 21.58
CA GLY A 3 2.37 2.14 20.19
C GLY A 3 2.10 0.68 19.98
N SER A 4 1.64 0.32 18.80
CA SER A 4 1.32 -1.04 18.50
C SER A 4 2.57 -1.86 18.21
N GLN A 5 2.42 -3.17 18.26
CA GLN A 5 3.52 -4.10 18.11
C GLN A 5 3.85 -4.36 16.65
N VAL A 6 2.91 -4.10 15.77
CA VAL A 6 3.14 -4.26 14.34
C VAL A 6 3.74 -3.00 13.73
N GLN A 7 4.64 -3.19 12.81
CA GLN A 7 5.28 -2.13 12.10
C GLN A 7 5.14 -2.40 10.62
N LEU A 8 5.01 -1.33 9.84
CA LEU A 8 4.90 -1.45 8.40
C LEU A 8 6.14 -0.89 7.75
N VAL A 9 6.66 -1.63 6.81
CA VAL A 9 7.81 -1.20 6.04
C VAL A 9 7.49 -1.32 4.55
N GLU A 10 7.44 -0.21 3.85
CA GLU A 10 7.19 -0.25 2.43
C GLU A 10 8.49 -0.36 1.66
N SER A 11 8.54 -1.33 0.81
CA SER A 11 9.67 -1.53 -0.04
C SER A 11 9.30 -0.99 -1.42
N GLY A 12 10.27 -0.45 -2.11
CA GLY A 12 10.02 0.13 -3.40
C GLY A 12 10.44 1.57 -3.38
N GLY A 13 9.72 2.42 -4.08
CA GLY A 13 10.08 3.83 -4.09
C GLY A 13 11.33 4.08 -4.85
N GLY A 14 11.38 3.53 -6.01
CA GLY A 14 12.55 3.61 -6.81
C GLY A 14 12.41 4.61 -7.91
N LEU A 15 13.20 4.42 -8.90
CA LEU A 15 13.23 5.30 -10.03
C LEU A 15 12.89 4.52 -11.29
N VAL A 16 11.79 4.87 -11.90
CA VAL A 16 11.30 4.20 -13.09
C VAL A 16 11.07 5.18 -14.20
N GLN A 17 11.01 4.70 -15.41
CA GLN A 17 10.81 5.54 -16.56
C GLN A 17 9.33 5.58 -16.92
N ALA A 18 8.95 6.60 -17.68
CA ALA A 18 7.58 6.77 -18.13
C ALA A 18 7.11 5.57 -18.93
N GLY A 19 6.06 4.92 -18.46
CA GLY A 19 5.53 3.75 -19.12
C GLY A 19 5.98 2.48 -18.44
N GLY A 20 6.93 2.59 -17.53
CA GLY A 20 7.48 1.46 -16.84
C GLY A 20 6.57 0.94 -15.74
N SER A 21 6.97 -0.16 -15.15
CA SER A 21 6.22 -0.77 -14.06
C SER A 21 7.12 -0.95 -12.84
N LEU A 22 6.52 -0.99 -11.66
CA LEU A 22 7.26 -1.12 -10.42
C LEU A 22 6.38 -1.91 -9.45
N ARG A 23 6.97 -2.67 -8.56
CA ARG A 23 6.19 -3.40 -7.57
C ARG A 23 6.63 -2.98 -6.18
N LEU A 24 5.69 -2.56 -5.37
CA LEU A 24 6.00 -2.22 -4.01
C LEU A 24 5.47 -3.29 -3.10
N SER A 25 6.09 -3.43 -1.97
CA SER A 25 5.72 -4.44 -1.02
C SER A 25 5.63 -3.83 0.36
N CYS A 26 4.66 -4.25 1.13
CA CYS A 26 4.51 -3.75 2.48
C CYS A 26 4.80 -4.89 3.41
N ALA A 27 5.77 -4.72 4.26
CA ALA A 27 6.15 -5.75 5.19
C ALA A 27 5.56 -5.46 6.56
N ALA A 28 4.73 -6.36 7.02
CA ALA A 28 4.14 -6.25 8.32
C ALA A 28 4.88 -7.18 9.25
N SER A 29 5.39 -6.65 10.31
CA SER A 29 6.09 -7.45 11.28
C SER A 29 5.78 -6.99 12.70
N GLY A 30 5.68 -7.91 13.63
CA GLY A 30 5.43 -7.55 15.00
C GLY A 30 4.52 -8.53 15.70
N SER A 31 3.38 -8.78 15.11
CA SER A 31 2.39 -9.67 15.69
C SER A 31 2.06 -10.78 14.69
N THR A 32 1.82 -11.98 15.19
CA THR A 32 1.49 -13.12 14.34
C THR A 32 -0.02 -13.17 14.06
N PHE A 33 -0.75 -12.28 14.72
CA PHE A 33 -2.18 -12.17 14.57
C PHE A 33 -2.51 -11.78 13.12
N SER A 34 -3.54 -12.41 12.58
CA SER A 34 -3.95 -12.19 11.21
C SER A 34 -4.30 -10.73 10.98
N LEU A 35 -3.63 -10.10 10.04
CA LEU A 35 -3.87 -8.72 9.70
C LEU A 35 -5.22 -8.69 8.94
N HIS A 36 -6.06 -7.72 9.23
CA HIS A 36 -7.44 -7.76 8.76
C HIS A 36 -7.63 -7.07 7.40
N LEU A 37 -7.10 -5.87 7.23
CA LEU A 37 -7.23 -5.13 5.97
C LEU A 37 -5.93 -4.45 5.61
N MET A 38 -5.57 -4.49 4.35
CA MET A 38 -4.33 -3.91 3.90
C MET A 38 -4.64 -3.06 2.68
N GLY A 39 -3.98 -1.96 2.54
CA GLY A 39 -4.18 -1.17 1.36
C GLY A 39 -3.05 -0.23 1.05
N TRP A 40 -3.07 0.31 -0.13
CA TRP A 40 -2.06 1.23 -0.61
C TRP A 40 -2.68 2.59 -0.85
N TYR A 41 -1.94 3.59 -0.48
CA TYR A 41 -2.34 4.97 -0.58
C TYR A 41 -1.24 5.74 -1.24
N ARG A 42 -1.54 6.91 -1.69
CA ARG A 42 -0.58 7.69 -2.39
C ARG A 42 -0.67 9.12 -1.93
N GLN A 43 0.45 9.73 -1.73
CA GLN A 43 0.45 11.12 -1.44
C GLN A 43 1.03 11.79 -2.64
N ALA A 44 0.26 12.59 -3.30
CA ALA A 44 0.71 13.24 -4.49
C ALA A 44 0.84 14.71 -4.24
N PRO A 45 1.90 15.34 -4.80
CA PRO A 45 2.10 16.78 -4.64
C PRO A 45 0.94 17.55 -5.23
N GLY A 46 0.34 18.40 -4.41
CA GLY A 46 -0.80 19.16 -4.84
C GLY A 46 -2.10 18.51 -4.45
N LYS A 47 -2.03 17.24 -4.05
CA LYS A 47 -3.20 16.49 -3.65
C LYS A 47 -3.09 16.03 -2.20
N GLN A 48 -4.13 15.38 -1.76
CA GLN A 48 -4.20 14.75 -0.46
C GLN A 48 -3.76 13.30 -0.61
N ARG A 49 -3.46 12.63 0.49
CA ARG A 49 -3.14 11.21 0.42
C ARG A 49 -4.39 10.43 0.06
N GLU A 50 -4.42 9.95 -1.15
CA GLU A 50 -5.56 9.32 -1.74
C GLU A 50 -5.53 7.82 -1.60
N VAL A 51 -6.69 7.22 -1.60
CA VAL A 51 -6.79 5.79 -1.57
C VAL A 51 -6.53 5.24 -2.96
N VAL A 52 -5.64 4.29 -3.03
CA VAL A 52 -5.29 3.67 -4.28
C VAL A 52 -5.97 2.32 -4.37
N ALA A 53 -5.81 1.52 -3.34
CA ALA A 53 -6.35 0.19 -3.32
C ALA A 53 -6.45 -0.34 -1.91
N THR A 54 -7.54 -0.98 -1.58
CA THR A 54 -7.74 -1.58 -0.29
C THR A 54 -8.17 -3.05 -0.43
N SER A 55 -7.78 -3.88 0.51
CA SER A 55 -8.19 -5.25 0.53
C SER A 55 -8.74 -5.59 1.91
N GLY A 56 -9.99 -5.97 1.95
CA GLY A 56 -10.65 -6.29 3.19
C GLY A 56 -10.36 -7.69 3.70
N SER A 57 -11.19 -8.13 4.63
CA SER A 57 -11.04 -9.41 5.32
C SER A 57 -10.95 -10.60 4.35
N GLY A 58 -11.79 -10.60 3.33
CA GLY A 58 -11.78 -11.72 2.40
C GLY A 58 -10.92 -11.43 1.20
N GLY A 59 -10.10 -10.41 1.31
CA GLY A 59 -9.30 -10.00 0.19
C GLY A 59 -10.14 -9.18 -0.74
N ASP A 60 -11.13 -8.50 -0.15
CA ASP A 60 -12.06 -7.67 -0.89
C ASP A 60 -11.31 -6.49 -1.40
N THR A 61 -11.15 -6.40 -2.68
CA THR A 61 -10.32 -5.36 -3.22
C THR A 61 -11.12 -4.25 -3.81
N ASN A 62 -10.64 -3.08 -3.61
CA ASN A 62 -11.20 -1.88 -4.17
C ASN A 62 -10.05 -1.06 -4.66
N TYR A 63 -10.14 -0.60 -5.86
CA TYR A 63 -9.09 0.19 -6.45
C TYR A 63 -9.69 1.49 -6.95
N ALA A 64 -8.88 2.51 -7.05
CA ALA A 64 -9.32 3.75 -7.67
C ALA A 64 -9.59 3.49 -9.14
N ASP A 65 -10.57 4.16 -9.70
CA ASP A 65 -10.94 3.96 -11.12
C ASP A 65 -9.78 4.36 -12.02
N SER A 66 -8.94 5.24 -11.54
CA SER A 66 -7.80 5.71 -12.26
C SER A 66 -6.62 4.72 -12.22
N VAL A 67 -6.74 3.67 -11.40
CA VAL A 67 -5.67 2.69 -11.31
C VAL A 67 -6.13 1.31 -11.80
N LYS A 68 -7.41 1.22 -12.14
CA LYS A 68 -8.01 -0.03 -12.62
C LYS A 68 -7.33 -0.51 -13.89
N GLY A 69 -6.81 -1.73 -13.83
CA GLY A 69 -6.17 -2.32 -14.97
C GLY A 69 -4.68 -2.11 -14.98
N ARG A 70 -4.20 -1.21 -14.15
CA ARG A 70 -2.77 -0.91 -14.08
C ARG A 70 -2.19 -1.28 -12.73
N PHE A 71 -2.98 -1.10 -11.70
CA PHE A 71 -2.56 -1.40 -10.35
C PHE A 71 -3.28 -2.62 -9.84
N THR A 72 -2.53 -3.53 -9.29
CA THR A 72 -3.06 -4.75 -8.74
C THR A 72 -2.41 -5.00 -7.37
N ILE A 73 -3.19 -5.33 -6.37
CA ILE A 73 -2.64 -5.60 -5.08
C ILE A 73 -2.93 -7.03 -4.65
N SER A 74 -2.03 -7.59 -3.89
CA SER A 74 -2.12 -8.97 -3.42
C SER A 74 -1.75 -9.02 -1.95
N ARG A 75 -2.43 -9.88 -1.18
CA ARG A 75 -2.19 -9.98 0.26
C ARG A 75 -2.17 -11.38 0.77
N ASP A 76 -1.07 -11.76 1.38
CA ASP A 76 -1.02 -12.97 2.17
C ASP A 76 -1.10 -12.52 3.62
N ASN A 77 -1.51 -13.37 4.51
CA ASN A 77 -1.60 -13.00 5.92
C ASN A 77 -0.24 -12.84 6.58
N ASP A 78 0.76 -13.66 6.19
CA ASP A 78 2.07 -13.58 6.87
C ASP A 78 3.20 -14.32 6.13
N LYS A 79 2.91 -14.98 5.03
CA LYS A 79 3.97 -15.73 4.33
C LYS A 79 4.58 -14.87 3.23
N ASN A 80 3.95 -13.77 2.97
CA ASN A 80 4.36 -12.86 1.93
C ASN A 80 4.13 -11.44 2.42
N THR A 81 4.66 -10.49 1.74
CA THR A 81 4.47 -9.12 2.04
C THR A 81 3.56 -8.59 0.95
N VAL A 82 2.62 -7.73 1.31
CA VAL A 82 1.56 -7.36 0.36
C VAL A 82 2.15 -6.68 -0.89
N ASP A 83 1.67 -7.08 -2.03
CA ASP A 83 2.19 -6.61 -3.31
C ASP A 83 1.35 -5.52 -3.88
N LEU A 84 1.99 -4.61 -4.55
CA LEU A 84 1.37 -3.59 -5.35
C LEU A 84 2.04 -3.53 -6.69
N GLN A 85 1.37 -4.05 -7.68
CA GLN A 85 1.86 -4.09 -9.03
C GLN A 85 1.40 -2.79 -9.69
N MET A 86 2.33 -1.92 -9.98
CA MET A 86 2.04 -0.67 -10.64
C MET A 86 2.56 -0.73 -12.04
N ASN A 87 1.71 -0.51 -13.00
CA ASN A 87 2.16 -0.50 -14.38
C ASN A 87 1.77 0.80 -15.04
N ASN A 88 2.54 1.19 -16.05
CA ASN A 88 2.30 2.40 -16.82
C ASN A 88 2.51 3.65 -15.99
N LEU A 89 3.68 3.73 -15.39
CA LEU A 89 4.05 4.89 -14.61
C LEU A 89 4.11 6.12 -15.47
N LYS A 90 3.31 7.08 -15.12
CA LYS A 90 3.24 8.32 -15.80
C LYS A 90 4.19 9.31 -15.13
N PRO A 91 4.79 10.25 -15.88
CA PRO A 91 5.78 11.19 -15.35
C PRO A 91 5.30 11.96 -14.11
N GLU A 92 4.04 12.36 -14.13
CA GLU A 92 3.50 13.14 -13.03
C GLU A 92 2.84 12.25 -11.98
N ASP A 93 3.06 10.94 -12.10
CA ASP A 93 2.52 9.99 -11.11
C ASP A 93 3.55 9.84 -10.00
N THR A 94 4.65 10.60 -10.15
CA THR A 94 5.70 10.67 -9.18
C THR A 94 5.10 11.17 -7.87
N ALA A 95 5.13 10.34 -6.85
CA ALA A 95 4.49 10.64 -5.60
C ALA A 95 4.95 9.68 -4.54
N ASP A 96 4.39 9.81 -3.34
CA ASP A 96 4.76 8.94 -2.25
C ASP A 96 3.71 7.87 -2.14
N TYR A 97 4.10 6.67 -2.05
CA TYR A 97 3.17 5.62 -1.83
C TYR A 97 3.25 5.12 -0.41
N TYR A 98 2.11 5.10 0.21
CA TYR A 98 1.96 4.75 1.60
C TYR A 98 1.18 3.47 1.77
N CYS A 99 1.51 2.74 2.78
CA CYS A 99 0.81 1.51 3.08
C CYS A 99 -0.03 1.70 4.33
N ARG A 100 -1.23 1.18 4.30
CA ARG A 100 -2.10 1.21 5.45
C ARG A 100 -2.53 -0.18 5.78
N ALA A 101 -2.36 -0.55 7.00
CA ALA A 101 -2.80 -1.80 7.48
C ALA A 101 -3.79 -1.55 8.56
N GLN A 102 -4.91 -2.16 8.47
CA GLN A 102 -5.92 -1.95 9.44
C GLN A 102 -6.22 -3.27 10.12
N GLN A 103 -6.23 -3.23 11.41
CA GLN A 103 -6.39 -4.40 12.19
C GLN A 103 -7.60 -4.25 13.08
N LYS A 104 -8.44 -5.24 13.07
CA LYS A 104 -9.54 -5.30 13.97
C LYS A 104 -9.05 -6.04 15.23
N ILE A 105 -9.06 -5.34 16.31
CA ILE A 105 -8.49 -5.78 17.55
C ILE A 105 -9.59 -6.26 18.48
N GLY A 106 -9.34 -7.38 19.14
CA GLY A 106 -10.24 -7.95 20.13
C GLY A 106 -11.68 -8.04 19.67
N ARG A 107 -12.50 -7.22 20.27
CA ARG A 107 -13.91 -7.21 19.97
C ARG A 107 -14.32 -6.04 19.08
N ASP A 108 -14.00 -4.82 19.51
CA ASP A 108 -14.51 -3.62 18.83
C ASP A 108 -13.46 -2.56 18.69
N THR A 109 -12.22 -2.94 18.79
CA THR A 109 -11.16 -1.99 18.64
C THR A 109 -10.59 -2.04 17.21
N PHE A 110 -10.33 -0.89 16.62
CA PHE A 110 -9.82 -0.83 15.26
C PHE A 110 -8.66 0.13 15.20
N ARG A 111 -7.58 -0.30 14.58
CA ARG A 111 -6.41 0.53 14.45
C ARG A 111 -5.96 0.61 13.02
N ASP A 112 -5.53 1.79 12.64
CA ASP A 112 -4.99 2.03 11.31
C ASP A 112 -3.51 2.25 11.43
N TYR A 113 -2.76 1.44 10.78
CA TYR A 113 -1.33 1.54 10.80
C TYR A 113 -0.86 2.10 9.50
N TRP A 114 0.01 3.07 9.57
CA TRP A 114 0.58 3.66 8.38
C TRP A 114 2.08 3.43 8.39
N GLY A 115 2.62 3.14 7.23
CA GLY A 115 4.03 2.89 7.13
C GLY A 115 4.82 4.10 6.71
N GLN A 116 5.99 3.85 6.18
CA GLN A 116 6.87 4.88 5.74
C GLN A 116 6.73 5.01 4.24
N GLY A 117 6.07 6.06 3.83
CA GLY A 117 5.80 6.25 2.43
C GLY A 117 7.02 6.52 1.62
N THR A 118 7.23 5.71 0.65
CA THR A 118 8.36 5.84 -0.21
C THR A 118 7.95 6.57 -1.50
N GLN A 119 8.82 7.41 -2.00
CA GLN A 119 8.54 8.26 -3.14
C GLN A 119 9.07 7.63 -4.41
N VAL A 120 8.18 7.44 -5.38
CA VAL A 120 8.53 6.87 -6.67
C VAL A 120 8.79 7.92 -7.67
N THR A 121 9.97 7.90 -8.21
CA THR A 121 10.34 8.90 -9.15
C THR A 121 10.23 8.36 -10.57
N VAL A 122 9.46 9.03 -11.39
CA VAL A 122 9.30 8.64 -12.76
C VAL A 122 10.13 9.54 -13.66
N SER A 123 10.97 8.94 -14.47
CA SER A 123 11.83 9.63 -15.39
C SER A 123 11.12 9.82 -16.71
N SER A 124 11.08 11.02 -17.17
CA SER A 124 10.48 11.34 -18.41
C SER A 124 11.52 11.92 -19.36
N GLY A 1 0.32 6.25 19.77
CA GLY A 1 0.44 5.32 20.89
C GLY A 1 1.25 4.12 20.50
N SER A 2 1.48 3.23 21.43
CA SER A 2 2.28 2.05 21.19
C SER A 2 1.39 0.82 20.96
N GLY A 3 0.10 1.07 20.74
CA GLY A 3 -0.84 0.01 20.42
C GLY A 3 -0.55 -0.55 19.04
N SER A 4 0.21 0.21 18.26
CA SER A 4 0.67 -0.21 16.99
C SER A 4 1.76 -1.26 17.19
N GLN A 5 1.39 -2.51 17.16
CA GLN A 5 2.33 -3.58 17.39
C GLN A 5 3.07 -3.98 16.12
N VAL A 6 2.48 -3.71 14.99
CA VAL A 6 3.08 -4.07 13.73
C VAL A 6 3.86 -2.91 13.14
N GLN A 7 4.98 -3.21 12.55
CA GLN A 7 5.77 -2.23 11.86
C GLN A 7 5.57 -2.41 10.38
N LEU A 8 5.15 -1.36 9.72
CA LEU A 8 4.94 -1.40 8.28
C LEU A 8 6.13 -0.84 7.57
N VAL A 9 6.68 -1.62 6.68
CA VAL A 9 7.80 -1.21 5.89
C VAL A 9 7.45 -1.31 4.42
N GLU A 10 7.36 -0.20 3.75
CA GLU A 10 7.13 -0.19 2.34
C GLU A 10 8.45 -0.25 1.60
N SER A 11 8.58 -1.19 0.72
CA SER A 11 9.76 -1.35 -0.07
C SER A 11 9.47 -0.84 -1.47
N GLY A 12 10.49 -0.41 -2.15
CA GLY A 12 10.34 0.13 -3.45
C GLY A 12 10.83 1.55 -3.47
N GLY A 13 10.03 2.46 -4.01
CA GLY A 13 10.43 3.85 -4.04
C GLY A 13 11.58 4.05 -4.98
N GLY A 14 11.44 3.54 -6.16
CA GLY A 14 12.51 3.58 -7.08
C GLY A 14 12.26 4.52 -8.21
N LEU A 15 13.17 4.50 -9.12
CA LEU A 15 13.14 5.32 -10.30
C LEU A 15 12.66 4.50 -11.48
N VAL A 16 11.66 5.01 -12.13
CA VAL A 16 11.04 4.38 -13.28
C VAL A 16 10.80 5.42 -14.34
N GLN A 17 10.64 5.00 -15.56
CA GLN A 17 10.33 5.90 -16.63
C GLN A 17 8.85 5.86 -16.88
N ALA A 18 8.33 6.87 -17.55
CA ALA A 18 6.92 6.93 -17.87
C ALA A 18 6.52 5.72 -18.72
N GLY A 19 5.60 4.93 -18.21
CA GLY A 19 5.16 3.73 -18.87
C GLY A 19 5.76 2.49 -18.23
N GLY A 20 6.70 2.70 -17.32
CA GLY A 20 7.41 1.62 -16.66
C GLY A 20 6.57 0.90 -15.61
N SER A 21 7.13 -0.16 -15.07
CA SER A 21 6.44 -0.94 -14.06
C SER A 21 7.28 -0.99 -12.78
N LEU A 22 6.61 -1.04 -11.65
CA LEU A 22 7.28 -1.12 -10.38
C LEU A 22 6.35 -1.84 -9.41
N ARG A 23 6.88 -2.64 -8.55
CA ARG A 23 6.08 -3.31 -7.54
C ARG A 23 6.53 -2.91 -6.16
N LEU A 24 5.58 -2.52 -5.37
CA LEU A 24 5.83 -2.11 -4.02
C LEU A 24 5.37 -3.19 -3.10
N SER A 25 6.06 -3.37 -2.02
CA SER A 25 5.70 -4.39 -1.10
C SER A 25 5.64 -3.79 0.30
N CYS A 26 4.61 -4.12 1.02
CA CYS A 26 4.42 -3.63 2.36
C CYS A 26 4.63 -4.78 3.29
N ALA A 27 5.58 -4.67 4.15
CA ALA A 27 5.87 -5.72 5.07
C ALA A 27 5.47 -5.33 6.47
N ALA A 28 4.64 -6.13 7.07
CA ALA A 28 4.27 -5.92 8.43
C ALA A 28 5.00 -6.92 9.28
N SER A 29 5.75 -6.45 10.20
CA SER A 29 6.55 -7.30 11.05
C SER A 29 6.42 -6.85 12.50
N GLY A 30 6.90 -7.67 13.41
CA GLY A 30 6.88 -7.32 14.81
C GLY A 30 5.80 -8.04 15.58
N SER A 31 4.84 -8.59 14.88
CA SER A 31 3.75 -9.28 15.52
C SER A 31 3.42 -10.59 14.81
N THR A 32 2.85 -11.51 15.55
CA THR A 32 2.40 -12.76 15.02
C THR A 32 0.91 -12.71 14.73
N PHE A 33 0.29 -11.59 15.08
CA PHE A 33 -1.11 -11.43 14.84
C PHE A 33 -1.30 -10.82 13.47
N SER A 34 -2.23 -11.38 12.73
CA SER A 34 -2.46 -11.02 11.36
C SER A 34 -3.23 -9.70 11.21
N LEU A 35 -3.05 -9.09 10.06
CA LEU A 35 -3.76 -7.89 9.69
C LEU A 35 -5.02 -8.30 8.96
N HIS A 36 -6.11 -7.62 9.22
CA HIS A 36 -7.38 -8.02 8.64
C HIS A 36 -7.56 -7.39 7.26
N LEU A 37 -6.91 -6.27 7.03
CA LEU A 37 -6.98 -5.55 5.77
C LEU A 37 -5.68 -4.84 5.48
N MET A 38 -5.30 -4.84 4.22
CA MET A 38 -4.12 -4.12 3.74
C MET A 38 -4.54 -3.24 2.59
N GLY A 39 -3.87 -2.16 2.45
CA GLY A 39 -4.17 -1.22 1.40
C GLY A 39 -3.01 -0.30 1.10
N TRP A 40 -3.03 0.27 -0.08
CA TRP A 40 -2.04 1.22 -0.52
C TRP A 40 -2.69 2.55 -0.79
N TYR A 41 -2.02 3.58 -0.41
CA TYR A 41 -2.45 4.93 -0.57
C TYR A 41 -1.31 5.73 -1.11
N ARG A 42 -1.56 6.86 -1.62
CA ARG A 42 -0.52 7.63 -2.21
C ARG A 42 -0.66 9.08 -1.90
N GLN A 43 0.45 9.70 -1.65
CA GLN A 43 0.51 11.09 -1.40
C GLN A 43 1.36 11.72 -2.47
N ALA A 44 0.78 12.57 -3.25
CA ALA A 44 1.51 13.21 -4.32
C ALA A 44 1.89 14.62 -3.90
N PRO A 45 3.08 15.10 -4.28
CA PRO A 45 3.57 16.43 -3.90
C PRO A 45 2.59 17.53 -4.33
N GLY A 46 2.18 18.34 -3.36
CA GLY A 46 1.25 19.43 -3.64
C GLY A 46 -0.20 18.96 -3.67
N LYS A 47 -0.39 17.68 -3.78
CA LYS A 47 -1.69 17.07 -3.86
C LYS A 47 -2.03 16.39 -2.55
N GLN A 48 -3.20 15.83 -2.49
CA GLN A 48 -3.67 15.18 -1.29
C GLN A 48 -3.43 13.69 -1.38
N ARG A 49 -3.37 13.04 -0.24
CA ARG A 49 -3.25 11.61 -0.18
C ARG A 49 -4.54 10.93 -0.61
N GLU A 50 -4.42 10.04 -1.54
CA GLU A 50 -5.51 9.41 -2.23
C GLU A 50 -5.44 7.90 -2.06
N VAL A 51 -6.59 7.25 -2.15
CA VAL A 51 -6.67 5.81 -2.10
C VAL A 51 -6.18 5.22 -3.42
N VAL A 52 -5.36 4.21 -3.35
CA VAL A 52 -4.89 3.56 -4.54
C VAL A 52 -5.52 2.20 -4.66
N ALA A 53 -5.39 1.41 -3.62
CA ALA A 53 -5.86 0.05 -3.62
C ALA A 53 -6.08 -0.44 -2.20
N THR A 54 -7.10 -1.23 -2.00
CA THR A 54 -7.36 -1.84 -0.72
C THR A 54 -7.77 -3.29 -0.92
N SER A 55 -7.55 -4.10 0.08
CA SER A 55 -7.95 -5.47 0.04
C SER A 55 -8.62 -5.84 1.36
N GLY A 56 -9.88 -6.20 1.27
CA GLY A 56 -10.69 -6.44 2.44
C GLY A 56 -10.77 -7.90 2.88
N SER A 57 -11.67 -8.16 3.81
CA SER A 57 -11.84 -9.46 4.45
C SER A 57 -12.36 -10.52 3.48
N GLY A 58 -13.11 -10.12 2.50
CA GLY A 58 -13.67 -11.06 1.56
C GLY A 58 -12.83 -11.14 0.30
N GLY A 59 -11.62 -10.59 0.38
CA GLY A 59 -10.77 -10.53 -0.76
C GLY A 59 -11.20 -9.39 -1.63
N ASP A 60 -11.81 -8.41 -1.00
CA ASP A 60 -12.38 -7.24 -1.63
C ASP A 60 -11.26 -6.40 -2.19
N THR A 61 -11.19 -6.28 -3.46
CA THR A 61 -10.19 -5.43 -4.02
C THR A 61 -10.80 -4.18 -4.53
N ASN A 62 -10.34 -3.09 -4.01
CA ASN A 62 -10.79 -1.80 -4.44
C ASN A 62 -9.61 -1.09 -4.98
N TYR A 63 -9.77 -0.49 -6.11
CA TYR A 63 -8.71 0.25 -6.71
C TYR A 63 -9.32 1.53 -7.18
N ALA A 64 -8.51 2.54 -7.33
CA ALA A 64 -8.99 3.74 -7.96
C ALA A 64 -9.28 3.41 -9.41
N ASP A 65 -10.32 3.97 -9.97
CA ASP A 65 -10.68 3.68 -11.38
C ASP A 65 -9.57 4.11 -12.31
N SER A 66 -8.84 5.11 -11.87
CA SER A 66 -7.71 5.61 -12.59
C SER A 66 -6.59 4.56 -12.67
N VAL A 67 -6.48 3.72 -11.65
CA VAL A 67 -5.38 2.75 -11.60
C VAL A 67 -5.85 1.36 -12.05
N LYS A 68 -7.09 1.26 -12.46
CA LYS A 68 -7.64 0.00 -12.94
C LYS A 68 -6.91 -0.50 -14.17
N GLY A 69 -6.36 -1.70 -14.07
CA GLY A 69 -5.61 -2.29 -15.16
C GLY A 69 -4.12 -2.01 -15.01
N ARG A 70 -3.82 -0.94 -14.34
CA ARG A 70 -2.45 -0.51 -14.16
C ARG A 70 -1.90 -0.97 -12.82
N PHE A 71 -2.75 -1.01 -11.83
CA PHE A 71 -2.37 -1.38 -10.47
C PHE A 71 -3.17 -2.58 -9.99
N THR A 72 -2.48 -3.52 -9.40
CA THR A 72 -3.10 -4.72 -8.85
C THR A 72 -2.51 -4.99 -7.45
N ILE A 73 -3.36 -5.25 -6.47
CA ILE A 73 -2.90 -5.51 -5.14
C ILE A 73 -3.00 -7.01 -4.84
N SER A 74 -2.14 -7.52 -4.02
CA SER A 74 -2.15 -8.91 -3.67
C SER A 74 -1.75 -9.05 -2.20
N ARG A 75 -2.42 -9.94 -1.47
CA ARG A 75 -2.12 -10.17 -0.07
C ARG A 75 -2.06 -11.62 0.27
N ASP A 76 -1.22 -11.91 1.20
CA ASP A 76 -1.28 -13.14 1.95
C ASP A 76 -1.91 -12.77 3.27
N ASN A 77 -2.51 -13.70 3.95
CA ASN A 77 -3.17 -13.40 5.21
C ASN A 77 -2.22 -13.13 6.37
N ASP A 78 -0.96 -13.57 6.29
CA ASP A 78 -0.04 -13.35 7.44
C ASP A 78 1.43 -13.54 7.11
N LYS A 79 1.76 -14.59 6.39
CA LYS A 79 3.15 -14.97 6.18
C LYS A 79 3.83 -14.13 5.09
N ASN A 80 3.08 -13.69 4.14
CA ASN A 80 3.64 -12.93 3.03
C ASN A 80 3.15 -11.48 3.11
N THR A 81 3.74 -10.62 2.33
CA THR A 81 3.51 -9.22 2.43
C THR A 81 2.64 -8.73 1.27
N VAL A 82 1.94 -7.64 1.46
CA VAL A 82 1.05 -7.12 0.42
C VAL A 82 1.84 -6.38 -0.64
N ASP A 83 1.68 -6.80 -1.86
CA ASP A 83 2.39 -6.19 -2.95
C ASP A 83 1.43 -5.49 -3.88
N LEU A 84 1.89 -4.41 -4.43
CA LEU A 84 1.15 -3.63 -5.37
C LEU A 84 1.92 -3.56 -6.68
N GLN A 85 1.38 -4.22 -7.68
CA GLN A 85 1.98 -4.26 -8.99
C GLN A 85 1.50 -3.02 -9.71
N MET A 86 2.41 -2.13 -10.02
CA MET A 86 2.06 -0.91 -10.71
C MET A 86 2.70 -0.94 -12.07
N ASN A 87 1.93 -0.81 -13.11
CA ASN A 87 2.48 -0.76 -14.45
C ASN A 87 1.91 0.43 -15.15
N ASN A 88 2.57 0.88 -16.23
CA ASN A 88 2.12 2.03 -17.04
C ASN A 88 2.19 3.30 -16.17
N LEU A 89 3.24 3.36 -15.35
CA LEU A 89 3.48 4.46 -14.44
C LEU A 89 3.72 5.76 -15.18
N LYS A 90 2.88 6.70 -14.92
CA LYS A 90 2.90 7.99 -15.55
C LYS A 90 3.60 8.99 -14.64
N PRO A 91 4.06 10.16 -15.15
CA PRO A 91 4.79 11.16 -14.33
C PRO A 91 3.99 11.62 -13.11
N GLU A 92 2.69 11.57 -13.27
CA GLU A 92 1.73 11.92 -12.23
C GLU A 92 1.69 10.89 -11.11
N ASP A 93 2.27 9.73 -11.35
CA ASP A 93 2.29 8.67 -10.36
C ASP A 93 3.52 8.79 -9.48
N THR A 94 4.35 9.80 -9.78
CA THR A 94 5.49 10.10 -8.93
C THR A 94 4.95 10.65 -7.63
N ALA A 95 5.19 9.92 -6.53
CA ALA A 95 4.64 10.31 -5.26
C ALA A 95 5.08 9.38 -4.16
N ASP A 96 4.59 9.65 -2.95
CA ASP A 96 4.88 8.81 -1.80
C ASP A 96 3.80 7.78 -1.74
N TYR A 97 4.15 6.56 -1.77
CA TYR A 97 3.18 5.54 -1.58
C TYR A 97 3.19 5.08 -0.17
N TYR A 98 2.04 5.10 0.42
CA TYR A 98 1.84 4.77 1.80
C TYR A 98 1.06 3.50 1.91
N CYS A 99 1.34 2.75 2.91
CA CYS A 99 0.64 1.53 3.17
C CYS A 99 -0.22 1.70 4.40
N ARG A 100 -1.39 1.10 4.37
CA ARG A 100 -2.27 1.13 5.50
C ARG A 100 -2.67 -0.28 5.83
N ALA A 101 -2.51 -0.63 7.06
CA ALA A 101 -2.88 -1.92 7.52
C ALA A 101 -3.93 -1.74 8.56
N GLN A 102 -4.96 -2.52 8.49
CA GLN A 102 -6.00 -2.42 9.44
C GLN A 102 -6.12 -3.73 10.17
N GLN A 103 -6.05 -3.66 11.46
CA GLN A 103 -6.06 -4.82 12.29
C GLN A 103 -7.26 -4.79 13.20
N LYS A 104 -7.89 -5.92 13.35
CA LYS A 104 -9.06 -6.04 14.16
C LYS A 104 -8.60 -6.40 15.56
N ILE A 105 -8.89 -5.56 16.49
CA ILE A 105 -8.41 -5.70 17.82
C ILE A 105 -9.55 -6.13 18.73
N GLY A 106 -9.26 -7.09 19.60
CA GLY A 106 -10.23 -7.59 20.55
C GLY A 106 -11.42 -8.27 19.89
N ARG A 107 -12.39 -7.48 19.53
CA ARG A 107 -13.61 -7.96 18.95
C ARG A 107 -14.27 -6.86 18.12
N ASP A 108 -14.41 -5.70 18.72
CA ASP A 108 -15.13 -4.60 18.08
C ASP A 108 -14.18 -3.45 17.72
N THR A 109 -12.91 -3.60 18.07
CA THR A 109 -11.96 -2.55 17.87
C THR A 109 -11.17 -2.76 16.55
N PHE A 110 -10.83 -1.67 15.89
CA PHE A 110 -10.03 -1.70 14.68
C PHE A 110 -9.00 -0.59 14.77
N ARG A 111 -7.84 -0.82 14.20
CA ARG A 111 -6.79 0.20 14.17
C ARG A 111 -6.22 0.35 12.78
N ASP A 112 -5.88 1.58 12.44
CA ASP A 112 -5.27 1.88 11.15
C ASP A 112 -3.81 2.14 11.36
N TYR A 113 -2.99 1.39 10.71
CA TYR A 113 -1.58 1.60 10.79
C TYR A 113 -1.11 2.15 9.48
N TRP A 114 -0.30 3.17 9.53
CA TRP A 114 0.24 3.78 8.35
C TRP A 114 1.75 3.59 8.32
N GLY A 115 2.25 3.16 7.20
CA GLY A 115 3.65 2.92 7.08
C GLY A 115 4.43 4.15 6.66
N GLN A 116 5.63 3.92 6.20
CA GLN A 116 6.49 4.97 5.79
C GLN A 116 6.46 5.10 4.29
N GLY A 117 5.83 6.14 3.81
CA GLY A 117 5.65 6.34 2.40
C GLY A 117 6.94 6.52 1.65
N THR A 118 7.13 5.71 0.65
CA THR A 118 8.32 5.78 -0.15
C THR A 118 8.01 6.53 -1.45
N GLN A 119 8.95 7.33 -1.92
CA GLN A 119 8.76 8.11 -3.13
C GLN A 119 9.23 7.42 -4.36
N VAL A 120 8.33 7.26 -5.26
CA VAL A 120 8.57 6.66 -6.53
C VAL A 120 8.81 7.77 -7.51
N THR A 121 9.92 7.74 -8.18
CA THR A 121 10.25 8.78 -9.10
C THR A 121 10.02 8.30 -10.53
N VAL A 122 9.04 8.86 -11.18
CA VAL A 122 8.79 8.55 -12.56
C VAL A 122 9.45 9.63 -13.39
N SER A 123 10.27 9.22 -14.30
CA SER A 123 10.99 10.13 -15.13
C SER A 123 10.21 10.49 -16.39
N SER A 124 9.82 11.75 -16.43
CA SER A 124 9.08 12.35 -17.50
C SER A 124 8.76 13.78 -17.04
N GLY A 1 -1.76 4.62 25.74
CA GLY A 1 -2.21 3.37 25.12
C GLY A 1 -1.07 2.44 24.88
N SER A 2 -1.34 1.31 24.28
CA SER A 2 -0.35 0.32 23.98
C SER A 2 0.45 0.74 22.75
N GLY A 3 1.74 0.50 22.79
CA GLY A 3 2.58 0.83 21.68
C GLY A 3 2.67 -0.32 20.72
N SER A 4 2.24 -0.10 19.51
CA SER A 4 2.28 -1.11 18.49
C SER A 4 3.73 -1.42 18.11
N GLN A 5 4.14 -2.63 18.35
CA GLN A 5 5.51 -3.08 18.08
C GLN A 5 5.57 -3.71 16.66
N VAL A 6 4.56 -3.41 15.87
CA VAL A 6 4.46 -3.90 14.51
C VAL A 6 4.94 -2.82 13.53
N GLN A 7 5.82 -3.23 12.64
CA GLN A 7 6.36 -2.32 11.65
C GLN A 7 5.81 -2.65 10.29
N LEU A 8 5.62 -1.64 9.49
CA LEU A 8 5.30 -1.82 8.11
C LEU A 8 6.51 -1.43 7.32
N VAL A 9 7.01 -2.33 6.53
CA VAL A 9 8.18 -2.05 5.73
C VAL A 9 7.78 -1.99 4.27
N GLU A 10 7.82 -0.81 3.73
CA GLU A 10 7.46 -0.57 2.35
C GLU A 10 8.69 -0.57 1.49
N SER A 11 8.67 -1.37 0.47
CA SER A 11 9.78 -1.47 -0.43
C SER A 11 9.46 -0.71 -1.72
N GLY A 12 10.44 -0.57 -2.59
CA GLY A 12 10.24 0.16 -3.81
C GLY A 12 10.77 1.56 -3.67
N GLY A 13 10.03 2.54 -4.19
CA GLY A 13 10.44 3.92 -4.08
C GLY A 13 11.64 4.22 -4.92
N GLY A 14 11.59 3.79 -6.14
CA GLY A 14 12.69 3.94 -7.01
C GLY A 14 12.41 4.89 -8.14
N LEU A 15 13.28 4.89 -9.07
CA LEU A 15 13.20 5.73 -10.22
C LEU A 15 12.84 4.88 -11.44
N VAL A 16 11.78 5.26 -12.10
CA VAL A 16 11.24 4.53 -13.24
C VAL A 16 10.94 5.43 -14.41
N GLN A 17 10.83 4.87 -15.58
CA GLN A 17 10.52 5.59 -16.77
C GLN A 17 9.02 5.64 -17.00
N ALA A 18 8.60 6.53 -17.87
CA ALA A 18 7.20 6.68 -18.22
C ALA A 18 6.71 5.42 -18.92
N GLY A 19 5.71 4.79 -18.34
CA GLY A 19 5.16 3.57 -18.88
C GLY A 19 5.72 2.35 -18.18
N GLY A 20 6.68 2.58 -17.29
CA GLY A 20 7.35 1.51 -16.58
C GLY A 20 6.52 0.94 -15.44
N SER A 21 7.05 -0.10 -14.84
CA SER A 21 6.40 -0.76 -13.74
C SER A 21 7.32 -0.77 -12.52
N LEU A 22 6.73 -0.78 -11.36
CA LEU A 22 7.47 -0.85 -10.13
C LEU A 22 6.56 -1.53 -9.14
N ARG A 23 7.09 -2.36 -8.31
CA ARG A 23 6.26 -3.06 -7.35
C ARG A 23 6.69 -2.75 -5.95
N LEU A 24 5.76 -2.32 -5.15
CA LEU A 24 6.04 -2.04 -3.76
C LEU A 24 5.44 -3.10 -2.90
N SER A 25 6.24 -3.62 -2.03
CA SER A 25 5.82 -4.66 -1.13
C SER A 25 5.75 -4.07 0.27
N CYS A 26 4.69 -4.36 0.99
CA CYS A 26 4.54 -3.91 2.34
C CYS A 26 4.67 -5.12 3.23
N ALA A 27 5.64 -5.11 4.08
CA ALA A 27 5.87 -6.20 4.97
C ALA A 27 5.47 -5.81 6.35
N ALA A 28 4.55 -6.53 6.92
CA ALA A 28 4.15 -6.27 8.28
C ALA A 28 4.84 -7.26 9.17
N SER A 29 5.59 -6.77 10.11
CA SER A 29 6.29 -7.62 11.02
C SER A 29 5.87 -7.37 12.45
N GLY A 30 5.61 -8.42 13.19
CA GLY A 30 5.23 -8.31 14.56
C GLY A 30 3.73 -8.28 14.76
N SER A 31 3.05 -9.29 14.28
CA SER A 31 1.62 -9.40 14.48
C SER A 31 1.21 -10.80 14.92
N THR A 32 0.70 -10.90 16.12
CA THR A 32 0.20 -12.16 16.64
C THR A 32 -1.28 -12.30 16.25
N PHE A 33 -1.89 -11.17 15.99
CA PHE A 33 -3.24 -11.15 15.52
C PHE A 33 -3.18 -10.71 14.07
N SER A 34 -3.94 -11.35 13.22
CA SER A 34 -3.88 -11.10 11.80
C SER A 34 -4.50 -9.77 11.41
N LEU A 35 -3.95 -9.17 10.38
CA LEU A 35 -4.46 -7.92 9.88
C LEU A 35 -5.65 -8.23 8.99
N HIS A 36 -6.67 -7.42 9.09
CA HIS A 36 -7.89 -7.67 8.33
C HIS A 36 -7.90 -6.89 7.04
N LEU A 37 -7.19 -5.79 7.01
CA LEU A 37 -7.16 -4.93 5.85
C LEU A 37 -5.75 -4.42 5.59
N MET A 38 -5.39 -4.42 4.33
CA MET A 38 -4.15 -3.84 3.84
C MET A 38 -4.46 -3.13 2.57
N GLY A 39 -3.89 -2.00 2.40
CA GLY A 39 -4.09 -1.27 1.20
C GLY A 39 -3.03 -0.24 0.99
N TRP A 40 -2.97 0.30 -0.18
CA TRP A 40 -2.00 1.31 -0.51
C TRP A 40 -2.67 2.61 -0.87
N TYR A 41 -2.00 3.66 -0.55
CA TYR A 41 -2.42 5.02 -0.79
C TYR A 41 -1.30 5.75 -1.45
N ARG A 42 -1.56 6.92 -1.93
CA ARG A 42 -0.51 7.69 -2.57
C ARG A 42 -0.65 9.13 -2.15
N GLN A 43 0.45 9.76 -1.85
CA GLN A 43 0.42 11.14 -1.49
C GLN A 43 1.28 11.88 -2.49
N ALA A 44 0.67 12.77 -3.24
CA ALA A 44 1.38 13.52 -4.25
C ALA A 44 1.44 14.99 -3.86
N PRO A 45 2.52 15.70 -4.26
CA PRO A 45 2.65 17.14 -3.98
C PRO A 45 1.49 17.91 -4.62
N GLY A 46 0.81 18.69 -3.81
CA GLY A 46 -0.33 19.45 -4.29
C GLY A 46 -1.62 18.68 -4.14
N LYS A 47 -1.50 17.43 -3.82
CA LYS A 47 -2.63 16.56 -3.65
C LYS A 47 -2.68 16.06 -2.25
N GLN A 48 -3.74 15.38 -1.95
CA GLN A 48 -3.92 14.73 -0.68
C GLN A 48 -3.64 13.26 -0.86
N ARG A 49 -3.45 12.56 0.21
CA ARG A 49 -3.20 11.14 0.12
C ARG A 49 -4.48 10.42 -0.26
N GLU A 50 -4.50 9.94 -1.47
CA GLU A 50 -5.64 9.31 -2.04
C GLU A 50 -5.57 7.82 -1.84
N VAL A 51 -6.72 7.18 -1.81
CA VAL A 51 -6.77 5.76 -1.73
C VAL A 51 -6.51 5.18 -3.10
N VAL A 52 -5.60 4.24 -3.17
CA VAL A 52 -5.25 3.62 -4.40
C VAL A 52 -5.91 2.28 -4.51
N ALA A 53 -5.78 1.48 -3.47
CA ALA A 53 -6.33 0.15 -3.48
C ALA A 53 -6.42 -0.39 -2.08
N THR A 54 -7.52 -1.04 -1.78
CA THR A 54 -7.76 -1.67 -0.50
C THR A 54 -8.33 -3.07 -0.70
N SER A 55 -8.15 -3.92 0.27
CA SER A 55 -8.62 -5.28 0.18
C SER A 55 -9.97 -5.47 0.88
N GLY A 56 -10.78 -6.32 0.33
CA GLY A 56 -12.03 -6.65 0.92
C GLY A 56 -11.90 -7.94 1.69
N SER A 57 -12.73 -8.11 2.69
CA SER A 57 -12.66 -9.27 3.57
C SER A 57 -13.11 -10.56 2.84
N GLY A 58 -13.74 -10.41 1.70
CA GLY A 58 -14.20 -11.55 0.96
C GLY A 58 -13.19 -12.01 -0.07
N GLY A 59 -12.04 -11.36 -0.10
CA GLY A 59 -10.98 -11.74 -1.02
C GLY A 59 -10.98 -10.92 -2.30
N ASP A 60 -11.64 -9.79 -2.25
CA ASP A 60 -11.69 -8.89 -3.40
C ASP A 60 -10.79 -7.70 -3.15
N THR A 61 -10.44 -6.98 -4.17
CA THR A 61 -9.67 -5.77 -4.01
C THR A 61 -10.34 -4.63 -4.75
N ASN A 62 -10.31 -3.47 -4.18
CA ASN A 62 -10.93 -2.34 -4.81
C ASN A 62 -9.86 -1.37 -5.17
N TYR A 63 -9.87 -0.92 -6.38
CA TYR A 63 -8.84 -0.02 -6.84
C TYR A 63 -9.49 1.29 -7.22
N ALA A 64 -8.72 2.35 -7.14
CA ALA A 64 -9.16 3.63 -7.62
C ALA A 64 -9.34 3.52 -9.12
N ASP A 65 -10.33 4.18 -9.66
CA ASP A 65 -10.58 4.11 -11.10
C ASP A 65 -9.45 4.63 -11.95
N SER A 66 -8.61 5.45 -11.35
CA SER A 66 -7.44 5.96 -12.02
C SER A 66 -6.34 4.86 -12.17
N VAL A 67 -6.45 3.76 -11.41
CA VAL A 67 -5.42 2.73 -11.46
C VAL A 67 -5.96 1.39 -11.98
N LYS A 68 -7.17 1.42 -12.51
CA LYS A 68 -7.81 0.23 -13.06
C LYS A 68 -7.10 -0.21 -14.32
N GLY A 69 -6.63 -1.44 -14.31
CA GLY A 69 -5.90 -1.97 -15.44
C GLY A 69 -4.44 -1.57 -15.39
N ARG A 70 -4.03 -1.04 -14.26
CA ARG A 70 -2.68 -0.58 -14.07
C ARG A 70 -2.08 -1.16 -12.78
N PHE A 71 -2.85 -1.17 -11.73
CA PHE A 71 -2.38 -1.57 -10.40
C PHE A 71 -3.00 -2.90 -9.92
N THR A 72 -2.17 -3.77 -9.35
CA THR A 72 -2.62 -5.05 -8.82
C THR A 72 -2.01 -5.28 -7.41
N ILE A 73 -2.85 -5.57 -6.45
CA ILE A 73 -2.45 -5.73 -5.05
C ILE A 73 -3.05 -6.98 -4.41
N SER A 74 -2.21 -7.75 -3.75
CA SER A 74 -2.59 -8.99 -3.11
C SER A 74 -1.95 -9.05 -1.72
N ARG A 75 -2.54 -9.79 -0.80
CA ARG A 75 -2.05 -9.85 0.57
C ARG A 75 -1.99 -11.26 1.07
N ASP A 76 -0.86 -11.71 1.48
CA ASP A 76 -0.86 -12.88 2.32
C ASP A 76 -0.62 -12.35 3.73
N ASN A 77 -1.03 -13.05 4.74
CA ASN A 77 -0.82 -12.55 6.11
C ASN A 77 0.58 -12.87 6.63
N ASP A 78 1.20 -13.92 6.13
CA ASP A 78 2.52 -14.30 6.69
C ASP A 78 3.45 -14.96 5.68
N LYS A 79 2.89 -15.56 4.64
CA LYS A 79 3.69 -16.27 3.64
C LYS A 79 4.18 -15.33 2.57
N ASN A 80 3.52 -14.23 2.47
CA ASN A 80 3.81 -13.22 1.48
C ASN A 80 3.43 -11.89 2.09
N THR A 81 3.83 -10.83 1.49
CA THR A 81 3.55 -9.53 1.98
C THR A 81 2.53 -8.91 1.05
N VAL A 82 1.99 -7.77 1.38
CA VAL A 82 1.07 -7.16 0.48
C VAL A 82 1.82 -6.30 -0.50
N ASP A 83 1.79 -6.68 -1.72
CA ASP A 83 2.51 -5.96 -2.71
C ASP A 83 1.58 -5.41 -3.75
N LEU A 84 1.91 -4.25 -4.17
CA LEU A 84 1.19 -3.57 -5.18
C LEU A 84 2.07 -3.42 -6.37
N GLN A 85 1.62 -3.94 -7.46
CA GLN A 85 2.32 -3.87 -8.69
C GLN A 85 1.77 -2.73 -9.50
N MET A 86 2.57 -1.72 -9.68
CA MET A 86 2.20 -0.59 -10.48
C MET A 86 2.68 -0.81 -11.88
N ASN A 87 1.78 -0.76 -12.81
CA ASN A 87 2.13 -0.82 -14.20
C ASN A 87 1.63 0.42 -14.85
N ASN A 88 2.26 0.82 -15.93
CA ASN A 88 1.89 2.02 -16.66
C ASN A 88 2.07 3.25 -15.79
N LEU A 89 3.26 3.37 -15.23
CA LEU A 89 3.59 4.51 -14.41
C LEU A 89 3.74 5.75 -15.25
N LYS A 90 2.93 6.72 -14.95
CA LYS A 90 2.88 7.94 -15.67
C LYS A 90 3.76 8.95 -14.97
N PRO A 91 4.34 9.94 -15.68
CA PRO A 91 5.18 10.98 -15.04
C PRO A 91 4.46 11.70 -13.88
N GLU A 92 3.14 11.76 -13.96
CA GLU A 92 2.30 12.39 -12.94
C GLU A 92 2.02 11.44 -11.77
N ASP A 93 2.59 10.25 -11.81
CA ASP A 93 2.33 9.26 -10.77
C ASP A 93 3.42 9.37 -9.71
N THR A 94 4.40 10.23 -10.01
CA THR A 94 5.50 10.52 -9.11
C THR A 94 4.96 11.08 -7.79
N ALA A 95 5.19 10.33 -6.71
CA ALA A 95 4.65 10.69 -5.40
C ALA A 95 5.10 9.65 -4.39
N ASP A 96 4.53 9.69 -3.20
CA ASP A 96 4.85 8.71 -2.19
C ASP A 96 3.75 7.73 -2.09
N TYR A 97 4.06 6.49 -2.17
CA TYR A 97 3.07 5.50 -1.94
C TYR A 97 3.12 5.13 -0.50
N TYR A 98 1.99 5.12 0.13
CA TYR A 98 1.87 4.78 1.53
C TYR A 98 1.10 3.48 1.72
N CYS A 99 1.46 2.73 2.74
CA CYS A 99 0.80 1.48 3.07
C CYS A 99 -0.01 1.64 4.35
N ARG A 100 -1.16 0.99 4.40
CA ARG A 100 -2.06 1.04 5.54
C ARG A 100 -2.45 -0.36 5.93
N ALA A 101 -2.38 -0.64 7.20
CA ALA A 101 -2.79 -1.90 7.75
C ALA A 101 -3.80 -1.67 8.82
N GLN A 102 -4.93 -2.32 8.74
CA GLN A 102 -5.95 -2.13 9.75
C GLN A 102 -6.22 -3.43 10.46
N GLN A 103 -6.22 -3.36 11.76
CA GLN A 103 -6.47 -4.47 12.61
C GLN A 103 -7.70 -4.21 13.43
N LYS A 104 -8.50 -5.20 13.60
CA LYS A 104 -9.69 -5.07 14.39
C LYS A 104 -9.35 -5.36 15.83
N ILE A 105 -9.73 -4.46 16.68
CA ILE A 105 -9.44 -4.53 18.08
C ILE A 105 -10.76 -4.66 18.81
N GLY A 106 -10.81 -5.53 19.79
CA GLY A 106 -12.02 -5.74 20.54
C GLY A 106 -13.17 -6.15 19.64
N ARG A 107 -14.27 -5.44 19.74
CA ARG A 107 -15.43 -5.74 18.96
C ARG A 107 -15.76 -4.58 18.00
N ASP A 108 -15.58 -3.34 18.49
CA ASP A 108 -15.98 -2.14 17.74
C ASP A 108 -14.77 -1.34 17.30
N THR A 109 -13.62 -1.67 17.81
CA THR A 109 -12.47 -0.82 17.58
C THR A 109 -11.64 -1.31 16.38
N PHE A 110 -11.11 -0.36 15.64
CA PHE A 110 -10.24 -0.66 14.54
C PHE A 110 -9.01 0.18 14.73
N ARG A 111 -7.87 -0.40 14.56
CA ARG A 111 -6.66 0.33 14.72
C ARG A 111 -5.87 0.29 13.43
N ASP A 112 -5.51 1.46 12.97
CA ASP A 112 -4.81 1.60 11.72
C ASP A 112 -3.36 1.79 11.97
N TYR A 113 -2.57 1.03 11.30
CA TYR A 113 -1.16 1.17 11.35
C TYR A 113 -0.74 1.81 10.07
N TRP A 114 0.06 2.81 10.18
CA TRP A 114 0.51 3.52 9.01
C TRP A 114 2.00 3.48 8.94
N GLY A 115 2.52 3.31 7.77
CA GLY A 115 3.94 3.30 7.60
C GLY A 115 4.41 4.54 6.92
N GLN A 116 5.70 4.66 6.77
CA GLN A 116 6.25 5.77 6.08
C GLN A 116 6.53 5.33 4.67
N GLY A 117 5.72 5.81 3.77
CA GLY A 117 5.78 5.41 2.42
C GLY A 117 7.02 5.85 1.71
N THR A 118 7.18 5.37 0.55
CA THR A 118 8.35 5.64 -0.21
C THR A 118 8.00 6.42 -1.48
N GLN A 119 8.87 7.35 -1.84
CA GLN A 119 8.66 8.24 -2.94
C GLN A 119 9.19 7.66 -4.23
N VAL A 120 8.34 7.55 -5.21
CA VAL A 120 8.71 7.08 -6.53
C VAL A 120 8.90 8.22 -7.46
N THR A 121 9.90 8.13 -8.28
CA THR A 121 10.14 9.15 -9.23
C THR A 121 10.01 8.58 -10.64
N VAL A 122 9.07 9.12 -11.39
CA VAL A 122 8.90 8.71 -12.76
C VAL A 122 9.57 9.73 -13.67
N SER A 123 10.36 9.25 -14.59
CA SER A 123 11.10 10.11 -15.46
C SER A 123 10.29 10.49 -16.69
N SER A 124 10.36 11.73 -17.05
CA SER A 124 9.70 12.23 -18.20
C SER A 124 10.73 12.37 -19.33
N GLY A 1 1.39 6.86 19.51
CA GLY A 1 1.34 6.36 18.14
C GLY A 1 0.67 5.03 18.09
N SER A 2 -0.08 4.79 17.04
CA SER A 2 -0.75 3.55 16.87
C SER A 2 0.12 2.67 15.98
N GLY A 3 0.66 1.62 16.53
CA GLY A 3 1.53 0.78 15.77
C GLY A 3 2.95 0.88 16.26
N SER A 4 3.15 0.61 17.53
CA SER A 4 4.46 0.62 18.10
C SER A 4 5.06 -0.78 18.03
N GLN A 5 4.24 -1.79 18.27
CA GLN A 5 4.69 -3.17 18.23
C GLN A 5 4.63 -3.69 16.81
N VAL A 6 3.76 -3.11 16.04
CA VAL A 6 3.59 -3.50 14.67
C VAL A 6 4.20 -2.46 13.75
N GLN A 7 5.08 -2.89 12.90
CA GLN A 7 5.75 -2.00 12.02
C GLN A 7 5.48 -2.36 10.59
N LEU A 8 5.12 -1.35 9.82
CA LEU A 8 4.91 -1.52 8.40
C LEU A 8 6.15 -1.09 7.67
N VAL A 9 6.57 -1.86 6.71
CA VAL A 9 7.76 -1.54 5.95
C VAL A 9 7.43 -1.51 4.47
N GLU A 10 7.39 -0.33 3.90
CA GLU A 10 7.16 -0.22 2.49
C GLU A 10 8.47 -0.27 1.75
N SER A 11 8.56 -1.15 0.81
CA SER A 11 9.75 -1.33 0.03
C SER A 11 9.48 -0.88 -1.41
N GLY A 12 10.51 -0.42 -2.08
CA GLY A 12 10.37 0.08 -3.43
C GLY A 12 10.48 1.59 -3.45
N GLY A 13 9.81 2.24 -4.40
CA GLY A 13 9.88 3.69 -4.46
C GLY A 13 11.14 4.16 -5.10
N GLY A 14 11.42 3.59 -6.22
CA GLY A 14 12.62 3.93 -6.92
C GLY A 14 12.36 4.71 -8.17
N LEU A 15 13.33 4.70 -9.04
CA LEU A 15 13.29 5.44 -10.27
C LEU A 15 12.91 4.53 -11.44
N VAL A 16 11.90 4.95 -12.14
CA VAL A 16 11.38 4.28 -13.32
C VAL A 16 11.13 5.29 -14.41
N GLN A 17 11.04 4.82 -15.62
CA GLN A 17 10.79 5.70 -16.74
C GLN A 17 9.30 5.71 -17.03
N ALA A 18 8.87 6.66 -17.84
CA ALA A 18 7.48 6.73 -18.24
C ALA A 18 7.12 5.50 -19.07
N GLY A 19 6.17 4.74 -18.60
CA GLY A 19 5.80 3.50 -19.24
C GLY A 19 6.47 2.32 -18.57
N GLY A 20 7.31 2.63 -17.59
CA GLY A 20 8.02 1.63 -16.85
C GLY A 20 7.14 0.89 -15.87
N SER A 21 7.71 -0.09 -15.24
CA SER A 21 7.01 -0.92 -14.31
C SER A 21 7.81 -1.04 -13.01
N LEU A 22 7.13 -1.14 -11.90
CA LEU A 22 7.76 -1.16 -10.61
C LEU A 22 6.92 -2.04 -9.69
N ARG A 23 7.51 -2.58 -8.67
CA ARG A 23 6.78 -3.40 -7.73
C ARG A 23 7.04 -2.95 -6.31
N LEU A 24 5.98 -2.66 -5.59
CA LEU A 24 6.07 -2.23 -4.19
C LEU A 24 5.62 -3.36 -3.29
N SER A 25 6.21 -3.46 -2.15
CA SER A 25 5.80 -4.45 -1.18
C SER A 25 5.80 -3.87 0.21
N CYS A 26 4.74 -4.10 0.93
CA CYS A 26 4.60 -3.63 2.29
C CYS A 26 4.67 -4.83 3.21
N ALA A 27 5.61 -4.82 4.11
CA ALA A 27 5.81 -5.92 5.02
C ALA A 27 5.28 -5.57 6.39
N ALA A 28 4.61 -6.51 7.01
CA ALA A 28 4.11 -6.34 8.34
C ALA A 28 5.02 -7.06 9.30
N SER A 29 5.54 -6.34 10.25
CA SER A 29 6.44 -6.92 11.21
C SER A 29 5.96 -6.58 12.62
N GLY A 30 6.33 -7.42 13.59
CA GLY A 30 6.02 -7.14 14.97
C GLY A 30 4.78 -7.83 15.49
N SER A 31 3.74 -7.86 14.70
CA SER A 31 2.52 -8.46 15.14
C SER A 31 2.45 -9.93 14.70
N THR A 32 2.06 -10.78 15.63
CA THR A 32 1.90 -12.19 15.35
C THR A 32 0.42 -12.45 14.98
N PHE A 33 -0.36 -11.38 15.01
CA PHE A 33 -1.76 -11.44 14.71
C PHE A 33 -1.94 -10.99 13.27
N SER A 34 -2.85 -11.63 12.56
CA SER A 34 -3.03 -11.39 11.16
C SER A 34 -3.81 -10.10 10.86
N LEU A 35 -3.35 -9.40 9.85
CA LEU A 35 -3.99 -8.18 9.41
C LEU A 35 -5.23 -8.54 8.61
N HIS A 36 -6.29 -7.82 8.81
CA HIS A 36 -7.53 -8.14 8.14
C HIS A 36 -7.64 -7.40 6.83
N LEU A 37 -7.11 -6.20 6.80
CA LEU A 37 -7.10 -5.40 5.61
C LEU A 37 -5.76 -4.73 5.49
N MET A 38 -5.22 -4.70 4.31
CA MET A 38 -3.98 -4.04 4.07
C MET A 38 -4.06 -3.46 2.67
N GLY A 39 -3.57 -2.28 2.48
CA GLY A 39 -3.74 -1.62 1.21
C GLY A 39 -2.75 -0.52 0.98
N TRP A 40 -2.71 -0.02 -0.23
CA TRP A 40 -1.80 1.03 -0.62
C TRP A 40 -2.54 2.29 -0.96
N TYR A 41 -1.93 3.39 -0.61
CA TYR A 41 -2.43 4.71 -0.83
C TYR A 41 -1.34 5.53 -1.45
N ARG A 42 -1.67 6.67 -1.96
CA ARG A 42 -0.69 7.49 -2.59
C ARG A 42 -0.88 8.92 -2.15
N GLN A 43 0.19 9.61 -1.95
CA GLN A 43 0.15 10.99 -1.60
C GLN A 43 1.06 11.75 -2.53
N ALA A 44 0.51 12.65 -3.30
CA ALA A 44 1.33 13.47 -4.16
C ALA A 44 1.78 14.69 -3.38
N PRO A 45 2.97 15.24 -3.69
CA PRO A 45 3.52 16.37 -2.96
C PRO A 45 2.62 17.60 -3.03
N GLY A 46 2.25 18.11 -1.87
CA GLY A 46 1.40 19.28 -1.79
C GLY A 46 -0.06 18.94 -2.00
N LYS A 47 -0.34 17.68 -2.23
CA LYS A 47 -1.68 17.24 -2.50
C LYS A 47 -2.16 16.30 -1.42
N GLN A 48 -3.39 15.90 -1.54
CA GLN A 48 -3.99 14.99 -0.58
C GLN A 48 -3.64 13.54 -0.92
N ARG A 49 -3.82 12.69 0.05
CA ARG A 49 -3.58 11.29 -0.14
C ARG A 49 -4.82 10.64 -0.68
N GLU A 50 -4.63 9.81 -1.64
CA GLU A 50 -5.69 9.13 -2.31
C GLU A 50 -5.54 7.64 -2.06
N VAL A 51 -6.63 6.93 -2.11
CA VAL A 51 -6.60 5.50 -1.95
C VAL A 51 -6.20 4.87 -3.26
N VAL A 52 -5.42 3.83 -3.20
CA VAL A 52 -5.03 3.11 -4.37
C VAL A 52 -5.77 1.78 -4.38
N ALA A 53 -5.72 1.05 -3.28
CA ALA A 53 -6.41 -0.21 -3.16
C ALA A 53 -6.50 -0.66 -1.73
N THR A 54 -7.51 -1.44 -1.45
CA THR A 54 -7.71 -2.02 -0.15
C THR A 54 -8.08 -3.49 -0.32
N SER A 55 -7.67 -4.31 0.61
CA SER A 55 -8.00 -5.69 0.55
C SER A 55 -9.18 -5.97 1.46
N GLY A 56 -10.23 -6.45 0.91
CA GLY A 56 -11.40 -6.74 1.70
C GLY A 56 -11.23 -8.04 2.45
N SER A 57 -11.89 -8.14 3.60
CA SER A 57 -11.80 -9.31 4.45
C SER A 57 -12.36 -10.58 3.78
N GLY A 58 -13.21 -10.39 2.79
CA GLY A 58 -13.80 -11.50 2.07
C GLY A 58 -12.84 -12.07 1.04
N GLY A 59 -11.81 -11.33 0.72
CA GLY A 59 -10.83 -11.78 -0.24
C GLY A 59 -10.88 -10.99 -1.52
N ASP A 60 -11.59 -9.90 -1.52
CA ASP A 60 -11.71 -9.06 -2.70
C ASP A 60 -10.73 -7.93 -2.64
N THR A 61 -10.35 -7.42 -3.75
CA THR A 61 -9.45 -6.31 -3.80
C THR A 61 -10.10 -5.15 -4.51
N ASN A 62 -10.15 -4.01 -3.86
CA ASN A 62 -10.82 -2.86 -4.41
C ASN A 62 -9.81 -1.83 -4.72
N TYR A 63 -9.88 -1.30 -5.90
CA TYR A 63 -8.91 -0.33 -6.35
C TYR A 63 -9.61 1.00 -6.54
N ALA A 64 -8.84 2.05 -6.60
CA ALA A 64 -9.39 3.35 -6.89
C ALA A 64 -9.74 3.43 -8.35
N ASP A 65 -10.75 4.21 -8.68
CA ASP A 65 -11.20 4.35 -10.07
C ASP A 65 -10.10 4.86 -10.98
N SER A 66 -9.19 5.62 -10.39
CA SER A 66 -8.09 6.20 -11.11
C SER A 66 -6.99 5.17 -11.46
N VAL A 67 -6.97 4.05 -10.76
CA VAL A 67 -5.92 3.07 -11.00
C VAL A 67 -6.47 1.80 -11.62
N LYS A 68 -7.75 1.82 -11.96
CA LYS A 68 -8.43 0.68 -12.57
C LYS A 68 -7.85 0.39 -13.93
N GLY A 69 -7.38 -0.81 -14.11
CA GLY A 69 -6.80 -1.20 -15.36
C GLY A 69 -5.31 -0.97 -15.39
N ARG A 70 -4.76 -0.56 -14.27
CA ARG A 70 -3.33 -0.35 -14.18
C ARG A 70 -2.69 -1.30 -13.21
N PHE A 71 -2.90 -1.05 -11.94
CA PHE A 71 -2.15 -1.73 -10.91
C PHE A 71 -2.86 -2.97 -10.40
N THR A 72 -2.10 -3.87 -9.83
CA THR A 72 -2.64 -5.07 -9.23
C THR A 72 -2.02 -5.28 -7.85
N ILE A 73 -2.86 -5.46 -6.86
CA ILE A 73 -2.46 -5.61 -5.47
C ILE A 73 -3.18 -6.74 -4.80
N SER A 74 -2.44 -7.64 -4.19
CA SER A 74 -2.99 -8.77 -3.47
C SER A 74 -2.11 -9.07 -2.26
N ARG A 75 -2.72 -9.53 -1.17
CA ARG A 75 -2.00 -9.85 0.03
C ARG A 75 -2.48 -11.08 0.78
N ASP A 76 -1.57 -11.63 1.55
CA ASP A 76 -1.83 -12.77 2.43
C ASP A 76 -2.16 -12.25 3.81
N ASN A 77 -2.87 -13.05 4.61
CA ASN A 77 -3.22 -12.70 6.00
C ASN A 77 -2.01 -12.22 6.80
N ASP A 78 -0.86 -12.87 6.64
CA ASP A 78 0.32 -12.51 7.44
C ASP A 78 1.65 -13.01 6.88
N LYS A 79 1.63 -14.06 6.07
CA LYS A 79 2.87 -14.68 5.63
C LYS A 79 3.49 -13.93 4.46
N ASN A 80 2.67 -13.31 3.66
CA ASN A 80 3.17 -12.57 2.52
C ASN A 80 3.06 -11.09 2.78
N THR A 81 3.70 -10.35 1.94
CA THR A 81 3.69 -8.93 2.04
C THR A 81 2.84 -8.40 0.92
N VAL A 82 2.05 -7.38 1.18
CA VAL A 82 1.17 -6.84 0.16
C VAL A 82 1.98 -6.18 -0.95
N ASP A 83 1.87 -6.74 -2.12
CA ASP A 83 2.61 -6.25 -3.25
C ASP A 83 1.70 -5.52 -4.19
N LEU A 84 2.18 -4.42 -4.67
CA LEU A 84 1.48 -3.61 -5.61
C LEU A 84 2.30 -3.58 -6.89
N GLN A 85 1.78 -4.22 -7.91
CA GLN A 85 2.44 -4.28 -9.18
C GLN A 85 2.07 -3.01 -9.94
N MET A 86 3.07 -2.23 -10.26
CA MET A 86 2.89 -0.96 -10.89
C MET A 86 3.35 -1.00 -12.34
N ASN A 87 2.50 -0.61 -13.24
CA ASN A 87 2.82 -0.52 -14.65
C ASN A 87 2.11 0.67 -15.23
N ASN A 88 2.44 1.03 -16.48
CA ASN A 88 1.78 2.16 -17.22
C ASN A 88 2.06 3.48 -16.47
N LEU A 89 3.19 3.51 -15.81
CA LEU A 89 3.61 4.63 -14.99
C LEU A 89 3.90 5.87 -15.81
N LYS A 90 3.20 6.93 -15.53
CA LYS A 90 3.43 8.18 -16.18
C LYS A 90 4.20 9.07 -15.23
N PRO A 91 4.85 10.15 -15.74
CA PRO A 91 5.54 11.11 -14.89
C PRO A 91 4.58 11.71 -13.83
N GLU A 92 3.30 11.72 -14.18
CA GLU A 92 2.22 12.24 -13.33
C GLU A 92 1.97 11.31 -12.13
N ASP A 93 2.55 10.13 -12.14
CA ASP A 93 2.35 9.17 -11.06
C ASP A 93 3.42 9.30 -10.00
N THR A 94 4.24 10.32 -10.11
CA THR A 94 5.26 10.61 -9.13
C THR A 94 4.63 11.06 -7.83
N ALA A 95 4.88 10.32 -6.77
CA ALA A 95 4.30 10.64 -5.47
C ALA A 95 4.83 9.67 -4.44
N ASP A 96 4.32 9.78 -3.24
CA ASP A 96 4.71 8.88 -2.19
C ASP A 96 3.65 7.87 -2.02
N TYR A 97 4.00 6.64 -2.08
CA TYR A 97 3.06 5.60 -1.82
C TYR A 97 3.13 5.22 -0.37
N TYR A 98 1.99 5.24 0.26
CA TYR A 98 1.84 4.93 1.66
C TYR A 98 1.06 3.65 1.86
N CYS A 99 1.37 2.93 2.89
CA CYS A 99 0.72 1.66 3.18
C CYS A 99 -0.18 1.77 4.41
N ARG A 100 -1.32 1.10 4.35
CA ARG A 100 -2.28 1.05 5.43
C ARG A 100 -2.52 -0.39 5.81
N ALA A 101 -2.52 -0.66 7.08
CA ALA A 101 -2.84 -1.97 7.58
C ALA A 101 -3.89 -1.84 8.65
N GLN A 102 -4.91 -2.64 8.58
CA GLN A 102 -5.95 -2.59 9.56
C GLN A 102 -6.05 -3.93 10.26
N GLN A 103 -5.96 -3.89 11.55
CA GLN A 103 -5.97 -5.07 12.35
C GLN A 103 -7.19 -5.01 13.25
N LYS A 104 -7.86 -6.13 13.40
CA LYS A 104 -9.06 -6.19 14.18
C LYS A 104 -8.69 -6.50 15.63
N ILE A 105 -9.01 -5.57 16.48
CA ILE A 105 -8.63 -5.60 17.88
C ILE A 105 -9.85 -6.00 18.69
N GLY A 106 -9.66 -6.87 19.67
CA GLY A 106 -10.76 -7.30 20.54
C GLY A 106 -11.88 -7.98 19.75
N ARG A 107 -11.53 -8.43 18.54
CA ARG A 107 -12.48 -9.06 17.61
C ARG A 107 -13.66 -8.14 17.25
N ASP A 108 -13.51 -6.82 17.41
CA ASP A 108 -14.61 -5.90 17.07
C ASP A 108 -14.13 -4.48 16.79
N THR A 109 -12.99 -4.13 17.31
CA THR A 109 -12.44 -2.81 17.14
C THR A 109 -11.43 -2.87 16.00
N PHE A 110 -11.23 -1.78 15.31
CA PHE A 110 -10.29 -1.76 14.21
C PHE A 110 -9.33 -0.61 14.36
N ARG A 111 -8.07 -0.85 14.07
CA ARG A 111 -7.07 0.19 14.08
C ARG A 111 -6.37 0.26 12.76
N ASP A 112 -6.09 1.48 12.35
CA ASP A 112 -5.45 1.76 11.09
C ASP A 112 -4.00 2.10 11.32
N TYR A 113 -3.13 1.32 10.76
CA TYR A 113 -1.72 1.57 10.88
C TYR A 113 -1.23 2.14 9.58
N TRP A 114 -0.45 3.15 9.65
CA TRP A 114 0.09 3.81 8.49
C TRP A 114 1.58 3.83 8.55
N GLY A 115 2.21 3.45 7.49
CA GLY A 115 3.63 3.44 7.45
C GLY A 115 4.18 4.69 6.83
N GLN A 116 5.48 4.79 6.78
CA GLN A 116 6.14 5.87 6.13
C GLN A 116 6.48 5.41 4.74
N GLY A 117 5.76 5.93 3.80
CA GLY A 117 5.83 5.48 2.45
C GLY A 117 7.08 5.83 1.71
N THR A 118 7.11 5.42 0.47
CA THR A 118 8.25 5.62 -0.36
C THR A 118 7.88 6.46 -1.59
N GLN A 119 8.77 7.34 -1.98
CA GLN A 119 8.55 8.24 -3.09
C GLN A 119 8.98 7.59 -4.39
N VAL A 120 8.05 7.48 -5.30
CA VAL A 120 8.32 6.88 -6.57
C VAL A 120 8.65 7.96 -7.60
N THR A 121 9.68 7.75 -8.35
CA THR A 121 10.08 8.71 -9.31
C THR A 121 10.00 8.13 -10.72
N VAL A 122 9.07 8.63 -11.48
CA VAL A 122 8.88 8.23 -12.84
C VAL A 122 9.40 9.36 -13.73
N SER A 123 10.43 9.09 -14.46
CA SER A 123 11.04 10.08 -15.27
C SER A 123 10.71 9.89 -16.72
N SER A 124 10.54 10.96 -17.39
CA SER A 124 10.21 10.97 -18.76
C SER A 124 11.13 11.97 -19.45
N GLY A 1 -0.73 6.49 24.47
CA GLY A 1 -0.60 5.99 23.10
C GLY A 1 -0.10 4.59 23.10
N SER A 2 0.05 4.02 21.93
CA SER A 2 0.52 2.67 21.80
C SER A 2 1.48 2.60 20.63
N GLY A 3 2.75 2.45 20.94
CA GLY A 3 3.76 2.33 19.92
C GLY A 3 3.56 1.07 19.13
N SER A 4 3.74 1.16 17.86
CA SER A 4 3.56 0.05 17.00
C SER A 4 4.73 -0.91 17.12
N GLN A 5 4.49 -2.07 17.70
CA GLN A 5 5.51 -3.09 17.84
C GLN A 5 5.60 -3.85 16.54
N VAL A 6 4.55 -3.72 15.77
CA VAL A 6 4.50 -4.25 14.45
C VAL A 6 4.96 -3.15 13.50
N GLN A 7 5.82 -3.47 12.60
CA GLN A 7 6.35 -2.47 11.72
C GLN A 7 5.98 -2.74 10.28
N LEU A 8 5.69 -1.68 9.56
CA LEU A 8 5.41 -1.74 8.16
C LEU A 8 6.63 -1.26 7.41
N VAL A 9 7.03 -1.98 6.43
CA VAL A 9 8.14 -1.58 5.61
C VAL A 9 7.73 -1.61 4.16
N GLU A 10 7.70 -0.47 3.53
CA GLU A 10 7.38 -0.40 2.15
C GLU A 10 8.65 -0.56 1.33
N SER A 11 8.64 -1.50 0.44
CA SER A 11 9.76 -1.77 -0.40
C SER A 11 9.52 -1.15 -1.76
N GLY A 12 10.59 -0.75 -2.40
CA GLY A 12 10.49 -0.09 -3.67
C GLY A 12 10.72 1.41 -3.51
N GLY A 13 9.90 2.20 -4.18
CA GLY A 13 10.06 3.65 -4.08
C GLY A 13 11.28 4.12 -4.80
N GLY A 14 11.43 3.67 -5.99
CA GLY A 14 12.61 3.95 -6.73
C GLY A 14 12.32 4.80 -7.94
N LEU A 15 13.19 4.72 -8.88
CA LEU A 15 13.10 5.46 -10.10
C LEU A 15 12.71 4.55 -11.25
N VAL A 16 11.78 5.02 -12.04
CA VAL A 16 11.32 4.37 -13.23
C VAL A 16 11.13 5.42 -14.29
N GLN A 17 11.11 5.03 -15.53
CA GLN A 17 10.94 5.97 -16.59
C GLN A 17 9.48 6.07 -16.94
N ALA A 18 9.11 7.12 -17.66
CA ALA A 18 7.73 7.31 -18.09
C ALA A 18 7.20 6.10 -18.86
N GLY A 19 6.16 5.51 -18.35
CA GLY A 19 5.57 4.35 -18.96
C GLY A 19 6.08 3.06 -18.36
N GLY A 20 7.07 3.17 -17.49
CA GLY A 20 7.70 2.02 -16.87
C GLY A 20 6.82 1.34 -15.84
N SER A 21 7.29 0.23 -15.33
CA SER A 21 6.57 -0.54 -14.34
C SER A 21 7.39 -0.63 -13.07
N LEU A 22 6.73 -0.68 -11.92
CA LEU A 22 7.40 -0.73 -10.65
C LEU A 22 6.56 -1.58 -9.72
N ARG A 23 7.19 -2.35 -8.87
CA ARG A 23 6.46 -3.25 -8.00
C ARG A 23 6.82 -3.00 -6.53
N LEU A 24 5.83 -2.67 -5.74
CA LEU A 24 5.99 -2.32 -4.34
C LEU A 24 5.50 -3.45 -3.48
N SER A 25 6.08 -3.60 -2.33
CA SER A 25 5.66 -4.62 -1.39
C SER A 25 5.66 -4.01 0.01
N CYS A 26 4.62 -4.25 0.79
CA CYS A 26 4.57 -3.72 2.14
C CYS A 26 4.68 -4.88 3.10
N ALA A 27 5.69 -4.85 3.93
CA ALA A 27 5.94 -5.94 4.84
C ALA A 27 5.54 -5.59 6.26
N ALA A 28 4.60 -6.33 6.79
CA ALA A 28 4.20 -6.17 8.17
C ALA A 28 4.86 -7.26 8.99
N SER A 29 5.60 -6.88 9.99
CA SER A 29 6.27 -7.86 10.82
C SER A 29 5.84 -7.73 12.27
N GLY A 30 5.74 -8.84 12.96
CA GLY A 30 5.40 -8.83 14.35
C GLY A 30 3.96 -9.14 14.62
N SER A 31 3.26 -9.60 13.61
CA SER A 31 1.88 -9.91 13.77
C SER A 31 1.55 -11.18 13.01
N THR A 32 1.19 -12.21 13.75
CA THR A 32 0.70 -13.42 13.14
C THR A 32 -0.83 -13.36 13.21
N PHE A 33 -1.31 -12.31 13.87
CA PHE A 33 -2.70 -12.00 13.92
C PHE A 33 -3.05 -11.46 12.55
N SER A 34 -3.98 -12.11 11.90
CA SER A 34 -4.33 -11.84 10.52
C SER A 34 -4.70 -10.37 10.27
N LEU A 35 -4.08 -9.78 9.26
CA LEU A 35 -4.42 -8.45 8.81
C LEU A 35 -5.79 -8.49 8.19
N HIS A 36 -6.72 -7.78 8.78
CA HIS A 36 -8.09 -7.78 8.33
C HIS A 36 -8.28 -6.92 7.12
N LEU A 37 -7.41 -5.95 6.97
CA LEU A 37 -7.36 -5.12 5.80
C LEU A 37 -6.01 -4.48 5.72
N MET A 38 -5.47 -4.44 4.54
CA MET A 38 -4.19 -3.82 4.32
C MET A 38 -4.24 -3.25 2.91
N GLY A 39 -3.71 -2.08 2.72
CA GLY A 39 -3.84 -1.40 1.46
C GLY A 39 -2.79 -0.36 1.21
N TRP A 40 -2.74 0.14 -0.01
CA TRP A 40 -1.79 1.14 -0.42
C TRP A 40 -2.50 2.43 -0.78
N TYR A 41 -1.87 3.50 -0.41
CA TYR A 41 -2.35 4.83 -0.64
C TYR A 41 -1.25 5.63 -1.26
N ARG A 42 -1.56 6.76 -1.81
CA ARG A 42 -0.56 7.53 -2.47
C ARG A 42 -0.77 8.99 -2.20
N GLN A 43 0.30 9.71 -2.01
CA GLN A 43 0.22 11.10 -1.77
C GLN A 43 1.15 11.81 -2.72
N ALA A 44 0.62 12.63 -3.58
CA ALA A 44 1.44 13.39 -4.51
C ALA A 44 1.35 14.87 -4.17
N PRO A 45 2.37 15.67 -4.55
CA PRO A 45 2.33 17.11 -4.31
C PRO A 45 1.16 17.75 -5.06
N GLY A 46 0.37 18.51 -4.35
CA GLY A 46 -0.76 19.19 -4.93
C GLY A 46 -2.07 18.49 -4.66
N LYS A 47 -2.00 17.24 -4.32
CA LYS A 47 -3.20 16.48 -4.02
C LYS A 47 -3.15 15.99 -2.59
N GLN A 48 -4.20 15.35 -2.18
CA GLN A 48 -4.25 14.71 -0.91
C GLN A 48 -4.02 13.23 -1.10
N ARG A 49 -3.73 12.54 -0.03
CA ARG A 49 -3.46 11.13 -0.08
C ARG A 49 -4.72 10.38 -0.44
N GLU A 50 -4.69 9.76 -1.58
CA GLU A 50 -5.82 9.10 -2.15
C GLU A 50 -5.72 7.61 -1.95
N VAL A 51 -6.85 6.95 -1.92
CA VAL A 51 -6.87 5.53 -1.82
C VAL A 51 -6.51 4.91 -3.16
N VAL A 52 -5.57 4.02 -3.14
CA VAL A 52 -5.18 3.32 -4.32
C VAL A 52 -5.87 1.98 -4.33
N ALA A 53 -5.70 1.24 -3.24
CA ALA A 53 -6.30 -0.06 -3.13
C ALA A 53 -6.24 -0.58 -1.73
N THR A 54 -7.16 -1.46 -1.42
CA THR A 54 -7.20 -2.13 -0.15
C THR A 54 -7.54 -3.60 -0.38
N SER A 55 -7.09 -4.45 0.50
CA SER A 55 -7.42 -5.84 0.46
C SER A 55 -7.77 -6.32 1.83
N GLY A 56 -8.83 -7.08 1.92
CA GLY A 56 -9.28 -7.60 3.17
C GLY A 56 -8.86 -9.02 3.42
N SER A 57 -9.06 -9.49 4.64
CA SER A 57 -8.69 -10.84 5.05
C SER A 57 -9.51 -11.91 4.32
N GLY A 58 -10.69 -11.52 3.89
CA GLY A 58 -11.56 -12.42 3.16
C GLY A 58 -11.09 -12.61 1.74
N GLY A 59 -10.17 -11.76 1.32
CA GLY A 59 -9.67 -11.84 -0.02
C GLY A 59 -10.39 -10.89 -0.94
N ASP A 60 -11.03 -9.91 -0.36
CA ASP A 60 -11.74 -8.90 -1.13
C ASP A 60 -10.80 -7.78 -1.44
N THR A 61 -10.89 -7.26 -2.60
CA THR A 61 -10.04 -6.20 -3.02
C THR A 61 -10.86 -4.99 -3.49
N ASN A 62 -10.30 -3.83 -3.34
CA ASN A 62 -10.92 -2.59 -3.79
C ASN A 62 -9.82 -1.72 -4.35
N TYR A 63 -10.05 -1.13 -5.49
CA TYR A 63 -9.02 -0.32 -6.15
C TYR A 63 -9.68 0.95 -6.64
N ALA A 64 -8.91 2.01 -6.80
CA ALA A 64 -9.42 3.22 -7.41
C ALA A 64 -9.65 2.96 -8.90
N ASP A 65 -10.62 3.63 -9.49
CA ASP A 65 -10.92 3.44 -10.92
C ASP A 65 -9.80 3.90 -11.79
N SER A 66 -9.01 4.80 -11.27
CA SER A 66 -7.87 5.31 -11.96
C SER A 66 -6.72 4.28 -11.98
N VAL A 67 -6.80 3.24 -11.13
CA VAL A 67 -5.72 2.27 -11.05
C VAL A 67 -6.15 0.85 -11.46
N LYS A 68 -7.44 0.62 -11.67
CA LYS A 68 -7.90 -0.70 -12.09
C LYS A 68 -7.36 -1.08 -13.45
N GLY A 69 -6.72 -2.23 -13.52
CA GLY A 69 -6.13 -2.69 -14.75
C GLY A 69 -4.68 -2.27 -14.87
N ARG A 70 -4.26 -1.39 -13.98
CA ARG A 70 -2.89 -0.88 -13.98
C ARG A 70 -2.17 -1.30 -12.71
N PHE A 71 -2.90 -1.37 -11.63
CA PHE A 71 -2.36 -1.71 -10.35
C PHE A 71 -2.98 -2.99 -9.84
N THR A 72 -2.16 -3.88 -9.41
CA THR A 72 -2.60 -5.12 -8.84
C THR A 72 -1.98 -5.32 -7.46
N ILE A 73 -2.84 -5.41 -6.47
CA ILE A 73 -2.44 -5.51 -5.08
C ILE A 73 -3.22 -6.59 -4.33
N SER A 74 -2.49 -7.46 -3.66
CA SER A 74 -3.05 -8.58 -2.91
C SER A 74 -2.20 -8.84 -1.63
N ARG A 75 -2.81 -9.46 -0.61
CA ARG A 75 -2.12 -9.79 0.65
C ARG A 75 -2.53 -11.13 1.24
N ASP A 76 -1.64 -11.68 2.05
CA ASP A 76 -1.88 -12.87 2.86
C ASP A 76 -2.23 -12.41 4.27
N ASN A 77 -2.91 -13.26 5.03
CA ASN A 77 -3.28 -12.94 6.42
C ASN A 77 -2.12 -12.45 7.26
N ASP A 78 -0.96 -13.11 7.16
CA ASP A 78 0.18 -12.75 8.04
C ASP A 78 1.51 -13.35 7.59
N LYS A 79 1.50 -14.19 6.57
CA LYS A 79 2.71 -14.88 6.18
C LYS A 79 3.25 -14.39 4.83
N ASN A 80 2.68 -13.33 4.34
CA ASN A 80 3.13 -12.71 3.10
C ASN A 80 2.79 -11.24 3.20
N THR A 81 3.29 -10.45 2.33
CA THR A 81 3.17 -9.04 2.40
C THR A 81 2.21 -8.54 1.33
N VAL A 82 1.62 -7.37 1.53
CA VAL A 82 0.75 -6.82 0.52
C VAL A 82 1.58 -6.27 -0.62
N ASP A 83 1.44 -6.85 -1.76
CA ASP A 83 2.25 -6.53 -2.90
C ASP A 83 1.45 -5.76 -3.93
N LEU A 84 2.05 -4.70 -4.45
CA LEU A 84 1.43 -3.82 -5.41
C LEU A 84 2.25 -3.71 -6.69
N GLN A 85 1.76 -4.29 -7.75
CA GLN A 85 2.37 -4.23 -9.06
C GLN A 85 1.75 -3.04 -9.79
N MET A 86 2.58 -2.06 -10.13
CA MET A 86 2.10 -0.86 -10.80
C MET A 86 2.72 -0.78 -12.18
N ASN A 87 1.94 -0.64 -13.21
CA ASN A 87 2.50 -0.48 -14.54
C ASN A 87 2.06 0.83 -15.15
N ASN A 88 2.84 1.31 -16.11
CA ASN A 88 2.59 2.56 -16.83
C ASN A 88 2.70 3.77 -15.91
N LEU A 89 3.82 3.85 -15.20
CA LEU A 89 4.11 4.98 -14.33
C LEU A 89 4.25 6.26 -15.13
N LYS A 90 3.41 7.20 -14.82
CA LYS A 90 3.34 8.44 -15.55
C LYS A 90 4.25 9.49 -14.92
N PRO A 91 4.80 10.42 -15.73
CA PRO A 91 5.70 11.50 -15.26
C PRO A 91 5.07 12.34 -14.15
N GLU A 92 3.77 12.47 -14.21
CA GLU A 92 3.02 13.26 -13.26
C GLU A 92 2.68 12.45 -12.01
N ASP A 93 2.94 11.16 -12.04
CA ASP A 93 2.48 10.30 -10.97
C ASP A 93 3.56 10.14 -9.90
N THR A 94 4.59 10.98 -10.00
CA THR A 94 5.64 11.01 -9.00
C THR A 94 5.04 11.36 -7.66
N ALA A 95 5.16 10.45 -6.73
CA ALA A 95 4.48 10.61 -5.46
C ALA A 95 5.01 9.67 -4.42
N ASP A 96 4.45 9.74 -3.23
CA ASP A 96 4.82 8.86 -2.16
C ASP A 96 3.77 7.82 -2.03
N TYR A 97 4.16 6.60 -2.02
CA TYR A 97 3.24 5.55 -1.76
C TYR A 97 3.29 5.17 -0.31
N TYR A 98 2.15 5.16 0.29
CA TYR A 98 1.98 4.90 1.69
C TYR A 98 1.26 3.59 1.90
N CYS A 99 1.59 2.91 2.94
CA CYS A 99 0.96 1.65 3.25
C CYS A 99 0.08 1.79 4.48
N ARG A 100 -1.07 1.15 4.44
CA ARG A 100 -2.00 1.15 5.55
C ARG A 100 -2.36 -0.27 5.93
N ALA A 101 -2.39 -0.52 7.19
CA ALA A 101 -2.82 -1.78 7.72
C ALA A 101 -3.90 -1.51 8.74
N GLN A 102 -4.97 -2.23 8.67
CA GLN A 102 -6.05 -2.01 9.60
C GLN A 102 -6.25 -3.28 10.40
N GLN A 103 -6.19 -3.12 11.69
CA GLN A 103 -6.22 -4.23 12.59
C GLN A 103 -7.26 -4.14 13.64
N LYS A 104 -7.86 -5.26 13.88
CA LYS A 104 -8.84 -5.44 14.90
C LYS A 104 -8.06 -5.81 16.13
N ILE A 105 -8.16 -4.99 17.11
CA ILE A 105 -7.41 -5.12 18.31
C ILE A 105 -8.34 -5.47 19.44
N GLY A 106 -7.92 -6.40 20.26
CA GLY A 106 -8.70 -6.80 21.39
C GLY A 106 -9.96 -7.49 20.97
N ARG A 107 -11.08 -6.89 21.30
CA ARG A 107 -12.36 -7.48 21.04
C ARG A 107 -13.28 -6.53 20.25
N ASP A 108 -13.06 -5.23 20.41
CA ASP A 108 -13.92 -4.22 19.77
C ASP A 108 -13.10 -3.09 19.17
N THR A 109 -11.81 -3.14 19.30
CA THR A 109 -10.97 -2.03 18.89
C THR A 109 -10.45 -2.26 17.47
N PHE A 110 -10.26 -1.19 16.75
CA PHE A 110 -9.67 -1.22 15.45
C PHE A 110 -8.61 -0.14 15.40
N ARG A 111 -7.48 -0.46 14.87
CA ARG A 111 -6.39 0.45 14.80
C ARG A 111 -5.87 0.52 13.38
N ASP A 112 -5.48 1.70 12.96
CA ASP A 112 -4.96 1.91 11.63
C ASP A 112 -3.50 2.20 11.68
N TYR A 113 -2.75 1.44 10.95
CA TYR A 113 -1.33 1.64 10.87
C TYR A 113 -1.01 2.30 9.55
N TRP A 114 -0.21 3.33 9.59
CA TRP A 114 0.23 4.04 8.42
C TRP A 114 1.72 4.09 8.38
N GLY A 115 2.28 3.68 7.29
CA GLY A 115 3.72 3.65 7.17
C GLY A 115 4.31 4.96 6.67
N GLN A 116 5.61 4.97 6.47
CA GLN A 116 6.32 6.09 5.95
C GLN A 116 6.53 5.88 4.47
N GLY A 117 5.81 6.63 3.70
CA GLY A 117 5.79 6.51 2.28
C GLY A 117 7.09 6.78 1.62
N THR A 118 7.29 6.09 0.55
CA THR A 118 8.48 6.22 -0.25
C THR A 118 8.12 6.91 -1.57
N GLN A 119 9.02 7.75 -2.05
CA GLN A 119 8.80 8.51 -3.26
C GLN A 119 9.16 7.69 -4.49
N VAL A 120 8.25 7.62 -5.41
CA VAL A 120 8.54 7.04 -6.69
C VAL A 120 8.89 8.13 -7.65
N THR A 121 9.99 7.98 -8.28
CA THR A 121 10.44 8.97 -9.17
C THR A 121 10.29 8.45 -10.60
N VAL A 122 9.63 9.22 -11.44
CA VAL A 122 9.40 8.84 -12.81
C VAL A 122 10.13 9.82 -13.72
N SER A 123 11.04 9.31 -14.50
CA SER A 123 11.88 10.13 -15.33
C SER A 123 11.31 10.39 -16.72
N SER A 124 11.56 11.55 -17.23
CA SER A 124 11.21 11.91 -18.56
C SER A 124 12.48 12.39 -19.25
N GLY A 1 1.86 2.66 21.65
CA GLY A 1 0.50 2.28 21.25
C GLY A 1 0.54 1.07 20.39
N SER A 2 -0.48 0.84 19.60
CA SER A 2 -0.52 -0.30 18.72
C SER A 2 0.25 -0.01 17.43
N GLY A 3 0.27 1.26 17.04
CA GLY A 3 0.97 1.68 15.83
C GLY A 3 2.46 1.47 15.94
N SER A 4 2.95 1.47 17.16
CA SER A 4 4.33 1.24 17.44
C SER A 4 4.61 -0.27 17.68
N GLN A 5 3.55 -1.07 17.77
CA GLN A 5 3.70 -2.51 17.99
C GLN A 5 3.78 -3.26 16.69
N VAL A 6 3.38 -2.62 15.64
CA VAL A 6 3.42 -3.21 14.33
C VAL A 6 4.44 -2.47 13.49
N GLN A 7 5.20 -3.20 12.73
CA GLN A 7 6.16 -2.60 11.87
C GLN A 7 5.86 -2.96 10.45
N LEU A 8 5.70 -1.96 9.63
CA LEU A 8 5.48 -2.16 8.23
C LEU A 8 6.76 -1.83 7.50
N VAL A 9 7.18 -2.72 6.63
CA VAL A 9 8.37 -2.49 5.86
C VAL A 9 8.01 -2.43 4.38
N GLU A 10 8.14 -1.27 3.80
CA GLU A 10 7.82 -1.12 2.40
C GLU A 10 9.09 -1.34 1.60
N SER A 11 8.96 -1.98 0.49
CA SER A 11 10.08 -2.16 -0.39
C SER A 11 9.79 -1.48 -1.72
N GLY A 12 10.83 -0.95 -2.34
CA GLY A 12 10.68 -0.28 -3.61
C GLY A 12 10.93 1.21 -3.46
N GLY A 13 10.12 2.02 -4.12
CA GLY A 13 10.27 3.46 -4.03
C GLY A 13 11.49 3.94 -4.77
N GLY A 14 11.62 3.47 -5.96
CA GLY A 14 12.75 3.81 -6.75
C GLY A 14 12.38 4.59 -7.98
N LEU A 15 13.19 4.47 -8.99
CA LEU A 15 12.96 5.18 -10.21
C LEU A 15 12.27 4.30 -11.23
N VAL A 16 11.31 4.86 -11.91
CA VAL A 16 10.60 4.20 -12.96
C VAL A 16 10.58 5.13 -14.16
N GLN A 17 10.36 4.59 -15.30
CA GLN A 17 10.26 5.35 -16.50
C GLN A 17 8.79 5.58 -16.79
N ALA A 18 8.49 6.63 -17.52
CA ALA A 18 7.11 6.93 -17.90
C ALA A 18 6.52 5.77 -18.71
N GLY A 19 5.45 5.21 -18.20
CA GLY A 19 4.81 4.09 -18.84
C GLY A 19 5.29 2.79 -18.25
N GLY A 20 6.25 2.89 -17.35
CA GLY A 20 6.88 1.73 -16.80
C GLY A 20 6.13 1.15 -15.64
N SER A 21 6.61 0.04 -15.16
CA SER A 21 6.02 -0.64 -14.05
C SER A 21 7.08 -0.95 -13.00
N LEU A 22 6.66 -0.95 -11.76
CA LEU A 22 7.50 -1.22 -10.62
C LEU A 22 6.61 -1.81 -9.57
N ARG A 23 7.14 -2.62 -8.70
CA ARG A 23 6.30 -3.29 -7.73
C ARG A 23 6.74 -3.03 -6.32
N LEU A 24 5.79 -2.79 -5.47
CA LEU A 24 6.06 -2.53 -4.07
C LEU A 24 5.58 -3.69 -3.22
N SER A 25 6.19 -3.89 -2.10
CA SER A 25 5.76 -4.91 -1.18
C SER A 25 5.76 -4.36 0.24
N CYS A 26 4.87 -4.83 1.07
CA CYS A 26 4.76 -4.35 2.45
C CYS A 26 4.89 -5.55 3.37
N ALA A 27 5.87 -5.52 4.24
CA ALA A 27 6.06 -6.58 5.20
C ALA A 27 5.52 -6.19 6.55
N ALA A 28 4.68 -7.01 7.10
CA ALA A 28 4.14 -6.75 8.41
C ALA A 28 4.89 -7.57 9.44
N SER A 29 5.39 -6.92 10.45
CA SER A 29 6.12 -7.58 11.50
C SER A 29 5.78 -6.96 12.85
N GLY A 30 6.30 -7.54 13.92
CA GLY A 30 6.07 -7.02 15.24
C GLY A 30 4.83 -7.63 15.85
N SER A 31 3.69 -7.37 15.25
CA SER A 31 2.44 -7.87 15.74
C SER A 31 2.18 -9.29 15.23
N THR A 32 1.90 -10.19 16.15
CA THR A 32 1.63 -11.58 15.82
C THR A 32 0.14 -11.82 15.55
N PHE A 33 -0.63 -10.77 15.66
CA PHE A 33 -2.05 -10.81 15.44
C PHE A 33 -2.30 -10.75 13.91
N SER A 34 -3.47 -11.15 13.48
CA SER A 34 -3.76 -11.16 12.07
C SER A 34 -4.20 -9.79 11.57
N LEU A 35 -3.66 -9.38 10.44
CA LEU A 35 -4.05 -8.14 9.81
C LEU A 35 -5.33 -8.40 9.01
N HIS A 36 -6.26 -7.49 9.07
CA HIS A 36 -7.56 -7.73 8.46
C HIS A 36 -7.66 -7.13 7.05
N LEU A 37 -6.97 -6.04 6.82
CA LEU A 37 -6.97 -5.40 5.53
C LEU A 37 -5.68 -4.68 5.30
N MET A 38 -5.18 -4.73 4.09
CA MET A 38 -3.95 -4.05 3.76
C MET A 38 -4.18 -3.31 2.45
N GLY A 39 -3.69 -2.12 2.36
CA GLY A 39 -3.91 -1.35 1.16
C GLY A 39 -2.82 -0.36 0.89
N TRP A 40 -2.83 0.17 -0.30
CA TRP A 40 -1.86 1.13 -0.75
C TRP A 40 -2.53 2.45 -1.07
N TYR A 41 -1.87 3.50 -0.69
CA TYR A 41 -2.33 4.86 -0.90
C TYR A 41 -1.21 5.66 -1.45
N ARG A 42 -1.50 6.87 -1.85
CA ARG A 42 -0.47 7.68 -2.41
C ARG A 42 -0.58 9.07 -1.86
N GLN A 43 0.53 9.67 -1.54
CA GLN A 43 0.49 11.03 -1.13
C GLN A 43 1.45 11.82 -2.00
N ALA A 44 0.93 12.71 -2.80
CA ALA A 44 1.75 13.55 -3.65
C ALA A 44 1.61 15.01 -3.25
N PRO A 45 2.62 15.85 -3.46
CA PRO A 45 2.48 17.28 -3.23
C PRO A 45 1.51 17.84 -4.26
N GLY A 46 0.46 18.49 -3.80
CA GLY A 46 -0.54 18.99 -4.71
C GLY A 46 -1.73 18.05 -4.78
N LYS A 47 -1.56 16.90 -4.18
CA LYS A 47 -2.60 15.88 -4.09
C LYS A 47 -3.02 15.73 -2.67
N GLN A 48 -4.10 15.06 -2.49
CA GLN A 48 -4.54 14.61 -1.21
C GLN A 48 -4.14 13.14 -1.18
N ARG A 49 -4.08 12.52 -0.02
CA ARG A 49 -3.74 11.11 0.00
C ARG A 49 -4.89 10.32 -0.62
N GLU A 50 -4.63 9.80 -1.77
CA GLU A 50 -5.60 9.12 -2.56
C GLU A 50 -5.55 7.64 -2.31
N VAL A 51 -6.71 7.02 -2.32
CA VAL A 51 -6.80 5.60 -2.21
C VAL A 51 -6.37 4.98 -3.53
N VAL A 52 -5.50 4.03 -3.46
CA VAL A 52 -5.08 3.36 -4.63
C VAL A 52 -5.73 2.01 -4.68
N ALA A 53 -5.57 1.24 -3.62
CA ALA A 53 -6.11 -0.09 -3.60
C ALA A 53 -6.14 -0.64 -2.20
N THR A 54 -7.24 -1.25 -1.84
CA THR A 54 -7.38 -1.88 -0.55
C THR A 54 -7.86 -3.31 -0.77
N SER A 55 -7.46 -4.21 0.10
CA SER A 55 -7.92 -5.56 0.01
C SER A 55 -8.09 -6.11 1.39
N GLY A 56 -9.19 -6.77 1.60
CA GLY A 56 -9.48 -7.33 2.90
C GLY A 56 -9.08 -8.78 2.98
N SER A 57 -9.31 -9.39 4.14
CA SER A 57 -8.96 -10.78 4.39
C SER A 57 -9.75 -11.74 3.48
N GLY A 58 -10.85 -11.24 2.95
CA GLY A 58 -11.67 -12.07 2.09
C GLY A 58 -11.06 -12.25 0.71
N GLY A 59 -10.12 -11.38 0.38
CA GLY A 59 -9.50 -11.44 -0.93
C GLY A 59 -10.06 -10.38 -1.85
N ASP A 60 -11.14 -9.77 -1.41
CA ASP A 60 -11.81 -8.73 -2.16
C ASP A 60 -10.93 -7.52 -2.22
N THR A 61 -10.88 -6.88 -3.36
CA THR A 61 -10.00 -5.78 -3.55
C THR A 61 -10.74 -4.60 -4.20
N ASN A 62 -10.46 -3.43 -3.74
CA ASN A 62 -11.06 -2.21 -4.25
C ASN A 62 -9.97 -1.30 -4.74
N TYR A 63 -10.12 -0.79 -5.93
CA TYR A 63 -9.14 0.11 -6.53
C TYR A 63 -9.85 1.37 -6.92
N ALA A 64 -9.17 2.48 -6.91
CA ALA A 64 -9.75 3.69 -7.44
C ALA A 64 -9.81 3.52 -8.94
N ASP A 65 -10.82 4.06 -9.60
CA ASP A 65 -10.97 3.89 -11.05
C ASP A 65 -9.78 4.47 -11.80
N SER A 66 -9.14 5.43 -11.17
CA SER A 66 -7.96 6.07 -11.70
C SER A 66 -6.76 5.10 -11.81
N VAL A 67 -6.76 4.05 -10.99
CA VAL A 67 -5.67 3.09 -10.99
C VAL A 67 -6.14 1.69 -11.35
N LYS A 68 -7.44 1.54 -11.43
CA LYS A 68 -8.08 0.29 -11.69
C LYS A 68 -7.69 -0.23 -13.06
N GLY A 69 -7.17 -1.44 -13.09
CA GLY A 69 -6.78 -2.04 -14.33
C GLY A 69 -5.29 -1.94 -14.56
N ARG A 70 -4.69 -0.86 -14.12
CA ARG A 70 -3.27 -0.67 -14.32
C ARG A 70 -2.51 -1.11 -13.08
N PHE A 71 -3.02 -0.73 -11.95
CA PHE A 71 -2.43 -1.07 -10.69
C PHE A 71 -3.17 -2.24 -10.11
N THR A 72 -2.46 -3.20 -9.62
CA THR A 72 -3.05 -4.37 -9.06
C THR A 72 -2.38 -4.69 -7.74
N ILE A 73 -3.14 -5.11 -6.74
CA ILE A 73 -2.55 -5.51 -5.49
C ILE A 73 -2.93 -6.91 -5.14
N SER A 74 -2.05 -7.56 -4.46
CA SER A 74 -2.24 -8.90 -3.98
C SER A 74 -1.91 -8.88 -2.50
N ARG A 75 -2.68 -9.53 -1.67
CA ARG A 75 -2.37 -9.55 -0.25
C ARG A 75 -2.08 -10.93 0.27
N ASP A 76 -0.89 -11.09 0.76
CA ASP A 76 -0.55 -12.21 1.59
C ASP A 76 -0.49 -11.68 2.99
N ASN A 77 -1.29 -12.19 3.88
CA ASN A 77 -1.36 -11.68 5.25
C ASN A 77 -0.05 -11.78 6.02
N ASP A 78 0.56 -12.95 6.02
CA ASP A 78 1.73 -13.15 6.88
C ASP A 78 2.82 -14.05 6.31
N LYS A 79 2.48 -14.92 5.40
CA LYS A 79 3.46 -15.86 4.84
C LYS A 79 4.32 -15.11 3.80
N ASN A 80 3.74 -14.11 3.22
CA ASN A 80 4.37 -13.30 2.19
C ASN A 80 3.97 -11.85 2.45
N THR A 81 4.55 -10.92 1.73
CA THR A 81 4.32 -9.53 1.96
C THR A 81 3.42 -9.00 0.85
N VAL A 82 2.54 -8.06 1.19
CA VAL A 82 1.51 -7.60 0.26
C VAL A 82 2.12 -6.84 -0.93
N ASP A 83 1.76 -7.26 -2.11
CA ASP A 83 2.34 -6.75 -3.35
C ASP A 83 1.46 -5.72 -4.03
N LEU A 84 2.09 -4.70 -4.58
CA LEU A 84 1.46 -3.69 -5.41
C LEU A 84 2.16 -3.60 -6.73
N GLN A 85 1.44 -3.91 -7.77
CA GLN A 85 1.98 -3.84 -9.09
C GLN A 85 1.59 -2.47 -9.63
N MET A 86 2.58 -1.62 -9.80
CA MET A 86 2.38 -0.27 -10.28
C MET A 86 2.73 -0.26 -11.74
N ASN A 87 1.83 0.14 -12.58
CA ASN A 87 2.11 0.07 -14.00
C ASN A 87 1.59 1.32 -14.67
N ASN A 88 2.20 1.69 -15.81
CA ASN A 88 1.77 2.83 -16.64
C ASN A 88 1.95 4.13 -15.90
N LEU A 89 2.99 4.16 -15.09
CA LEU A 89 3.35 5.30 -14.30
C LEU A 89 3.77 6.48 -15.16
N LYS A 90 3.10 7.59 -14.98
CA LYS A 90 3.42 8.78 -15.70
C LYS A 90 4.31 9.64 -14.81
N PRO A 91 5.05 10.64 -15.37
CA PRO A 91 5.94 11.52 -14.56
C PRO A 91 5.18 12.21 -13.42
N GLU A 92 3.89 12.41 -13.64
CA GLU A 92 2.99 13.03 -12.68
C GLU A 92 2.67 12.11 -11.50
N ASP A 93 2.98 10.82 -11.63
CA ASP A 93 2.65 9.84 -10.61
C ASP A 93 3.74 9.72 -9.57
N THR A 94 4.80 10.51 -9.72
CA THR A 94 5.87 10.57 -8.74
C THR A 94 5.28 11.02 -7.40
N ALA A 95 5.36 10.15 -6.38
CA ALA A 95 4.76 10.45 -5.09
C ALA A 95 5.14 9.43 -4.06
N ASP A 96 4.57 9.55 -2.85
CA ASP A 96 4.83 8.61 -1.78
C ASP A 96 3.75 7.60 -1.77
N TYR A 97 4.09 6.37 -1.85
CA TYR A 97 3.11 5.35 -1.71
C TYR A 97 3.11 4.81 -0.30
N TYR A 98 1.96 4.81 0.28
CA TYR A 98 1.78 4.46 1.67
C TYR A 98 1.08 3.15 1.83
N CYS A 99 1.46 2.45 2.86
CA CYS A 99 0.91 1.15 3.15
C CYS A 99 0.05 1.25 4.38
N ARG A 100 -1.15 0.76 4.27
CA ARG A 100 -2.10 0.76 5.35
C ARG A 100 -2.36 -0.66 5.80
N ALA A 101 -2.28 -0.87 7.06
CA ALA A 101 -2.59 -2.14 7.66
C ALA A 101 -3.71 -1.90 8.64
N GLN A 102 -4.76 -2.61 8.50
CA GLN A 102 -5.90 -2.40 9.35
C GLN A 102 -6.19 -3.64 10.16
N GLN A 103 -6.28 -3.47 11.44
CA GLN A 103 -6.65 -4.54 12.33
C GLN A 103 -8.00 -4.28 12.91
N LYS A 104 -8.83 -5.28 12.88
CA LYS A 104 -10.16 -5.21 13.39
C LYS A 104 -10.16 -5.75 14.81
N ILE A 105 -10.52 -4.90 15.71
CA ILE A 105 -10.41 -5.17 17.12
C ILE A 105 -11.81 -5.28 17.72
N GLY A 106 -11.99 -6.27 18.58
CA GLY A 106 -13.26 -6.47 19.22
C GLY A 106 -14.37 -6.75 18.23
N ARG A 107 -15.29 -5.83 18.13
CA ARG A 107 -16.43 -5.98 17.26
C ARG A 107 -16.44 -4.87 16.21
N ASP A 108 -16.43 -3.62 16.66
CA ASP A 108 -16.54 -2.48 15.73
C ASP A 108 -15.33 -1.57 15.83
N THR A 109 -14.28 -2.03 16.47
CA THR A 109 -13.12 -1.21 16.64
C THR A 109 -12.10 -1.52 15.55
N PHE A 110 -11.53 -0.50 14.98
CA PHE A 110 -10.54 -0.67 13.95
C PHE A 110 -9.37 0.24 14.21
N ARG A 111 -8.19 -0.27 14.05
CA ARG A 111 -7.01 0.53 14.15
C ARG A 111 -6.24 0.43 12.89
N ASP A 112 -5.93 1.56 12.35
CA ASP A 112 -5.28 1.65 11.06
C ASP A 112 -3.86 2.05 11.23
N TYR A 113 -2.99 1.24 10.76
CA TYR A 113 -1.59 1.49 10.89
C TYR A 113 -1.07 1.95 9.56
N TRP A 114 -0.24 2.94 9.58
CA TRP A 114 0.28 3.50 8.36
C TRP A 114 1.79 3.46 8.35
N GLY A 115 2.33 3.01 7.27
CA GLY A 115 3.76 2.99 7.13
C GLY A 115 4.26 4.29 6.58
N GLN A 116 5.56 4.44 6.50
CA GLN A 116 6.15 5.62 5.96
C GLN A 116 6.37 5.41 4.48
N GLY A 117 5.56 6.08 3.72
CA GLY A 117 5.51 5.95 2.29
C GLY A 117 6.81 6.10 1.58
N THR A 118 7.06 5.21 0.67
CA THR A 118 8.25 5.25 -0.12
C THR A 118 7.94 6.09 -1.37
N GLN A 119 8.84 6.95 -1.76
CA GLN A 119 8.58 7.82 -2.88
C GLN A 119 9.13 7.25 -4.17
N VAL A 120 8.29 7.16 -5.14
CA VAL A 120 8.68 6.69 -6.45
C VAL A 120 8.96 7.85 -7.34
N THR A 121 9.98 7.73 -8.12
CA THR A 121 10.35 8.76 -9.03
C THR A 121 10.11 8.26 -10.44
N VAL A 122 9.28 8.95 -11.19
CA VAL A 122 9.02 8.55 -12.55
C VAL A 122 9.61 9.57 -13.50
N SER A 123 10.51 9.15 -14.34
CA SER A 123 11.18 10.04 -15.25
C SER A 123 10.81 9.74 -16.71
N SER A 124 10.75 10.77 -17.50
CA SER A 124 10.47 10.62 -18.90
C SER A 124 11.59 11.33 -19.67
N GLY A 1 5.03 6.73 13.16
CA GLY A 1 3.60 6.99 13.02
C GLY A 1 2.80 5.92 13.69
N SER A 2 1.66 5.58 13.12
CA SER A 2 0.80 4.57 13.67
C SER A 2 1.42 3.18 13.47
N GLY A 3 1.87 2.61 14.54
CA GLY A 3 2.49 1.32 14.51
C GLY A 3 2.87 0.89 15.89
N SER A 4 1.86 0.63 16.70
CA SER A 4 2.04 0.24 18.08
C SER A 4 2.89 -1.04 18.21
N GLN A 5 2.35 -2.14 17.74
CA GLN A 5 3.00 -3.42 17.86
C GLN A 5 3.50 -3.92 16.50
N VAL A 6 3.13 -3.25 15.45
CA VAL A 6 3.48 -3.69 14.12
C VAL A 6 4.47 -2.74 13.44
N GLN A 7 5.43 -3.32 12.79
CA GLN A 7 6.34 -2.60 11.96
C GLN A 7 5.85 -2.69 10.53
N LEU A 8 5.65 -1.55 9.92
CA LEU A 8 5.31 -1.53 8.53
C LEU A 8 6.44 -0.93 7.77
N VAL A 9 6.93 -1.66 6.83
CA VAL A 9 8.04 -1.22 6.05
C VAL A 9 7.70 -1.32 4.58
N GLU A 10 7.56 -0.18 3.93
CA GLU A 10 7.31 -0.15 2.53
C GLU A 10 8.62 -0.15 1.78
N SER A 11 8.74 -1.06 0.87
CA SER A 11 9.89 -1.14 0.05
C SER A 11 9.47 -0.86 -1.38
N GLY A 12 10.34 -0.25 -2.13
CA GLY A 12 10.05 0.13 -3.47
C GLY A 12 10.43 1.55 -3.65
N GLY A 13 9.52 2.34 -4.23
CA GLY A 13 9.78 3.78 -4.41
C GLY A 13 11.04 4.02 -5.19
N GLY A 14 11.14 3.34 -6.28
CA GLY A 14 12.31 3.43 -7.08
C GLY A 14 12.15 4.39 -8.23
N LEU A 15 12.98 4.20 -9.21
CA LEU A 15 13.04 5.04 -10.37
C LEU A 15 12.65 4.23 -11.60
N VAL A 16 11.59 4.64 -12.22
CA VAL A 16 11.04 3.96 -13.39
C VAL A 16 10.85 4.94 -14.53
N GLN A 17 10.81 4.45 -15.73
CA GLN A 17 10.62 5.30 -16.88
C GLN A 17 9.13 5.42 -17.20
N ALA A 18 8.80 6.38 -18.05
CA ALA A 18 7.43 6.59 -18.47
C ALA A 18 6.93 5.36 -19.23
N GLY A 19 5.89 4.76 -18.73
CA GLY A 19 5.36 3.56 -19.32
C GLY A 19 5.87 2.32 -18.60
N GLY A 20 6.75 2.52 -17.66
CA GLY A 20 7.35 1.44 -16.93
C GLY A 20 6.49 0.89 -15.83
N SER A 21 6.95 -0.17 -15.21
CA SER A 21 6.27 -0.83 -14.15
C SER A 21 7.19 -0.96 -12.92
N LEU A 22 6.61 -1.04 -11.75
CA LEU A 22 7.36 -1.11 -10.52
C LEU A 22 6.56 -1.97 -9.57
N ARG A 23 7.20 -2.58 -8.61
CA ARG A 23 6.44 -3.29 -7.61
C ARG A 23 6.92 -2.88 -6.23
N LEU A 24 6.02 -2.38 -5.43
CA LEU A 24 6.35 -1.99 -4.08
C LEU A 24 5.77 -3.01 -3.16
N SER A 25 6.41 -3.24 -2.06
CA SER A 25 5.94 -4.24 -1.15
C SER A 25 5.91 -3.65 0.26
N CYS A 26 4.90 -3.99 1.00
CA CYS A 26 4.71 -3.53 2.34
C CYS A 26 4.78 -4.72 3.26
N ALA A 27 5.70 -4.70 4.18
CA ALA A 27 5.87 -5.82 5.07
C ALA A 27 5.36 -5.49 6.45
N ALA A 28 4.64 -6.41 7.03
CA ALA A 28 4.10 -6.27 8.35
C ALA A 28 4.65 -7.34 9.26
N SER A 29 5.17 -6.93 10.39
CA SER A 29 5.69 -7.86 11.38
C SER A 29 5.35 -7.37 12.79
N GLY A 30 5.20 -8.31 13.72
CA GLY A 30 5.01 -7.95 15.12
C GLY A 30 3.58 -8.12 15.62
N SER A 31 2.64 -8.14 14.73
CA SER A 31 1.23 -8.21 15.11
C SER A 31 0.85 -9.57 15.68
N THR A 32 0.23 -9.56 16.86
CA THR A 32 -0.29 -10.75 17.49
C THR A 32 -1.66 -11.14 16.88
N PHE A 33 -2.17 -10.25 16.06
CA PHE A 33 -3.38 -10.48 15.31
C PHE A 33 -3.03 -10.20 13.87
N SER A 34 -3.40 -11.09 12.99
CA SER A 34 -3.06 -10.96 11.60
C SER A 34 -3.78 -9.78 10.99
N LEU A 35 -3.07 -9.03 10.17
CA LEU A 35 -3.64 -7.88 9.52
C LEU A 35 -4.66 -8.33 8.51
N HIS A 36 -5.89 -7.94 8.72
CA HIS A 36 -6.99 -8.37 7.89
C HIS A 36 -7.06 -7.63 6.58
N LEU A 37 -6.61 -6.42 6.57
CA LEU A 37 -6.59 -5.64 5.36
C LEU A 37 -5.30 -4.88 5.27
N MET A 38 -4.78 -4.79 4.08
CA MET A 38 -3.59 -4.03 3.80
C MET A 38 -3.84 -3.30 2.50
N GLY A 39 -3.37 -2.09 2.41
CA GLY A 39 -3.61 -1.31 1.22
C GLY A 39 -2.62 -0.19 1.03
N TRP A 40 -2.63 0.37 -0.16
CA TRP A 40 -1.73 1.43 -0.54
C TRP A 40 -2.50 2.70 -0.85
N TYR A 41 -1.93 3.79 -0.42
CA TYR A 41 -2.44 5.11 -0.64
C TYR A 41 -1.32 5.95 -1.22
N ARG A 42 -1.64 7.06 -1.79
CA ARG A 42 -0.62 7.87 -2.39
C ARG A 42 -0.81 9.29 -1.99
N GLN A 43 0.25 9.93 -1.65
CA GLN A 43 0.18 11.30 -1.35
C GLN A 43 0.81 12.04 -2.48
N ALA A 44 0.04 12.83 -3.15
CA ALA A 44 0.53 13.61 -4.24
C ALA A 44 0.78 15.00 -3.75
N PRO A 45 1.96 15.56 -4.01
CA PRO A 45 2.32 16.89 -3.55
C PRO A 45 1.36 17.95 -4.06
N GLY A 46 0.79 18.70 -3.15
CA GLY A 46 -0.19 19.70 -3.51
C GLY A 46 -1.61 19.20 -3.34
N LYS A 47 -1.75 17.89 -3.24
CA LYS A 47 -3.05 17.27 -3.09
C LYS A 47 -3.16 16.57 -1.76
N GLN A 48 -4.31 16.01 -1.53
CA GLN A 48 -4.53 15.18 -0.38
C GLN A 48 -4.16 13.75 -0.74
N ARG A 49 -4.00 12.92 0.25
CA ARG A 49 -3.69 11.53 0.02
C ARG A 49 -4.90 10.83 -0.60
N GLU A 50 -4.65 10.09 -1.63
CA GLU A 50 -5.67 9.42 -2.38
C GLU A 50 -5.61 7.94 -2.10
N VAL A 51 -6.75 7.27 -2.18
CA VAL A 51 -6.77 5.85 -2.03
C VAL A 51 -6.40 5.22 -3.36
N VAL A 52 -5.51 4.28 -3.32
CA VAL A 52 -5.08 3.63 -4.51
C VAL A 52 -5.69 2.26 -4.59
N ALA A 53 -5.49 1.48 -3.54
CA ALA A 53 -5.95 0.12 -3.52
C ALA A 53 -5.91 -0.48 -2.13
N THR A 54 -6.90 -1.27 -1.80
CA THR A 54 -6.95 -1.98 -0.53
C THR A 54 -7.27 -3.45 -0.77
N SER A 55 -6.74 -4.32 0.08
CA SER A 55 -6.99 -5.74 -0.03
C SER A 55 -7.33 -6.33 1.34
N GLY A 56 -8.52 -6.88 1.43
CA GLY A 56 -9.01 -7.47 2.66
C GLY A 56 -8.72 -8.95 2.74
N SER A 57 -9.23 -9.58 3.78
CA SER A 57 -8.96 -10.96 4.06
C SER A 57 -9.57 -11.91 3.05
N GLY A 58 -10.79 -11.62 2.63
CA GLY A 58 -11.50 -12.51 1.74
C GLY A 58 -11.22 -12.24 0.29
N GLY A 59 -10.19 -11.45 0.03
CA GLY A 59 -9.86 -11.10 -1.33
C GLY A 59 -10.60 -9.87 -1.73
N ASP A 60 -11.04 -9.14 -0.74
CA ASP A 60 -11.76 -7.89 -0.92
C ASP A 60 -10.81 -6.88 -1.47
N THR A 61 -10.96 -6.54 -2.71
CA THR A 61 -10.03 -5.65 -3.36
C THR A 61 -10.73 -4.42 -3.89
N ASN A 62 -10.26 -3.29 -3.47
CA ASN A 62 -10.79 -2.01 -3.93
C ASN A 62 -9.68 -1.24 -4.56
N TYR A 63 -9.95 -0.63 -5.69
CA TYR A 63 -8.96 0.13 -6.39
C TYR A 63 -9.59 1.42 -6.86
N ALA A 64 -8.79 2.46 -6.99
CA ALA A 64 -9.28 3.71 -7.53
C ALA A 64 -9.60 3.52 -9.01
N ASP A 65 -10.56 4.27 -9.52
CA ASP A 65 -10.99 4.17 -10.94
C ASP A 65 -9.83 4.45 -11.86
N SER A 66 -8.97 5.33 -11.39
CA SER A 66 -7.81 5.76 -12.12
C SER A 66 -6.75 4.65 -12.25
N VAL A 67 -6.82 3.64 -11.38
CA VAL A 67 -5.81 2.61 -11.35
C VAL A 67 -6.38 1.23 -11.68
N LYS A 68 -7.65 1.19 -12.07
CA LYS A 68 -8.32 -0.07 -12.38
C LYS A 68 -7.64 -0.74 -13.57
N GLY A 69 -7.20 -1.96 -13.35
CA GLY A 69 -6.54 -2.73 -14.38
C GLY A 69 -5.10 -2.31 -14.59
N ARG A 70 -4.63 -1.38 -13.80
CA ARG A 70 -3.29 -0.87 -13.93
C ARG A 70 -2.47 -1.19 -12.66
N PHE A 71 -3.10 -0.99 -11.52
CA PHE A 71 -2.46 -1.24 -10.23
C PHE A 71 -3.18 -2.36 -9.51
N THR A 72 -2.44 -3.30 -9.04
CA THR A 72 -3.03 -4.40 -8.30
C THR A 72 -2.20 -4.73 -7.05
N ILE A 73 -2.85 -4.81 -5.90
CA ILE A 73 -2.16 -5.19 -4.69
C ILE A 73 -2.90 -6.35 -4.06
N SER A 74 -2.18 -7.21 -3.42
CA SER A 74 -2.75 -8.33 -2.75
C SER A 74 -1.93 -8.62 -1.51
N ARG A 75 -2.50 -9.35 -0.58
CA ARG A 75 -1.80 -9.80 0.60
C ARG A 75 -2.12 -11.22 0.92
N ASP A 76 -1.10 -11.96 1.23
CA ASP A 76 -1.23 -13.37 1.47
C ASP A 76 -1.32 -13.67 2.95
N ASN A 77 -1.99 -14.74 3.28
CA ASN A 77 -2.17 -15.12 4.67
C ASN A 77 -0.88 -15.71 5.24
N ASP A 78 -0.08 -14.84 5.81
CA ASP A 78 1.22 -15.13 6.46
C ASP A 78 2.18 -15.98 5.64
N LYS A 79 2.89 -15.30 4.75
CA LYS A 79 3.97 -15.87 3.92
C LYS A 79 4.50 -14.82 2.98
N ASN A 80 3.64 -13.92 2.59
CA ASN A 80 4.03 -12.86 1.70
C ASN A 80 3.42 -11.57 2.21
N THR A 81 3.91 -10.47 1.73
CA THR A 81 3.56 -9.17 2.16
C THR A 81 2.72 -8.50 1.07
N VAL A 82 2.03 -7.40 1.38
CA VAL A 82 1.19 -6.75 0.38
C VAL A 82 2.04 -6.00 -0.64
N ASP A 83 1.98 -6.44 -1.86
CA ASP A 83 2.73 -5.80 -2.90
C ASP A 83 1.83 -5.20 -3.92
N LEU A 84 2.27 -4.11 -4.45
CA LEU A 84 1.59 -3.37 -5.45
C LEU A 84 2.31 -3.51 -6.73
N GLN A 85 1.73 -4.26 -7.62
CA GLN A 85 2.27 -4.40 -8.92
C GLN A 85 1.73 -3.18 -9.65
N MET A 86 2.61 -2.30 -9.92
CA MET A 86 2.29 -0.98 -10.37
C MET A 86 2.70 -0.84 -11.84
N ASN A 87 1.75 -0.45 -12.71
CA ASN A 87 2.02 -0.40 -14.16
C ASN A 87 1.54 0.88 -14.77
N ASN A 88 1.95 1.12 -16.04
CA ASN A 88 1.56 2.30 -16.85
C ASN A 88 1.92 3.60 -16.10
N LEU A 89 3.15 3.67 -15.69
CA LEU A 89 3.61 4.79 -14.92
C LEU A 89 3.90 6.01 -15.76
N LYS A 90 3.18 7.05 -15.43
CA LYS A 90 3.29 8.32 -16.10
C LYS A 90 4.14 9.25 -15.26
N PRO A 91 4.89 10.17 -15.89
CA PRO A 91 5.84 11.06 -15.19
C PRO A 91 5.20 11.89 -14.06
N GLU A 92 3.91 12.15 -14.20
CA GLU A 92 3.17 12.95 -13.23
C GLU A 92 2.77 12.15 -12.00
N ASP A 93 3.02 10.86 -12.03
CA ASP A 93 2.63 9.97 -10.92
C ASP A 93 3.71 9.90 -9.86
N THR A 94 4.77 10.67 -10.04
CA THR A 94 5.82 10.77 -9.06
C THR A 94 5.22 11.39 -7.77
N ALA A 95 5.23 10.62 -6.69
CA ALA A 95 4.61 11.01 -5.43
C ALA A 95 5.01 10.03 -4.35
N ASP A 96 4.36 10.08 -3.20
CA ASP A 96 4.74 9.19 -2.11
C ASP A 96 3.69 8.14 -1.92
N TYR A 97 4.09 6.92 -1.95
CA TYR A 97 3.17 5.85 -1.68
C TYR A 97 3.27 5.41 -0.25
N TYR A 98 2.15 5.41 0.39
CA TYR A 98 2.02 5.05 1.78
C TYR A 98 1.21 3.77 1.94
N CYS A 99 1.61 2.94 2.86
CA CYS A 99 0.93 1.69 3.12
C CYS A 99 0.24 1.72 4.47
N ARG A 100 -0.92 1.09 4.54
CA ARG A 100 -1.62 0.94 5.79
C ARG A 100 -2.00 -0.50 6.02
N ALA A 101 -2.07 -0.84 7.25
CA ALA A 101 -2.47 -2.14 7.70
C ALA A 101 -3.69 -1.96 8.56
N GLN A 102 -4.61 -2.86 8.43
CA GLN A 102 -5.83 -2.81 9.19
C GLN A 102 -5.89 -4.05 10.05
N GLN A 103 -6.03 -3.85 11.32
CA GLN A 103 -6.05 -4.95 12.25
C GLN A 103 -7.34 -4.91 13.03
N LYS A 104 -7.98 -6.03 13.12
CA LYS A 104 -9.19 -6.14 13.87
C LYS A 104 -8.85 -6.53 15.30
N ILE A 105 -9.21 -5.67 16.20
CA ILE A 105 -8.95 -5.86 17.60
C ILE A 105 -10.20 -6.45 18.23
N GLY A 106 -10.01 -7.45 19.07
CA GLY A 106 -11.13 -8.13 19.69
C GLY A 106 -11.99 -8.77 18.64
N ARG A 107 -13.23 -8.33 18.57
CA ARG A 107 -14.17 -8.81 17.58
C ARG A 107 -14.98 -7.66 17.00
N ASP A 108 -14.49 -6.42 17.16
CA ASP A 108 -15.29 -5.28 16.68
C ASP A 108 -14.47 -4.01 16.44
N THR A 109 -13.33 -3.90 17.05
CA THR A 109 -12.57 -2.69 16.93
C THR A 109 -11.50 -2.83 15.84
N PHE A 110 -11.15 -1.75 15.18
CA PHE A 110 -10.15 -1.79 14.12
C PHE A 110 -9.12 -0.69 14.30
N ARG A 111 -7.90 -0.95 13.86
CA ARG A 111 -6.83 0.03 13.89
C ARG A 111 -6.09 0.02 12.60
N ASP A 112 -5.79 1.20 12.12
CA ASP A 112 -4.99 1.36 10.92
C ASP A 112 -3.61 1.81 11.27
N TYR A 113 -2.68 1.03 10.86
CA TYR A 113 -1.31 1.30 11.08
C TYR A 113 -0.73 1.76 9.78
N TRP A 114 0.21 2.64 9.85
CA TRP A 114 0.79 3.20 8.65
C TRP A 114 2.30 3.11 8.71
N GLY A 115 2.92 2.97 7.56
CA GLY A 115 4.34 2.83 7.51
C GLY A 115 5.05 4.07 7.00
N GLN A 116 6.23 3.86 6.48
CA GLN A 116 7.05 4.91 5.97
C GLN A 116 6.94 4.96 4.45
N GLY A 117 6.27 5.99 3.98
CA GLY A 117 6.01 6.15 2.60
C GLY A 117 7.23 6.40 1.77
N THR A 118 7.32 5.71 0.69
CA THR A 118 8.44 5.84 -0.21
C THR A 118 8.01 6.62 -1.46
N GLN A 119 8.89 7.45 -1.96
CA GLN A 119 8.60 8.28 -3.10
C GLN A 119 8.94 7.54 -4.36
N VAL A 120 8.01 7.49 -5.27
CA VAL A 120 8.20 6.84 -6.53
C VAL A 120 8.62 7.90 -7.54
N THR A 121 9.57 7.59 -8.37
CA THR A 121 10.05 8.54 -9.32
C THR A 121 9.94 8.01 -10.74
N VAL A 122 9.22 8.72 -11.57
CA VAL A 122 9.07 8.34 -12.95
C VAL A 122 9.87 9.30 -13.83
N SER A 123 10.68 8.75 -14.70
CA SER A 123 11.54 9.51 -15.56
C SER A 123 10.83 9.88 -16.85
N SER A 124 11.07 11.08 -17.32
CA SER A 124 10.55 11.54 -18.55
C SER A 124 11.72 11.83 -19.50
N GLY A 1 4.22 8.00 9.69
CA GLY A 1 4.52 6.59 9.97
C GLY A 1 4.30 6.28 11.44
N SER A 2 3.35 5.43 11.72
CA SER A 2 3.02 5.07 13.08
C SER A 2 2.73 3.56 13.18
N GLY A 3 3.12 2.99 14.30
CA GLY A 3 2.93 1.58 14.55
C GLY A 3 3.77 1.15 15.71
N SER A 4 3.13 0.65 16.75
CA SER A 4 3.85 0.25 17.96
C SER A 4 4.59 -1.09 17.78
N GLN A 5 3.86 -2.20 17.82
CA GLN A 5 4.48 -3.49 17.62
C GLN A 5 4.38 -3.92 16.19
N VAL A 6 3.41 -3.41 15.51
CA VAL A 6 3.24 -3.70 14.12
C VAL A 6 3.96 -2.65 13.31
N GLN A 7 4.94 -3.08 12.59
CA GLN A 7 5.74 -2.20 11.80
C GLN A 7 5.50 -2.48 10.34
N LEU A 8 5.21 -1.44 9.59
CA LEU A 8 5.08 -1.55 8.16
C LEU A 8 6.34 -1.07 7.51
N VAL A 9 6.92 -1.90 6.68
CA VAL A 9 8.14 -1.53 5.99
C VAL A 9 7.89 -1.52 4.48
N GLU A 10 7.86 -0.35 3.90
CA GLU A 10 7.69 -0.22 2.47
C GLU A 10 9.04 -0.24 1.79
N SER A 11 9.15 -1.09 0.81
CA SER A 11 10.36 -1.21 0.04
C SER A 11 10.15 -0.63 -1.36
N GLY A 12 11.24 -0.21 -1.99
CA GLY A 12 11.16 0.35 -3.31
C GLY A 12 11.08 1.86 -3.25
N GLY A 13 10.50 2.46 -4.26
CA GLY A 13 10.40 3.90 -4.29
C GLY A 13 11.60 4.50 -4.92
N GLY A 14 11.91 4.00 -6.06
CA GLY A 14 13.08 4.41 -6.77
C GLY A 14 12.74 5.18 -8.01
N LEU A 15 13.40 4.84 -9.09
CA LEU A 15 13.25 5.54 -10.34
C LEU A 15 12.81 4.57 -11.43
N VAL A 16 11.92 5.04 -12.27
CA VAL A 16 11.38 4.30 -13.40
C VAL A 16 11.15 5.21 -14.56
N GLN A 17 11.03 4.64 -15.73
CA GLN A 17 10.75 5.40 -16.92
C GLN A 17 9.26 5.40 -17.18
N ALA A 18 8.79 6.42 -17.89
CA ALA A 18 7.36 6.54 -18.23
C ALA A 18 6.84 5.30 -18.95
N GLY A 19 5.77 4.75 -18.43
CA GLY A 19 5.18 3.56 -19.00
C GLY A 19 5.68 2.29 -18.34
N GLY A 20 6.69 2.44 -17.50
CA GLY A 20 7.27 1.32 -16.79
C GLY A 20 6.38 0.85 -15.66
N SER A 21 6.78 -0.22 -15.02
CA SER A 21 6.01 -0.76 -13.93
C SER A 21 6.86 -0.88 -12.65
N LEU A 22 6.18 -0.92 -11.52
CA LEU A 22 6.81 -1.09 -10.23
C LEU A 22 6.06 -2.04 -9.38
N ARG A 23 6.75 -2.58 -8.42
CA ARG A 23 6.15 -3.35 -7.37
C ARG A 23 6.77 -2.95 -6.09
N LEU A 24 5.96 -2.45 -5.22
CA LEU A 24 6.43 -2.02 -3.93
C LEU A 24 5.90 -2.95 -2.90
N SER A 25 6.74 -3.44 -2.05
CA SER A 25 6.33 -4.40 -1.07
C SER A 25 6.27 -3.78 0.32
N CYS A 26 5.21 -4.06 1.01
CA CYS A 26 4.99 -3.60 2.35
C CYS A 26 5.07 -4.81 3.25
N ALA A 27 5.98 -4.79 4.19
CA ALA A 27 6.13 -5.89 5.08
C ALA A 27 5.58 -5.55 6.45
N ALA A 28 4.57 -6.28 6.86
CA ALA A 28 3.96 -6.07 8.14
C ALA A 28 4.38 -7.17 9.10
N SER A 29 4.90 -6.79 10.21
CA SER A 29 5.28 -7.73 11.24
C SER A 29 4.94 -7.16 12.61
N GLY A 30 4.48 -8.01 13.52
CA GLY A 30 4.16 -7.57 14.86
C GLY A 30 2.79 -8.03 15.32
N SER A 31 1.95 -8.40 14.37
CA SER A 31 0.61 -8.84 14.68
C SER A 31 0.59 -10.32 15.07
N THR A 32 -0.16 -10.65 16.11
CA THR A 32 -0.31 -12.01 16.55
C THR A 32 -1.48 -12.65 15.80
N PHE A 33 -2.40 -11.81 15.37
CA PHE A 33 -3.53 -12.23 14.56
C PHE A 33 -3.15 -12.02 13.10
N SER A 34 -3.97 -12.45 12.21
CA SER A 34 -3.71 -12.25 10.81
C SER A 34 -4.19 -10.85 10.41
N LEU A 35 -3.46 -10.22 9.51
CA LEU A 35 -3.80 -8.89 9.04
C LEU A 35 -5.07 -8.96 8.24
N HIS A 36 -6.04 -8.19 8.65
CA HIS A 36 -7.33 -8.23 8.02
C HIS A 36 -7.40 -7.34 6.80
N LEU A 37 -6.77 -6.20 6.84
CA LEU A 37 -6.81 -5.30 5.73
C LEU A 37 -5.44 -4.72 5.45
N MET A 38 -5.13 -4.63 4.18
CA MET A 38 -3.89 -4.09 3.66
C MET A 38 -4.23 -3.13 2.55
N GLY A 39 -3.54 -2.06 2.46
CA GLY A 39 -3.77 -1.15 1.38
C GLY A 39 -2.62 -0.24 1.10
N TRP A 40 -2.61 0.28 -0.09
CA TRP A 40 -1.64 1.24 -0.53
C TRP A 40 -2.31 2.54 -0.91
N TYR A 41 -1.68 3.60 -0.54
CA TYR A 41 -2.16 4.93 -0.78
C TYR A 41 -1.07 5.73 -1.44
N ARG A 42 -1.40 6.88 -1.93
CA ARG A 42 -0.45 7.69 -2.58
C ARG A 42 -0.62 9.11 -2.13
N GLN A 43 0.43 9.78 -1.83
CA GLN A 43 0.33 11.12 -1.45
C GLN A 43 1.06 11.97 -2.47
N ALA A 44 0.34 12.83 -3.14
CA ALA A 44 0.94 13.69 -4.11
C ALA A 44 0.87 15.13 -3.63
N PRO A 45 1.92 15.92 -3.86
CA PRO A 45 1.97 17.32 -3.43
C PRO A 45 0.87 18.16 -4.07
N GLY A 46 0.14 18.86 -3.24
CA GLY A 46 -0.92 19.72 -3.72
C GLY A 46 -2.29 19.07 -3.62
N LYS A 47 -2.32 17.76 -3.56
CA LYS A 47 -3.58 17.06 -3.40
C LYS A 47 -3.58 16.26 -2.10
N GLN A 48 -4.68 15.61 -1.83
CA GLN A 48 -4.81 14.80 -0.65
C GLN A 48 -4.27 13.40 -0.92
N ARG A 49 -4.03 12.64 0.12
CA ARG A 49 -3.55 11.30 -0.03
C ARG A 49 -4.71 10.43 -0.49
N GLU A 50 -4.56 9.85 -1.64
CA GLU A 50 -5.63 9.10 -2.26
C GLU A 50 -5.41 7.62 -2.09
N VAL A 51 -6.50 6.87 -2.09
CA VAL A 51 -6.42 5.44 -2.05
C VAL A 51 -6.05 4.91 -3.42
N VAL A 52 -5.13 3.99 -3.45
CA VAL A 52 -4.69 3.42 -4.69
C VAL A 52 -5.23 2.01 -4.82
N ALA A 53 -5.01 1.21 -3.81
CA ALA A 53 -5.44 -0.18 -3.83
C ALA A 53 -5.55 -0.70 -2.42
N THR A 54 -6.62 -1.37 -2.13
CA THR A 54 -6.83 -1.95 -0.83
C THR A 54 -7.27 -3.40 -0.94
N SER A 55 -7.06 -4.14 0.10
CA SER A 55 -7.53 -5.49 0.22
C SER A 55 -8.22 -5.59 1.56
N GLY A 56 -9.49 -5.89 1.54
CA GLY A 56 -10.27 -5.95 2.74
C GLY A 56 -10.21 -7.28 3.43
N SER A 57 -10.94 -7.37 4.54
CA SER A 57 -10.95 -8.54 5.40
C SER A 57 -11.62 -9.73 4.73
N GLY A 58 -12.49 -9.46 3.78
CA GLY A 58 -13.16 -10.52 3.07
C GLY A 58 -12.45 -10.84 1.77
N GLY A 59 -11.27 -10.25 1.59
CA GLY A 59 -10.48 -10.52 0.41
C GLY A 59 -10.87 -9.65 -0.76
N ASP A 60 -11.84 -8.79 -0.55
CA ASP A 60 -12.30 -7.90 -1.60
C ASP A 60 -11.33 -6.77 -1.77
N THR A 61 -10.87 -6.57 -2.96
CA THR A 61 -9.91 -5.56 -3.23
C THR A 61 -10.55 -4.38 -3.94
N ASN A 62 -10.12 -3.20 -3.62
CA ASN A 62 -10.68 -2.00 -4.22
C ASN A 62 -9.58 -1.09 -4.60
N TYR A 63 -9.60 -0.63 -5.81
CA TYR A 63 -8.55 0.22 -6.31
C TYR A 63 -9.18 1.51 -6.71
N ALA A 64 -8.38 2.54 -6.89
CA ALA A 64 -8.88 3.76 -7.43
C ALA A 64 -9.34 3.47 -8.84
N ASP A 65 -10.41 4.08 -9.24
CA ASP A 65 -10.97 3.83 -10.57
C ASP A 65 -9.99 4.20 -11.67
N SER A 66 -9.11 5.15 -11.37
CA SER A 66 -8.09 5.58 -12.31
C SER A 66 -6.95 4.55 -12.45
N VAL A 67 -6.77 3.70 -11.45
CA VAL A 67 -5.67 2.73 -11.47
C VAL A 67 -6.21 1.34 -11.67
N LYS A 68 -7.51 1.27 -11.80
CA LYS A 68 -8.24 0.03 -11.86
C LYS A 68 -7.76 -0.79 -13.06
N GLY A 69 -7.28 -1.99 -12.78
CA GLY A 69 -6.83 -2.87 -13.84
C GLY A 69 -5.35 -2.72 -14.13
N ARG A 70 -4.81 -1.52 -13.96
CA ARG A 70 -3.41 -1.27 -14.25
C ARG A 70 -2.57 -1.54 -13.03
N PHE A 71 -3.14 -1.25 -11.89
CA PHE A 71 -2.51 -1.52 -10.63
C PHE A 71 -3.13 -2.77 -10.05
N THR A 72 -2.33 -3.62 -9.49
CA THR A 72 -2.81 -4.85 -8.90
C THR A 72 -2.13 -5.06 -7.53
N ILE A 73 -2.89 -5.38 -6.52
CA ILE A 73 -2.37 -5.56 -5.21
C ILE A 73 -2.30 -7.06 -4.90
N SER A 74 -1.36 -7.47 -4.10
CA SER A 74 -1.21 -8.87 -3.80
C SER A 74 -0.75 -9.06 -2.35
N ARG A 75 -1.62 -9.66 -1.53
CA ARG A 75 -1.28 -9.95 -0.16
C ARG A 75 -1.79 -11.25 0.39
N ASP A 76 -1.05 -11.78 1.32
CA ASP A 76 -1.48 -12.86 2.16
C ASP A 76 -1.86 -12.25 3.49
N ASN A 77 -2.68 -12.90 4.24
CA ASN A 77 -3.14 -12.33 5.49
C ASN A 77 -2.17 -12.53 6.66
N ASP A 78 -1.16 -13.39 6.54
CA ASP A 78 -0.28 -13.57 7.70
C ASP A 78 1.17 -13.93 7.36
N LYS A 79 1.40 -14.66 6.28
CA LYS A 79 2.72 -15.16 5.99
C LYS A 79 3.44 -14.33 4.91
N ASN A 80 2.69 -13.76 4.01
CA ASN A 80 3.29 -12.99 2.93
C ASN A 80 3.00 -11.49 3.14
N THR A 81 3.67 -10.66 2.40
CA THR A 81 3.60 -9.24 2.54
C THR A 81 2.86 -8.63 1.34
N VAL A 82 2.29 -7.46 1.53
CA VAL A 82 1.48 -6.84 0.49
C VAL A 82 2.31 -6.02 -0.48
N ASP A 83 2.30 -6.41 -1.71
CA ASP A 83 2.97 -5.64 -2.73
C ASP A 83 1.96 -5.14 -3.72
N LEU A 84 2.20 -3.97 -4.21
CA LEU A 84 1.35 -3.39 -5.20
C LEU A 84 2.12 -3.29 -6.49
N GLN A 85 1.51 -3.70 -7.55
CA GLN A 85 2.10 -3.67 -8.86
C GLN A 85 1.51 -2.48 -9.60
N MET A 86 2.33 -1.49 -9.84
CA MET A 86 1.91 -0.28 -10.53
C MET A 86 2.31 -0.38 -11.98
N ASN A 87 1.38 -0.24 -12.86
CA ASN A 87 1.69 -0.19 -14.28
C ASN A 87 1.11 1.10 -14.81
N ASN A 88 1.58 1.57 -15.97
CA ASN A 88 1.16 2.86 -16.53
C ASN A 88 1.67 3.98 -15.64
N LEU A 89 2.94 3.87 -15.28
CA LEU A 89 3.58 4.90 -14.52
C LEU A 89 3.79 6.09 -15.40
N LYS A 90 3.20 7.16 -14.99
CA LYS A 90 3.16 8.38 -15.75
C LYS A 90 4.16 9.34 -15.15
N PRO A 91 4.62 10.34 -15.90
CA PRO A 91 5.62 11.30 -15.40
C PRO A 91 5.14 11.99 -14.11
N GLU A 92 3.86 12.21 -14.03
CA GLU A 92 3.24 12.84 -12.89
C GLU A 92 2.68 11.81 -11.90
N ASP A 93 3.04 10.55 -12.07
CA ASP A 93 2.60 9.50 -11.14
C ASP A 93 3.63 9.47 -10.02
N THR A 94 4.68 10.27 -10.23
CA THR A 94 5.72 10.49 -9.28
C THR A 94 5.09 11.06 -8.01
N ALA A 95 5.17 10.31 -6.93
CA ALA A 95 4.55 10.70 -5.67
C ALA A 95 4.92 9.76 -4.59
N ASP A 96 4.40 9.96 -3.40
CA ASP A 96 4.75 9.14 -2.26
C ASP A 96 3.77 8.03 -2.14
N TYR A 97 4.23 6.83 -2.14
CA TYR A 97 3.36 5.74 -1.91
C TYR A 97 3.45 5.27 -0.47
N TYR A 98 2.31 5.22 0.16
CA TYR A 98 2.18 4.87 1.56
C TYR A 98 1.45 3.56 1.75
N CYS A 99 1.80 2.83 2.77
CA CYS A 99 1.16 1.57 3.07
C CYS A 99 0.31 1.70 4.33
N ARG A 100 -0.82 1.02 4.31
CA ARG A 100 -1.75 0.99 5.39
C ARG A 100 -2.10 -0.45 5.73
N ALA A 101 -2.11 -0.76 6.98
CA ALA A 101 -2.55 -2.05 7.44
C ALA A 101 -3.58 -1.83 8.51
N GLN A 102 -4.52 -2.69 8.58
CA GLN A 102 -5.53 -2.60 9.59
C GLN A 102 -5.74 -3.96 10.18
N GLN A 103 -5.62 -4.04 11.47
CA GLN A 103 -5.69 -5.29 12.17
C GLN A 103 -6.80 -5.19 13.21
N LYS A 104 -7.55 -6.26 13.35
CA LYS A 104 -8.64 -6.32 14.27
C LYS A 104 -8.12 -6.80 15.60
N ILE A 105 -8.25 -5.97 16.57
CA ILE A 105 -7.73 -6.23 17.87
C ILE A 105 -8.87 -6.72 18.74
N GLY A 106 -8.60 -7.75 19.51
CA GLY A 106 -9.59 -8.31 20.38
C GLY A 106 -10.67 -9.05 19.62
N ARG A 107 -11.69 -8.32 19.23
CA ARG A 107 -12.80 -8.88 18.50
C ARG A 107 -13.45 -7.82 17.62
N ASP A 108 -13.60 -6.61 18.13
CA ASP A 108 -14.26 -5.55 17.37
C ASP A 108 -13.45 -4.27 17.32
N THR A 109 -12.24 -4.30 17.81
CA THR A 109 -11.42 -3.10 17.80
C THR A 109 -10.53 -3.12 16.57
N PHE A 110 -10.33 -1.99 15.94
CA PHE A 110 -9.50 -1.93 14.75
C PHE A 110 -8.45 -0.85 14.91
N ARG A 111 -7.26 -1.13 14.47
CA ARG A 111 -6.20 -0.14 14.52
C ARG A 111 -5.62 0.05 13.15
N ASP A 112 -5.32 1.28 12.84
CA ASP A 112 -4.79 1.66 11.54
C ASP A 112 -3.30 1.82 11.64
N TYR A 113 -2.60 1.12 10.82
CA TYR A 113 -1.15 1.20 10.79
C TYR A 113 -0.73 1.88 9.52
N TRP A 114 0.18 2.81 9.63
CA TRP A 114 0.70 3.52 8.48
C TRP A 114 2.19 3.47 8.51
N GLY A 115 2.79 3.08 7.42
CA GLY A 115 4.22 2.97 7.35
C GLY A 115 4.86 4.24 6.84
N GLN A 116 6.15 4.19 6.66
CA GLN A 116 6.87 5.30 6.12
C GLN A 116 7.04 5.05 4.65
N GLY A 117 6.32 5.81 3.89
CA GLY A 117 6.27 5.62 2.48
C GLY A 117 7.52 6.02 1.77
N THR A 118 7.54 5.73 0.53
CA THR A 118 8.64 6.04 -0.32
C THR A 118 8.10 6.71 -1.58
N GLN A 119 8.79 7.68 -2.10
CA GLN A 119 8.29 8.33 -3.28
C GLN A 119 8.96 7.81 -4.52
N VAL A 120 8.19 7.62 -5.52
CA VAL A 120 8.64 7.08 -6.78
C VAL A 120 8.90 8.17 -7.76
N THR A 121 9.95 8.04 -8.50
CA THR A 121 10.27 9.02 -9.49
C THR A 121 10.08 8.42 -10.88
N VAL A 122 9.22 9.00 -11.68
CA VAL A 122 9.03 8.55 -13.03
C VAL A 122 9.71 9.52 -14.00
N SER A 123 10.54 8.99 -14.86
CA SER A 123 11.32 9.78 -15.78
C SER A 123 10.76 9.77 -17.20
N SER A 124 10.90 10.88 -17.89
CA SER A 124 10.50 10.99 -19.26
C SER A 124 11.73 11.31 -20.11
N GLY A 1 -0.84 0.24 25.40
CA GLY A 1 0.55 0.61 25.25
C GLY A 1 1.15 -0.02 24.03
N SER A 2 2.35 -0.58 24.20
CA SER A 2 3.10 -1.30 23.15
C SER A 2 3.65 -0.37 22.04
N GLY A 3 3.01 0.76 21.83
CA GLY A 3 3.38 1.64 20.77
C GLY A 3 3.06 0.99 19.46
N SER A 4 4.05 0.59 18.76
CA SER A 4 3.88 -0.12 17.55
C SER A 4 4.88 -1.26 17.51
N GLN A 5 4.44 -2.46 17.86
CA GLN A 5 5.32 -3.62 17.79
C GLN A 5 5.34 -4.14 16.38
N VAL A 6 4.33 -3.77 15.64
CA VAL A 6 4.25 -4.11 14.26
C VAL A 6 5.10 -3.16 13.44
N GLN A 7 6.06 -3.70 12.78
CA GLN A 7 6.94 -2.94 11.96
C GLN A 7 6.57 -3.17 10.53
N LEU A 8 6.28 -2.11 9.84
CA LEU A 8 5.99 -2.17 8.45
C LEU A 8 7.22 -1.81 7.67
N VAL A 9 7.60 -2.65 6.74
CA VAL A 9 8.74 -2.38 5.90
C VAL A 9 8.31 -2.29 4.47
N GLU A 10 8.38 -1.10 3.92
CA GLU A 10 8.00 -0.86 2.56
C GLU A 10 9.22 -1.04 1.68
N SER A 11 9.05 -1.79 0.66
CA SER A 11 10.10 -2.01 -0.28
C SER A 11 9.68 -1.36 -1.58
N GLY A 12 10.63 -0.87 -2.31
CA GLY A 12 10.35 -0.16 -3.54
C GLY A 12 10.64 1.31 -3.35
N GLY A 13 9.92 2.17 -4.05
CA GLY A 13 10.15 3.60 -3.86
C GLY A 13 11.34 4.08 -4.63
N GLY A 14 11.38 3.74 -5.88
CA GLY A 14 12.52 4.06 -6.69
C GLY A 14 12.18 4.94 -7.88
N LEU A 15 13.07 4.92 -8.85
CA LEU A 15 12.97 5.71 -10.06
C LEU A 15 12.55 4.83 -11.23
N VAL A 16 11.58 5.29 -11.99
CA VAL A 16 11.06 4.54 -13.12
C VAL A 16 10.92 5.50 -14.32
N GLN A 17 10.86 4.95 -15.48
CA GLN A 17 10.69 5.68 -16.70
C GLN A 17 9.20 5.76 -17.01
N ALA A 18 8.81 6.69 -17.86
CA ALA A 18 7.41 6.86 -18.24
C ALA A 18 6.91 5.61 -18.97
N GLY A 19 5.88 5.00 -18.42
CA GLY A 19 5.33 3.79 -19.00
C GLY A 19 5.84 2.56 -18.28
N GLY A 20 6.74 2.78 -17.35
CA GLY A 20 7.36 1.70 -16.64
C GLY A 20 6.51 1.12 -15.52
N SER A 21 7.01 0.07 -14.92
CA SER A 21 6.36 -0.58 -13.82
C SER A 21 7.33 -0.76 -12.64
N LEU A 22 6.81 -0.61 -11.45
CA LEU A 22 7.57 -0.76 -10.22
C LEU A 22 6.64 -1.36 -9.20
N ARG A 23 7.19 -2.03 -8.21
CA ARG A 23 6.36 -2.72 -7.23
C ARG A 23 6.75 -2.34 -5.82
N LEU A 24 5.76 -2.16 -5.00
CA LEU A 24 5.90 -1.88 -3.60
C LEU A 24 5.51 -3.11 -2.81
N SER A 25 6.23 -3.37 -1.76
CA SER A 25 5.92 -4.48 -0.91
C SER A 25 5.81 -3.96 0.51
N CYS A 26 4.76 -4.32 1.18
CA CYS A 26 4.57 -3.91 2.56
C CYS A 26 4.72 -5.14 3.42
N ALA A 27 5.67 -5.13 4.32
CA ALA A 27 5.92 -6.28 5.15
C ALA A 27 5.59 -6.00 6.60
N ALA A 28 4.64 -6.74 7.12
CA ALA A 28 4.20 -6.59 8.49
C ALA A 28 4.84 -7.66 9.36
N SER A 29 5.54 -7.22 10.37
CA SER A 29 6.19 -8.12 11.30
C SER A 29 6.04 -7.57 12.72
N GLY A 30 6.19 -8.41 13.71
CA GLY A 30 6.05 -7.98 15.09
C GLY A 30 4.62 -8.09 15.60
N SER A 31 3.82 -8.87 14.92
CA SER A 31 2.45 -9.09 15.32
C SER A 31 2.01 -10.52 15.11
N THR A 32 1.22 -11.02 16.02
CA THR A 32 0.67 -12.35 15.94
C THR A 32 -0.66 -12.33 15.18
N PHE A 33 -1.31 -11.17 15.19
CA PHE A 33 -2.56 -11.00 14.50
C PHE A 33 -2.30 -10.68 13.05
N SER A 34 -3.05 -11.27 12.17
CA SER A 34 -2.93 -10.95 10.79
C SER A 34 -3.84 -9.77 10.51
N LEU A 35 -3.45 -8.93 9.60
CA LEU A 35 -4.18 -7.72 9.31
C LEU A 35 -5.50 -8.03 8.65
N HIS A 36 -6.52 -7.32 9.08
CA HIS A 36 -7.88 -7.53 8.64
C HIS A 36 -8.08 -6.86 7.27
N LEU A 37 -7.28 -5.84 7.03
CA LEU A 37 -7.29 -5.08 5.78
C LEU A 37 -5.94 -4.39 5.61
N MET A 38 -5.45 -4.39 4.39
CA MET A 38 -4.22 -3.68 4.02
C MET A 38 -4.39 -3.16 2.63
N GLY A 39 -3.92 -1.97 2.42
CA GLY A 39 -4.04 -1.31 1.15
C GLY A 39 -3.03 -0.21 1.00
N TRP A 40 -2.91 0.28 -0.20
CA TRP A 40 -1.97 1.30 -0.52
C TRP A 40 -2.66 2.57 -0.96
N TYR A 41 -2.11 3.67 -0.51
CA TYR A 41 -2.58 4.98 -0.81
C TYR A 41 -1.42 5.74 -1.41
N ARG A 42 -1.67 6.88 -1.97
CA ARG A 42 -0.60 7.64 -2.53
C ARG A 42 -0.78 9.07 -2.12
N GLN A 43 0.31 9.73 -1.83
CA GLN A 43 0.24 11.11 -1.46
C GLN A 43 1.18 11.89 -2.34
N ALA A 44 0.61 12.78 -3.12
CA ALA A 44 1.37 13.59 -4.05
C ALA A 44 1.30 15.06 -3.65
N PRO A 45 2.37 15.85 -3.94
CA PRO A 45 2.38 17.28 -3.62
C PRO A 45 1.33 18.02 -4.44
N GLY A 46 0.47 18.73 -3.75
CA GLY A 46 -0.58 19.49 -4.41
C GLY A 46 -1.80 18.65 -4.64
N LYS A 47 -1.71 17.38 -4.33
CA LYS A 47 -2.79 16.47 -4.52
C LYS A 47 -3.23 15.94 -3.19
N GLN A 48 -4.24 15.14 -3.20
CA GLN A 48 -4.74 14.55 -2.00
C GLN A 48 -4.29 13.12 -1.92
N ARG A 49 -4.26 12.59 -0.73
CA ARG A 49 -3.96 11.21 -0.56
C ARG A 49 -5.22 10.43 -0.81
N GLU A 50 -5.24 9.74 -1.90
CA GLU A 50 -6.39 9.02 -2.34
C GLU A 50 -6.14 7.54 -2.25
N VAL A 51 -7.21 6.78 -2.11
CA VAL A 51 -7.11 5.37 -2.09
C VAL A 51 -6.75 4.86 -3.47
N VAL A 52 -5.65 4.17 -3.56
CA VAL A 52 -5.19 3.65 -4.80
C VAL A 52 -5.68 2.23 -4.96
N ALA A 53 -5.43 1.44 -3.93
CA ALA A 53 -5.80 0.06 -3.95
C ALA A 53 -5.92 -0.46 -2.53
N THR A 54 -6.95 -1.18 -2.24
CA THR A 54 -7.15 -1.77 -0.92
C THR A 54 -7.60 -3.20 -1.02
N SER A 55 -7.31 -3.96 -0.01
CA SER A 55 -7.75 -5.29 0.10
C SER A 55 -8.47 -5.41 1.41
N GLY A 56 -9.73 -5.72 1.35
CA GLY A 56 -10.55 -5.78 2.53
C GLY A 56 -10.67 -7.16 3.10
N SER A 57 -11.42 -7.25 4.17
CA SER A 57 -11.63 -8.48 4.92
C SER A 57 -12.25 -9.59 4.08
N GLY A 58 -13.15 -9.23 3.19
CA GLY A 58 -13.80 -10.23 2.36
C GLY A 58 -12.92 -10.67 1.20
N GLY A 59 -11.75 -10.09 1.11
CA GLY A 59 -10.87 -10.39 0.01
C GLY A 59 -11.25 -9.55 -1.18
N ASP A 60 -11.79 -8.39 -0.88
CA ASP A 60 -12.22 -7.46 -1.89
C ASP A 60 -11.10 -6.54 -2.22
N THR A 61 -10.85 -6.40 -3.47
CA THR A 61 -9.83 -5.51 -3.91
C THR A 61 -10.47 -4.28 -4.51
N ASN A 62 -10.14 -3.14 -4.00
CA ASN A 62 -10.68 -1.90 -4.50
C ASN A 62 -9.57 -1.13 -5.11
N TYR A 63 -9.81 -0.57 -6.25
CA TYR A 63 -8.81 0.18 -6.96
C TYR A 63 -9.42 1.44 -7.51
N ALA A 64 -8.63 2.48 -7.64
CA ALA A 64 -9.07 3.70 -8.28
C ALA A 64 -9.37 3.41 -9.73
N ASP A 65 -10.33 4.10 -10.31
CA ASP A 65 -10.72 3.86 -11.71
C ASP A 65 -9.58 4.12 -12.66
N SER A 66 -8.69 4.99 -12.26
CA SER A 66 -7.55 5.32 -13.07
C SER A 66 -6.44 4.24 -12.98
N VAL A 67 -6.53 3.37 -12.00
CA VAL A 67 -5.48 2.39 -11.82
C VAL A 67 -5.99 0.98 -12.13
N LYS A 68 -7.22 0.90 -12.60
CA LYS A 68 -7.85 -0.37 -12.94
C LYS A 68 -7.11 -1.08 -14.06
N GLY A 69 -6.68 -2.30 -13.80
CA GLY A 69 -5.96 -3.09 -14.78
C GLY A 69 -4.49 -2.70 -14.84
N ARG A 70 -4.12 -1.75 -14.03
CA ARG A 70 -2.77 -1.24 -14.00
C ARG A 70 -2.12 -1.56 -12.67
N PHE A 71 -2.80 -1.22 -11.59
CA PHE A 71 -2.28 -1.41 -10.24
C PHE A 71 -3.00 -2.56 -9.58
N THR A 72 -2.26 -3.43 -8.99
CA THR A 72 -2.85 -4.56 -8.29
C THR A 72 -2.16 -4.79 -6.93
N ILE A 73 -2.95 -5.03 -5.87
CA ILE A 73 -2.37 -5.46 -4.61
C ILE A 73 -3.09 -6.70 -4.14
N SER A 74 -2.40 -7.51 -3.44
CA SER A 74 -2.92 -8.76 -2.96
C SER A 74 -2.39 -8.97 -1.54
N ARG A 75 -3.18 -9.61 -0.69
CA ARG A 75 -2.76 -9.86 0.69
C ARG A 75 -2.78 -11.32 1.02
N ASP A 76 -1.69 -11.79 1.53
CA ASP A 76 -1.63 -13.09 2.12
C ASP A 76 -1.73 -12.88 3.64
N ASN A 77 -2.15 -13.87 4.36
CA ASN A 77 -2.32 -13.70 5.79
C ASN A 77 -1.02 -13.87 6.58
N ASP A 78 0.00 -14.49 5.99
CA ASP A 78 1.27 -14.70 6.74
C ASP A 78 2.46 -15.02 5.86
N LYS A 79 2.24 -15.79 4.83
CA LYS A 79 3.33 -16.32 4.02
C LYS A 79 3.86 -15.33 3.00
N ASN A 80 3.15 -14.25 2.80
CA ASN A 80 3.57 -13.25 1.87
C ASN A 80 3.13 -11.88 2.37
N THR A 81 3.67 -10.85 1.78
CA THR A 81 3.43 -9.50 2.15
C THR A 81 2.59 -8.84 1.06
N VAL A 82 1.82 -7.81 1.41
CA VAL A 82 0.98 -7.15 0.43
C VAL A 82 1.82 -6.42 -0.63
N ASP A 83 1.68 -6.90 -1.84
CA ASP A 83 2.45 -6.42 -2.98
C ASP A 83 1.60 -5.50 -3.82
N LEU A 84 2.15 -4.38 -4.20
CA LEU A 84 1.52 -3.43 -5.08
C LEU A 84 2.32 -3.28 -6.35
N GLN A 85 1.72 -3.61 -7.44
CA GLN A 85 2.35 -3.44 -8.71
C GLN A 85 1.70 -2.30 -9.43
N MET A 86 2.48 -1.33 -9.85
CA MET A 86 1.96 -0.26 -10.65
C MET A 86 2.54 -0.41 -12.02
N ASN A 87 1.75 -0.18 -13.01
CA ASN A 87 2.19 -0.30 -14.37
C ASN A 87 1.64 0.91 -15.12
N ASN A 88 2.28 1.29 -16.22
CA ASN A 88 1.88 2.45 -17.05
C ASN A 88 2.09 3.74 -16.24
N LEU A 89 3.12 3.74 -15.42
CA LEU A 89 3.47 4.89 -14.58
C LEU A 89 3.85 6.08 -15.42
N LYS A 90 3.14 7.15 -15.25
CA LYS A 90 3.39 8.35 -15.97
C LYS A 90 4.12 9.33 -15.05
N PRO A 91 4.78 10.38 -15.60
CA PRO A 91 5.58 11.36 -14.82
C PRO A 91 4.86 11.94 -13.60
N GLU A 92 3.55 12.13 -13.66
CA GLU A 92 2.82 12.71 -12.55
C GLU A 92 2.33 11.66 -11.55
N ASP A 93 2.73 10.41 -11.75
CA ASP A 93 2.45 9.35 -10.78
C ASP A 93 3.53 9.31 -9.72
N THR A 94 4.45 10.25 -9.83
CA THR A 94 5.52 10.43 -8.89
C THR A 94 4.95 10.93 -7.57
N ALA A 95 5.10 10.14 -6.51
CA ALA A 95 4.58 10.49 -5.20
C ALA A 95 4.91 9.44 -4.17
N ASP A 96 4.40 9.65 -2.95
CA ASP A 96 4.65 8.74 -1.87
C ASP A 96 3.60 7.72 -1.84
N TYR A 97 3.99 6.50 -1.89
CA TYR A 97 3.06 5.46 -1.69
C TYR A 97 3.05 5.07 -0.24
N TYR A 98 1.88 5.07 0.31
CA TYR A 98 1.68 4.78 1.69
C TYR A 98 0.95 3.48 1.86
N CYS A 99 1.35 2.73 2.84
CA CYS A 99 0.74 1.47 3.16
C CYS A 99 -0.02 1.61 4.45
N ARG A 100 -1.21 1.12 4.47
CA ARG A 100 -1.99 1.09 5.67
C ARG A 100 -2.43 -0.26 5.99
N ALA A 101 -2.55 -0.47 7.24
CA ALA A 101 -2.97 -1.72 7.76
C ALA A 101 -4.00 -1.48 8.80
N GLN A 102 -5.09 -2.18 8.69
CA GLN A 102 -6.18 -2.03 9.58
C GLN A 102 -6.38 -3.35 10.29
N GLN A 103 -6.40 -3.33 11.58
CA GLN A 103 -6.65 -4.52 12.33
C GLN A 103 -7.83 -4.19 13.24
N LYS A 104 -8.76 -5.11 13.33
CA LYS A 104 -9.96 -4.91 14.11
C LYS A 104 -9.70 -5.39 15.52
N ILE A 105 -9.80 -4.50 16.45
CA ILE A 105 -9.48 -4.81 17.82
C ILE A 105 -10.78 -5.06 18.57
N GLY A 106 -10.77 -6.09 19.40
CA GLY A 106 -11.93 -6.43 20.17
C GLY A 106 -13.14 -6.69 19.32
N ARG A 107 -14.17 -5.90 19.53
CA ARG A 107 -15.41 -6.04 18.81
C ARG A 107 -15.65 -4.86 17.86
N ASP A 108 -15.41 -3.63 18.32
CA ASP A 108 -15.73 -2.45 17.49
C ASP A 108 -14.60 -1.45 17.46
N THR A 109 -13.44 -1.84 17.94
CA THR A 109 -12.30 -0.94 18.01
C THR A 109 -11.38 -1.15 16.80
N PHE A 110 -10.73 -0.10 16.34
CA PHE A 110 -9.80 -0.19 15.25
C PHE A 110 -8.50 0.46 15.62
N ARG A 111 -7.42 -0.08 15.12
CA ARG A 111 -6.13 0.49 15.34
C ARG A 111 -5.48 0.68 13.98
N ASP A 112 -4.99 1.87 13.73
CA ASP A 112 -4.46 2.22 12.43
C ASP A 112 -2.97 2.14 12.38
N TYR A 113 -2.46 1.43 11.43
CA TYR A 113 -1.04 1.32 11.26
C TYR A 113 -0.67 2.00 9.95
N TRP A 114 0.33 2.83 10.00
CA TRP A 114 0.80 3.55 8.83
C TRP A 114 2.21 3.20 8.49
N GLY A 115 2.41 2.84 7.26
CA GLY A 115 3.71 2.57 6.76
C GLY A 115 4.41 3.85 6.36
N GLN A 116 5.69 3.75 6.18
CA GLN A 116 6.49 4.88 5.84
C GLN A 116 6.50 5.04 4.33
N GLY A 117 5.83 6.05 3.90
CA GLY A 117 5.70 6.33 2.50
C GLY A 117 7.01 6.62 1.84
N THR A 118 7.22 5.99 0.74
CA THR A 118 8.40 6.20 -0.04
C THR A 118 7.98 6.84 -1.37
N GLN A 119 8.76 7.79 -1.83
CA GLN A 119 8.41 8.49 -3.04
C GLN A 119 8.96 7.77 -4.26
N VAL A 120 8.08 7.47 -5.16
CA VAL A 120 8.42 6.83 -6.39
C VAL A 120 8.57 7.92 -7.42
N THR A 121 9.64 7.90 -8.14
CA THR A 121 9.90 8.94 -9.08
C THR A 121 9.81 8.43 -10.51
N VAL A 122 8.92 8.98 -11.28
CA VAL A 122 8.79 8.62 -12.66
C VAL A 122 9.35 9.76 -13.49
N SER A 123 10.29 9.45 -14.35
CA SER A 123 10.94 10.46 -15.14
C SER A 123 10.49 10.49 -16.58
N SER A 124 10.48 11.66 -17.13
CA SER A 124 10.19 11.87 -18.52
C SER A 124 11.09 13.00 -19.02
N GLY A 1 -1.00 3.72 18.74
CA GLY A 1 -0.77 3.75 20.20
C GLY A 1 -0.64 2.35 20.75
N SER A 2 -0.18 2.27 22.02
CA SER A 2 0.02 1.00 22.73
C SER A 2 1.22 0.21 22.14
N GLY A 3 1.51 -0.95 22.68
CA GLY A 3 2.64 -1.73 22.25
C GLY A 3 2.25 -2.89 21.37
N SER A 4 2.66 -2.84 20.14
CA SER A 4 2.42 -3.89 19.18
C SER A 4 3.57 -3.89 18.18
N GLN A 5 4.14 -5.07 17.94
CA GLN A 5 5.35 -5.19 17.12
C GLN A 5 5.04 -5.15 15.63
N VAL A 6 3.78 -4.99 15.29
CA VAL A 6 3.39 -4.90 13.90
C VAL A 6 3.77 -3.52 13.34
N GLN A 7 4.63 -3.54 12.38
CA GLN A 7 5.13 -2.35 11.74
C GLN A 7 5.14 -2.59 10.25
N LEU A 8 4.89 -1.56 9.49
CA LEU A 8 4.87 -1.65 8.06
C LEU A 8 6.14 -1.06 7.49
N VAL A 9 6.84 -1.84 6.72
CA VAL A 9 8.07 -1.41 6.08
C VAL A 9 7.86 -1.43 4.57
N GLU A 10 7.97 -0.30 3.94
CA GLU A 10 7.76 -0.22 2.49
C GLU A 10 9.14 -0.34 1.83
N SER A 11 9.25 -1.12 0.80
CA SER A 11 10.46 -1.23 0.06
C SER A 11 10.18 -0.97 -1.43
N GLY A 12 11.12 -0.34 -2.08
CA GLY A 12 10.92 0.07 -3.44
C GLY A 12 11.00 1.57 -3.53
N GLY A 13 9.94 2.22 -4.03
CA GLY A 13 9.93 3.68 -4.13
C GLY A 13 11.04 4.18 -4.98
N GLY A 14 11.17 3.61 -6.12
CA GLY A 14 12.34 3.84 -6.91
C GLY A 14 12.11 4.73 -8.08
N LEU A 15 13.04 4.68 -8.96
CA LEU A 15 13.03 5.47 -10.16
C LEU A 15 12.83 4.57 -11.36
N VAL A 16 11.83 4.89 -12.13
CA VAL A 16 11.49 4.15 -13.34
C VAL A 16 11.13 5.11 -14.46
N GLN A 17 11.19 4.64 -15.67
CA GLN A 17 10.85 5.46 -16.81
C GLN A 17 9.38 5.28 -17.16
N ALA A 18 8.82 6.29 -17.81
CA ALA A 18 7.43 6.30 -18.22
C ALA A 18 7.07 5.07 -19.06
N GLY A 19 6.06 4.36 -18.62
CA GLY A 19 5.59 3.18 -19.30
C GLY A 19 6.14 1.91 -18.71
N GLY A 20 7.03 2.05 -17.75
CA GLY A 20 7.60 0.91 -17.09
C GLY A 20 6.72 0.46 -15.95
N SER A 21 7.08 -0.65 -15.35
CA SER A 21 6.35 -1.17 -14.23
C SER A 21 7.24 -1.24 -12.99
N LEU A 22 6.66 -1.09 -11.84
CA LEU A 22 7.39 -1.04 -10.60
C LEU A 22 6.61 -1.78 -9.53
N ARG A 23 7.30 -2.31 -8.56
CA ARG A 23 6.66 -3.04 -7.51
C ARG A 23 6.97 -2.42 -6.15
N LEU A 24 5.95 -2.21 -5.37
CA LEU A 24 6.10 -1.75 -4.01
C LEU A 24 5.83 -2.90 -3.10
N SER A 25 6.51 -2.94 -2.00
CA SER A 25 6.43 -4.04 -1.10
C SER A 25 6.37 -3.54 0.32
N CYS A 26 5.29 -3.80 0.96
CA CYS A 26 5.09 -3.40 2.29
C CYS A 26 5.14 -4.65 3.14
N ALA A 27 6.06 -4.67 4.04
CA ALA A 27 6.25 -5.80 4.87
C ALA A 27 5.74 -5.51 6.22
N ALA A 28 4.88 -6.35 6.69
CA ALA A 28 4.35 -6.21 8.00
C ALA A 28 5.05 -7.18 8.90
N SER A 29 5.31 -6.76 10.10
CA SER A 29 5.90 -7.59 11.06
C SER A 29 4.73 -8.28 11.68
N GLY A 30 4.84 -9.52 11.84
CA GLY A 30 3.71 -10.27 12.14
C GLY A 30 3.36 -10.39 13.57
N SER A 31 2.13 -10.07 13.85
CA SER A 31 1.54 -10.29 15.13
C SER A 31 0.63 -11.51 14.99
N THR A 32 0.24 -12.10 16.08
CA THR A 32 -0.51 -13.33 16.04
C THR A 32 -2.00 -13.11 15.60
N PHE A 33 -2.52 -11.91 15.82
CA PHE A 33 -3.89 -11.63 15.45
C PHE A 33 -3.91 -11.20 13.96
N SER A 34 -5.04 -11.38 13.32
CA SER A 34 -5.17 -11.11 11.89
C SER A 34 -5.40 -9.61 11.59
N LEU A 35 -4.96 -9.20 10.41
CA LEU A 35 -5.20 -7.86 9.90
C LEU A 35 -6.52 -7.85 9.13
N HIS A 36 -7.31 -6.82 9.30
CA HIS A 36 -8.63 -6.78 8.69
C HIS A 36 -8.57 -6.21 7.27
N LEU A 37 -7.86 -5.10 7.11
CA LEU A 37 -7.72 -4.47 5.81
C LEU A 37 -6.34 -3.88 5.69
N MET A 38 -5.73 -4.03 4.54
CA MET A 38 -4.45 -3.42 4.27
C MET A 38 -4.52 -2.84 2.86
N GLY A 39 -4.00 -1.67 2.67
CA GLY A 39 -4.19 -0.98 1.42
C GLY A 39 -3.12 0.03 1.12
N TRP A 40 -3.12 0.52 -0.09
CA TRP A 40 -2.17 1.50 -0.54
C TRP A 40 -2.90 2.79 -0.85
N TYR A 41 -2.29 3.85 -0.47
CA TYR A 41 -2.78 5.19 -0.66
C TYR A 41 -1.70 6.00 -1.30
N ARG A 42 -2.03 7.14 -1.81
CA ARG A 42 -1.04 7.93 -2.44
C ARG A 42 -1.16 9.34 -1.96
N GLN A 43 -0.06 9.93 -1.63
CA GLN A 43 -0.05 11.28 -1.27
C GLN A 43 0.64 12.04 -2.39
N ALA A 44 -0.08 12.91 -3.02
CA ALA A 44 0.46 13.67 -4.12
C ALA A 44 0.86 15.03 -3.60
N PRO A 45 2.05 15.53 -4.01
CA PRO A 45 2.56 16.83 -3.56
C PRO A 45 1.55 17.96 -3.74
N GLY A 46 1.25 18.65 -2.65
CA GLY A 46 0.32 19.76 -2.69
C GLY A 46 -1.14 19.32 -2.77
N LYS A 47 -1.36 18.03 -2.82
CA LYS A 47 -2.70 17.50 -2.94
C LYS A 47 -3.07 16.66 -1.75
N GLN A 48 -4.30 16.23 -1.73
CA GLN A 48 -4.81 15.39 -0.68
C GLN A 48 -4.48 13.94 -0.97
N ARG A 49 -4.23 13.18 0.08
CA ARG A 49 -3.94 11.77 -0.06
C ARG A 49 -5.20 11.04 -0.48
N GLU A 50 -5.05 10.14 -1.39
CA GLU A 50 -6.15 9.44 -2.00
C GLU A 50 -5.96 7.95 -1.88
N VAL A 51 -7.06 7.23 -1.90
CA VAL A 51 -7.03 5.79 -1.85
C VAL A 51 -6.66 5.26 -3.24
N VAL A 52 -5.78 4.30 -3.25
CA VAL A 52 -5.36 3.69 -4.50
C VAL A 52 -5.94 2.30 -4.60
N ALA A 53 -5.72 1.50 -3.59
CA ALA A 53 -6.17 0.15 -3.61
C ALA A 53 -6.25 -0.40 -2.21
N THR A 54 -7.31 -1.06 -1.92
CA THR A 54 -7.53 -1.65 -0.63
C THR A 54 -7.71 -3.15 -0.77
N SER A 55 -7.37 -3.88 0.27
CA SER A 55 -7.50 -5.30 0.26
C SER A 55 -7.73 -5.81 1.68
N GLY A 56 -8.73 -6.62 1.84
CA GLY A 56 -9.01 -7.24 3.09
C GLY A 56 -8.51 -8.67 3.06
N SER A 57 -8.22 -9.23 4.22
CA SER A 57 -7.69 -10.58 4.30
C SER A 57 -8.72 -11.62 3.85
N GLY A 58 -9.99 -11.22 3.84
CA GLY A 58 -11.06 -12.08 3.40
C GLY A 58 -11.11 -12.21 1.87
N GLY A 59 -10.25 -11.46 1.17
CA GLY A 59 -10.21 -11.57 -0.28
C GLY A 59 -10.84 -10.39 -0.99
N ASP A 60 -11.28 -9.44 -0.22
CA ASP A 60 -11.89 -8.22 -0.77
C ASP A 60 -10.83 -7.26 -1.26
N THR A 61 -11.01 -6.75 -2.46
CA THR A 61 -10.08 -5.80 -3.04
C THR A 61 -10.84 -4.72 -3.81
N ASN A 62 -10.39 -3.50 -3.70
CA ASN A 62 -10.97 -2.41 -4.46
C ASN A 62 -9.86 -1.49 -4.91
N TYR A 63 -9.86 -1.17 -6.17
CA TYR A 63 -8.84 -0.32 -6.76
C TYR A 63 -9.50 0.93 -7.27
N ALA A 64 -8.81 2.06 -7.16
CA ALA A 64 -9.32 3.31 -7.68
C ALA A 64 -9.50 3.22 -9.17
N ASP A 65 -10.46 3.94 -9.69
CA ASP A 65 -10.78 3.95 -11.12
C ASP A 65 -9.56 4.39 -11.94
N SER A 66 -8.79 5.27 -11.35
CA SER A 66 -7.58 5.80 -11.96
C SER A 66 -6.46 4.73 -12.08
N VAL A 67 -6.57 3.64 -11.32
CA VAL A 67 -5.51 2.64 -11.32
C VAL A 67 -6.02 1.26 -11.74
N LYS A 68 -7.25 1.20 -12.20
CA LYS A 68 -7.84 -0.06 -12.66
C LYS A 68 -7.07 -0.61 -13.85
N GLY A 69 -6.58 -1.82 -13.73
CA GLY A 69 -5.83 -2.44 -14.81
C GLY A 69 -4.37 -2.03 -14.81
N ARG A 70 -4.04 -1.09 -13.97
CA ARG A 70 -2.70 -0.59 -13.85
C ARG A 70 -2.05 -1.14 -12.59
N PHE A 71 -2.75 -1.00 -11.49
CA PHE A 71 -2.24 -1.39 -10.19
C PHE A 71 -2.88 -2.67 -9.71
N THR A 72 -2.07 -3.57 -9.22
CA THR A 72 -2.55 -4.82 -8.68
C THR A 72 -1.93 -5.03 -7.29
N ILE A 73 -2.77 -5.24 -6.29
CA ILE A 73 -2.26 -5.43 -4.95
C ILE A 73 -2.64 -6.78 -4.39
N SER A 74 -1.77 -7.30 -3.59
CA SER A 74 -1.96 -8.57 -2.93
C SER A 74 -1.31 -8.48 -1.56
N ARG A 75 -1.75 -9.29 -0.61
CA ARG A 75 -1.10 -9.37 0.70
C ARG A 75 -1.07 -10.76 1.17
N ASP A 76 0.08 -11.26 1.43
CA ASP A 76 0.16 -12.49 2.15
C ASP A 76 0.53 -12.08 3.56
N ASN A 77 0.24 -12.88 4.53
CA ASN A 77 0.54 -12.46 5.89
C ASN A 77 1.62 -13.29 6.54
N ASP A 78 2.23 -14.19 5.79
CA ASP A 78 3.27 -15.06 6.34
C ASP A 78 4.39 -15.37 5.37
N LYS A 79 4.02 -15.66 4.15
CA LYS A 79 4.97 -16.18 3.18
C LYS A 79 5.39 -15.12 2.18
N ASN A 80 4.52 -14.18 1.98
CA ASN A 80 4.74 -13.07 1.07
C ASN A 80 4.29 -11.81 1.78
N THR A 81 4.57 -10.68 1.22
CA THR A 81 4.27 -9.44 1.86
C THR A 81 3.10 -8.74 1.18
N VAL A 82 2.90 -7.50 1.52
CA VAL A 82 1.90 -6.67 0.92
C VAL A 82 2.53 -6.07 -0.31
N ASP A 83 2.03 -6.40 -1.42
CA ASP A 83 2.65 -5.94 -2.64
C ASP A 83 1.71 -5.16 -3.51
N LEU A 84 2.29 -4.20 -4.18
CA LEU A 84 1.62 -3.41 -5.16
C LEU A 84 2.40 -3.42 -6.45
N GLN A 85 1.86 -4.11 -7.42
CA GLN A 85 2.44 -4.15 -8.72
C GLN A 85 1.88 -2.97 -9.48
N MET A 86 2.72 -2.03 -9.76
CA MET A 86 2.33 -0.83 -10.44
C MET A 86 2.73 -0.96 -11.88
N ASN A 87 1.81 -0.85 -12.77
CA ASN A 87 2.10 -0.87 -14.16
C ASN A 87 1.62 0.42 -14.76
N ASN A 88 2.20 0.80 -15.89
CA ASN A 88 1.87 2.04 -16.57
C ASN A 88 2.27 3.24 -15.72
N LEU A 89 3.53 3.26 -15.32
CA LEU A 89 4.08 4.39 -14.59
C LEU A 89 4.16 5.58 -15.49
N LYS A 90 3.49 6.62 -15.12
CA LYS A 90 3.44 7.83 -15.90
C LYS A 90 4.27 8.89 -15.18
N PRO A 91 4.83 9.87 -15.91
CA PRO A 91 5.73 10.89 -15.34
C PRO A 91 5.14 11.60 -14.11
N GLU A 92 3.85 11.83 -14.12
CA GLU A 92 3.19 12.52 -13.05
C GLU A 92 2.40 11.59 -12.16
N ASP A 93 2.74 10.33 -12.22
CA ASP A 93 2.18 9.32 -11.30
C ASP A 93 3.06 9.34 -10.06
N THR A 94 4.18 10.04 -10.21
CA THR A 94 5.19 10.25 -9.21
C THR A 94 4.59 10.91 -7.98
N ALA A 95 4.65 10.21 -6.86
CA ALA A 95 4.10 10.69 -5.61
C ALA A 95 4.49 9.77 -4.49
N ASP A 96 3.96 10.02 -3.30
CA ASP A 96 4.31 9.23 -2.15
C ASP A 96 3.28 8.17 -1.99
N TYR A 97 3.68 6.96 -2.01
CA TYR A 97 2.75 5.91 -1.80
C TYR A 97 2.82 5.40 -0.40
N TYR A 98 1.69 5.35 0.21
CA TYR A 98 1.55 4.99 1.59
C TYR A 98 0.85 3.67 1.76
N CYS A 99 1.31 2.93 2.72
CA CYS A 99 0.78 1.63 3.05
C CYS A 99 0.07 1.74 4.40
N ARG A 100 -1.16 1.25 4.45
CA ARG A 100 -1.90 1.29 5.69
C ARG A 100 -2.44 -0.08 6.00
N ALA A 101 -2.35 -0.45 7.24
CA ALA A 101 -2.92 -1.65 7.73
C ALA A 101 -3.91 -1.28 8.80
N GLN A 102 -5.11 -1.73 8.67
CA GLN A 102 -6.10 -1.44 9.64
C GLN A 102 -6.55 -2.73 10.26
N GLN A 103 -6.46 -2.77 11.55
CA GLN A 103 -6.74 -3.95 12.30
C GLN A 103 -7.90 -3.66 13.21
N LYS A 104 -8.81 -4.57 13.32
CA LYS A 104 -9.89 -4.40 14.24
C LYS A 104 -9.50 -5.04 15.53
N ILE A 105 -9.42 -4.25 16.54
CA ILE A 105 -9.02 -4.68 17.84
C ILE A 105 -10.27 -5.09 18.58
N GLY A 106 -10.20 -6.22 19.24
CA GLY A 106 -11.37 -6.79 19.83
C GLY A 106 -12.43 -6.97 18.77
N ARG A 107 -13.56 -6.35 18.96
CA ARG A 107 -14.62 -6.31 17.98
C ARG A 107 -15.28 -4.95 17.98
N ASP A 108 -14.68 -4.01 18.69
CA ASP A 108 -15.28 -2.68 18.83
C ASP A 108 -14.25 -1.57 18.62
N THR A 109 -12.99 -1.93 18.60
CA THR A 109 -11.92 -0.96 18.50
C THR A 109 -11.20 -1.14 17.15
N PHE A 110 -10.62 -0.07 16.62
CA PHE A 110 -9.90 -0.16 15.36
C PHE A 110 -8.56 0.55 15.48
N ARG A 111 -7.59 0.09 14.73
CA ARG A 111 -6.29 0.73 14.68
C ARG A 111 -5.81 0.86 13.28
N ASP A 112 -5.08 1.90 13.04
CA ASP A 112 -4.47 2.14 11.77
C ASP A 112 -2.97 2.19 11.92
N TYR A 113 -2.31 1.37 11.19
CA TYR A 113 -0.88 1.32 11.16
C TYR A 113 -0.46 1.89 9.84
N TRP A 114 0.47 2.79 9.84
CA TRP A 114 0.93 3.39 8.61
C TRP A 114 2.39 3.12 8.37
N GLY A 115 2.70 2.78 7.16
CA GLY A 115 4.05 2.51 6.79
C GLY A 115 4.73 3.74 6.25
N GLN A 116 5.93 3.57 5.79
CA GLN A 116 6.72 4.63 5.28
C GLN A 116 6.33 4.89 3.87
N GLY A 117 5.75 6.03 3.66
CA GLY A 117 5.38 6.42 2.34
C GLY A 117 6.58 6.69 1.50
N THR A 118 6.77 5.93 0.51
CA THR A 118 7.91 6.05 -0.32
C THR A 118 7.54 6.90 -1.53
N GLN A 119 8.44 7.72 -1.97
CA GLN A 119 8.14 8.57 -3.09
C GLN A 119 8.69 7.87 -4.32
N VAL A 120 7.81 7.55 -5.22
CA VAL A 120 8.17 6.82 -6.42
C VAL A 120 8.37 7.81 -7.53
N THR A 121 9.50 7.78 -8.15
CA THR A 121 9.83 8.76 -9.12
C THR A 121 9.81 8.16 -10.53
N VAL A 122 9.04 8.75 -11.39
CA VAL A 122 8.98 8.30 -12.76
C VAL A 122 9.58 9.37 -13.67
N SER A 123 10.50 8.99 -14.51
CA SER A 123 11.12 9.91 -15.43
C SER A 123 10.58 9.68 -16.83
N SER A 124 10.36 10.76 -17.51
CA SER A 124 9.85 10.73 -18.85
C SER A 124 10.81 11.44 -19.77
N GLY A 1 -0.26 5.81 19.75
CA GLY A 1 -0.92 5.40 18.51
C GLY A 1 0.06 4.70 17.61
N SER A 2 -0.33 4.50 16.34
CA SER A 2 0.51 3.82 15.36
C SER A 2 0.78 2.35 15.75
N GLY A 3 1.64 1.70 15.02
CA GLY A 3 1.99 0.36 15.34
C GLY A 3 3.41 0.28 15.79
N SER A 4 3.61 0.00 17.04
CA SER A 4 4.95 -0.12 17.55
C SER A 4 5.34 -1.59 17.69
N GLN A 5 4.34 -2.44 17.91
CA GLN A 5 4.59 -3.87 18.04
C GLN A 5 4.70 -4.49 16.66
N VAL A 6 4.07 -3.84 15.73
CA VAL A 6 4.08 -4.27 14.36
C VAL A 6 4.85 -3.28 13.51
N GLN A 7 5.79 -3.78 12.78
CA GLN A 7 6.56 -2.95 11.88
C GLN A 7 5.98 -2.99 10.52
N LEU A 8 5.68 -1.84 9.97
CA LEU A 8 5.33 -1.74 8.59
C LEU A 8 6.50 -1.15 7.87
N VAL A 9 6.99 -1.86 6.91
CA VAL A 9 8.14 -1.42 6.17
C VAL A 9 7.81 -1.39 4.69
N GLU A 10 7.85 -0.22 4.11
CA GLU A 10 7.58 -0.07 2.69
C GLU A 10 8.85 -0.20 1.88
N SER A 11 8.81 -1.07 0.92
CA SER A 11 9.91 -1.31 0.03
C SER A 11 9.55 -0.78 -1.35
N GLY A 12 10.54 -0.32 -2.07
CA GLY A 12 10.32 0.26 -3.36
C GLY A 12 10.47 1.75 -3.27
N GLY A 13 9.94 2.48 -4.24
CA GLY A 13 10.04 3.92 -4.17
C GLY A 13 11.32 4.40 -4.75
N GLY A 14 11.58 3.95 -5.91
CA GLY A 14 12.83 4.27 -6.56
C GLY A 14 12.60 5.00 -7.84
N LEU A 15 13.51 4.83 -8.77
CA LEU A 15 13.40 5.47 -10.05
C LEU A 15 12.80 4.51 -11.06
N VAL A 16 11.79 4.97 -11.72
CA VAL A 16 11.06 4.22 -12.69
C VAL A 16 10.97 5.07 -13.95
N GLN A 17 10.70 4.49 -15.07
CA GLN A 17 10.55 5.22 -16.29
C GLN A 17 9.09 5.31 -16.67
N ALA A 18 8.79 6.25 -17.54
CA ALA A 18 7.44 6.47 -18.02
C ALA A 18 6.92 5.22 -18.72
N GLY A 19 5.85 4.68 -18.22
CA GLY A 19 5.25 3.49 -18.79
C GLY A 19 5.77 2.24 -18.13
N GLY A 20 6.71 2.42 -17.23
CA GLY A 20 7.33 1.31 -16.57
C GLY A 20 6.51 0.77 -15.44
N SER A 21 6.97 -0.30 -14.87
CA SER A 21 6.32 -0.92 -13.78
C SER A 21 7.24 -0.94 -12.57
N LEU A 22 6.65 -0.89 -11.41
CA LEU A 22 7.39 -0.85 -10.18
C LEU A 22 6.59 -1.65 -9.18
N ARG A 23 7.22 -2.36 -8.32
CA ARG A 23 6.52 -3.12 -7.32
C ARG A 23 6.85 -2.65 -5.94
N LEU A 24 5.83 -2.36 -5.20
CA LEU A 24 5.98 -1.92 -3.83
C LEU A 24 5.57 -3.04 -2.93
N SER A 25 6.22 -3.15 -1.83
CA SER A 25 5.90 -4.18 -0.87
C SER A 25 5.91 -3.60 0.52
N CYS A 26 4.87 -3.81 1.25
CA CYS A 26 4.79 -3.33 2.60
C CYS A 26 4.84 -4.54 3.49
N ALA A 27 5.82 -4.62 4.33
CA ALA A 27 5.95 -5.77 5.15
C ALA A 27 5.50 -5.49 6.54
N ALA A 28 4.63 -6.33 7.03
CA ALA A 28 4.15 -6.25 8.37
C ALA A 28 4.76 -7.37 9.15
N SER A 29 5.47 -7.04 10.18
CA SER A 29 6.11 -8.01 11.00
C SER A 29 5.77 -7.75 12.45
N GLY A 30 5.45 -8.80 13.17
CA GLY A 30 5.16 -8.66 14.58
C GLY A 30 3.69 -8.76 14.92
N SER A 31 2.90 -9.27 13.99
CA SER A 31 1.49 -9.40 14.23
C SER A 31 1.17 -10.86 14.50
N THR A 32 0.73 -11.14 15.71
CA THR A 32 0.43 -12.48 16.14
C THR A 32 -0.95 -12.91 15.60
N PHE A 33 -1.81 -11.94 15.43
CA PHE A 33 -3.12 -12.18 14.88
C PHE A 33 -3.11 -11.82 13.40
N SER A 34 -3.96 -12.46 12.64
CA SER A 34 -4.04 -12.25 11.22
C SER A 34 -4.45 -10.82 10.86
N LEU A 35 -3.62 -10.18 10.08
CA LEU A 35 -3.83 -8.82 9.65
C LEU A 35 -5.03 -8.79 8.68
N HIS A 36 -6.01 -7.94 9.00
CA HIS A 36 -7.26 -7.87 8.23
C HIS A 36 -7.19 -7.10 6.93
N LEU A 37 -6.63 -5.90 6.93
CA LEU A 37 -6.68 -5.07 5.74
C LEU A 37 -5.36 -4.38 5.45
N MET A 38 -5.02 -4.39 4.20
CA MET A 38 -3.85 -3.72 3.65
C MET A 38 -4.26 -2.86 2.50
N GLY A 39 -3.65 -1.75 2.36
CA GLY A 39 -3.93 -0.92 1.23
C GLY A 39 -2.85 0.07 0.96
N TRP A 40 -2.87 0.64 -0.21
CA TRP A 40 -1.91 1.61 -0.63
C TRP A 40 -2.58 2.93 -0.94
N TYR A 41 -1.92 3.97 -0.57
CA TYR A 41 -2.34 5.32 -0.83
C TYR A 41 -1.19 6.07 -1.42
N ARG A 42 -1.46 7.18 -2.01
CA ARG A 42 -0.40 7.96 -2.55
C ARG A 42 -0.61 9.40 -2.24
N GLN A 43 0.42 10.05 -1.80
CA GLN A 43 0.33 11.42 -1.48
C GLN A 43 1.10 12.22 -2.51
N ALA A 44 0.42 13.05 -3.24
CA ALA A 44 1.03 13.87 -4.25
C ALA A 44 0.97 15.33 -3.84
N PRO A 45 2.07 16.09 -3.99
CA PRO A 45 2.10 17.51 -3.64
C PRO A 45 1.08 18.32 -4.43
N GLY A 46 0.24 19.06 -3.71
CA GLY A 46 -0.77 19.88 -4.35
C GLY A 46 -2.08 19.14 -4.51
N LYS A 47 -2.03 17.86 -4.27
CA LYS A 47 -3.16 16.99 -4.37
C LYS A 47 -3.42 16.40 -3.01
N GLN A 48 -4.45 15.63 -2.89
CA GLN A 48 -4.75 14.95 -1.66
C GLN A 48 -4.10 13.59 -1.69
N ARG A 49 -3.97 12.95 -0.56
CA ARG A 49 -3.50 11.61 -0.56
C ARG A 49 -4.64 10.74 -1.09
N GLU A 50 -4.42 10.19 -2.23
CA GLU A 50 -5.41 9.47 -2.95
C GLU A 50 -5.38 8.03 -2.61
N VAL A 51 -6.49 7.38 -2.74
CA VAL A 51 -6.56 5.97 -2.52
C VAL A 51 -6.07 5.28 -3.77
N VAL A 52 -5.27 4.30 -3.59
CA VAL A 52 -4.81 3.53 -4.69
C VAL A 52 -5.56 2.23 -4.67
N ALA A 53 -5.61 1.60 -3.50
CA ALA A 53 -6.31 0.36 -3.32
C ALA A 53 -6.40 -0.04 -1.87
N THR A 54 -7.44 -0.75 -1.53
CA THR A 54 -7.62 -1.31 -0.22
C THR A 54 -8.01 -2.78 -0.37
N SER A 55 -7.62 -3.61 0.55
CA SER A 55 -7.93 -5.01 0.48
C SER A 55 -8.35 -5.59 1.83
N GLY A 56 -9.37 -6.43 1.84
CA GLY A 56 -9.90 -7.00 3.06
C GLY A 56 -9.65 -8.51 3.17
N SER A 57 -9.99 -9.07 4.32
CA SER A 57 -9.73 -10.48 4.63
C SER A 57 -10.63 -11.46 3.82
N GLY A 58 -11.65 -10.94 3.19
CA GLY A 58 -12.54 -11.78 2.41
C GLY A 58 -12.15 -11.85 0.95
N GLY A 59 -10.95 -11.41 0.65
CA GLY A 59 -10.48 -11.40 -0.71
C GLY A 59 -10.89 -10.13 -1.39
N ASP A 60 -11.41 -9.22 -0.60
CA ASP A 60 -11.88 -7.94 -1.04
C ASP A 60 -10.69 -7.12 -1.47
N THR A 61 -10.79 -6.50 -2.59
CA THR A 61 -9.79 -5.54 -3.01
C THR A 61 -10.47 -4.52 -3.90
N ASN A 62 -10.24 -3.30 -3.60
CA ASN A 62 -10.81 -2.22 -4.34
C ASN A 62 -9.70 -1.33 -4.77
N TYR A 63 -9.70 -0.99 -6.02
CA TYR A 63 -8.68 -0.12 -6.55
C TYR A 63 -9.37 1.14 -6.98
N ALA A 64 -8.65 2.25 -7.03
CA ALA A 64 -9.20 3.46 -7.60
C ALA A 64 -9.57 3.12 -9.02
N ASP A 65 -10.73 3.52 -9.47
CA ASP A 65 -11.20 3.14 -10.81
C ASP A 65 -10.26 3.59 -11.92
N SER A 66 -9.43 4.58 -11.63
CA SER A 66 -8.42 5.04 -12.56
C SER A 66 -7.30 3.99 -12.73
N VAL A 67 -6.95 3.30 -11.63
CA VAL A 67 -5.84 2.34 -11.65
C VAL A 67 -6.33 0.90 -11.69
N LYS A 68 -7.63 0.74 -11.51
CA LYS A 68 -8.27 -0.56 -11.48
C LYS A 68 -8.05 -1.31 -12.79
N GLY A 69 -7.53 -2.51 -12.69
CA GLY A 69 -7.24 -3.31 -13.85
C GLY A 69 -5.77 -3.24 -14.19
N ARG A 70 -5.15 -2.13 -13.88
CA ARG A 70 -3.75 -1.91 -14.16
C ARG A 70 -2.94 -2.29 -12.94
N PHE A 71 -3.12 -1.53 -11.88
CA PHE A 71 -2.40 -1.75 -10.64
C PHE A 71 -2.98 -2.96 -9.95
N THR A 72 -2.15 -3.72 -9.33
CA THR A 72 -2.60 -4.93 -8.67
C THR A 72 -2.02 -5.03 -7.26
N ILE A 73 -2.89 -5.20 -6.28
CA ILE A 73 -2.48 -5.38 -4.90
C ILE A 73 -3.22 -6.51 -4.25
N SER A 74 -2.47 -7.44 -3.74
CA SER A 74 -2.98 -8.60 -3.07
C SER A 74 -2.03 -8.95 -1.93
N ARG A 75 -2.52 -9.65 -0.92
CA ARG A 75 -1.66 -10.03 0.20
C ARG A 75 -2.00 -11.41 0.64
N ASP A 76 -1.03 -12.09 1.16
CA ASP A 76 -1.25 -13.36 1.82
C ASP A 76 -1.24 -13.05 3.31
N ASN A 77 -1.86 -13.88 4.09
CA ASN A 77 -1.92 -13.64 5.52
C ASN A 77 -0.55 -13.76 6.18
N ASP A 78 0.28 -14.67 5.69
CA ASP A 78 1.58 -14.89 6.33
C ASP A 78 2.72 -15.15 5.33
N LYS A 79 2.40 -15.70 4.17
CA LYS A 79 3.43 -16.06 3.20
C LYS A 79 3.83 -14.88 2.33
N ASN A 80 3.09 -13.82 2.44
CA ASN A 80 3.32 -12.60 1.69
C ASN A 80 2.95 -11.43 2.59
N THR A 81 3.32 -10.26 2.19
CA THR A 81 3.11 -9.09 2.97
C THR A 81 1.99 -8.26 2.34
N VAL A 82 2.30 -7.64 1.24
CA VAL A 82 1.38 -6.88 0.39
C VAL A 82 2.17 -6.24 -0.73
N ASP A 83 1.91 -6.65 -1.91
CA ASP A 83 2.62 -6.15 -3.05
C ASP A 83 1.71 -5.40 -4.00
N LEU A 84 2.18 -4.25 -4.40
CA LEU A 84 1.49 -3.40 -5.33
C LEU A 84 2.25 -3.32 -6.62
N GLN A 85 1.69 -3.86 -7.67
CA GLN A 85 2.28 -3.79 -8.96
C GLN A 85 1.81 -2.51 -9.62
N MET A 86 2.72 -1.61 -9.77
CA MET A 86 2.45 -0.32 -10.36
C MET A 86 2.85 -0.38 -11.82
N ASN A 87 1.96 -0.04 -12.70
CA ASN A 87 2.26 0.00 -14.14
C ASN A 87 1.51 1.12 -14.78
N ASN A 88 1.88 1.46 -16.03
CA ASN A 88 1.25 2.58 -16.78
C ASN A 88 1.55 3.91 -16.05
N LEU A 89 2.69 3.91 -15.40
CA LEU A 89 3.17 5.04 -14.64
C LEU A 89 3.53 6.18 -15.53
N LYS A 90 2.98 7.32 -15.27
CA LYS A 90 3.27 8.50 -16.02
C LYS A 90 4.27 9.31 -15.22
N PRO A 91 4.99 10.24 -15.86
CA PRO A 91 5.93 11.11 -15.15
C PRO A 91 5.24 11.92 -14.04
N GLU A 92 3.93 12.16 -14.21
CA GLU A 92 3.15 12.89 -13.21
C GLU A 92 2.73 12.00 -12.02
N ASP A 93 3.11 10.73 -12.05
CA ASP A 93 2.79 9.80 -10.95
C ASP A 93 3.83 9.85 -9.84
N THR A 94 4.76 10.78 -9.97
CA THR A 94 5.79 10.99 -8.97
C THR A 94 5.18 11.51 -7.68
N ALA A 95 5.32 10.73 -6.62
CA ALA A 95 4.75 11.07 -5.33
C ALA A 95 5.11 10.03 -4.30
N ASP A 96 4.53 10.13 -3.11
CA ASP A 96 4.85 9.20 -2.04
C ASP A 96 3.79 8.20 -1.93
N TYR A 97 4.13 6.97 -2.00
CA TYR A 97 3.18 5.97 -1.72
C TYR A 97 3.23 5.65 -0.28
N TYR A 98 2.10 5.54 0.30
CA TYR A 98 1.96 5.23 1.68
C TYR A 98 1.22 3.92 1.88
N CYS A 99 1.61 3.21 2.89
CA CYS A 99 1.01 1.95 3.23
C CYS A 99 0.18 2.09 4.47
N ARG A 100 -1.03 1.57 4.38
CA ARG A 100 -1.95 1.59 5.47
C ARG A 100 -2.38 0.18 5.77
N ALA A 101 -2.29 -0.19 7.01
CA ALA A 101 -2.71 -1.48 7.42
C ALA A 101 -3.73 -1.32 8.50
N GLN A 102 -4.83 -1.95 8.36
CA GLN A 102 -5.87 -1.85 9.33
C GLN A 102 -6.13 -3.21 9.91
N GLN A 103 -6.07 -3.30 11.19
CA GLN A 103 -6.29 -4.54 11.83
C GLN A 103 -7.58 -4.42 12.64
N LYS A 104 -8.40 -5.41 12.56
CA LYS A 104 -9.63 -5.43 13.29
C LYS A 104 -9.39 -6.08 14.62
N ILE A 105 -9.61 -5.32 15.65
CA ILE A 105 -9.37 -5.75 16.99
C ILE A 105 -10.69 -6.25 17.55
N GLY A 106 -10.65 -7.37 18.26
CA GLY A 106 -11.86 -7.97 18.74
C GLY A 106 -12.79 -8.27 17.59
N ARG A 107 -13.99 -7.77 17.68
CA ARG A 107 -14.95 -7.91 16.60
C ARG A 107 -15.59 -6.56 16.30
N ASP A 108 -15.03 -5.48 16.87
CA ASP A 108 -15.69 -4.16 16.74
C ASP A 108 -14.70 -3.00 16.61
N THR A 109 -13.48 -3.18 17.06
CA THR A 109 -12.53 -2.10 17.09
C THR A 109 -11.57 -2.21 15.91
N PHE A 110 -11.12 -1.09 15.40
CA PHE A 110 -10.16 -1.10 14.32
C PHE A 110 -8.92 -0.34 14.71
N ARG A 111 -7.79 -0.82 14.28
CA ARG A 111 -6.53 -0.22 14.58
C ARG A 111 -5.84 0.15 13.27
N ASP A 112 -5.43 1.39 13.15
CA ASP A 112 -4.77 1.87 11.94
C ASP A 112 -3.27 1.92 12.11
N TYR A 113 -2.59 1.31 11.19
CA TYR A 113 -1.16 1.35 11.14
C TYR A 113 -0.74 2.02 9.86
N TRP A 114 0.31 2.78 9.91
CA TRP A 114 0.85 3.42 8.74
C TRP A 114 2.32 3.14 8.61
N GLY A 115 2.77 2.98 7.40
CA GLY A 115 4.16 2.77 7.15
C GLY A 115 4.83 4.06 6.78
N GLN A 116 6.11 4.05 6.62
CA GLN A 116 6.80 5.22 6.21
C GLN A 116 6.93 5.18 4.72
N GLY A 117 6.15 6.02 4.09
CA GLY A 117 6.01 6.03 2.66
C GLY A 117 7.26 6.34 1.91
N THR A 118 7.33 5.79 0.76
CA THR A 118 8.47 5.92 -0.10
C THR A 118 8.13 6.83 -1.32
N GLN A 119 9.07 7.66 -1.73
CA GLN A 119 8.88 8.57 -2.83
C GLN A 119 9.30 7.90 -4.13
N VAL A 120 8.38 7.75 -5.03
CA VAL A 120 8.69 7.09 -6.27
C VAL A 120 8.99 8.14 -7.33
N THR A 121 10.06 7.97 -8.03
CA THR A 121 10.48 8.91 -9.03
C THR A 121 10.31 8.30 -10.42
N VAL A 122 9.65 8.99 -11.31
CA VAL A 122 9.43 8.51 -12.66
C VAL A 122 10.04 9.51 -13.64
N SER A 123 10.88 9.01 -14.52
CA SER A 123 11.50 9.84 -15.53
C SER A 123 10.86 9.56 -16.88
N SER A 124 10.68 10.60 -17.64
CA SER A 124 10.06 10.51 -18.93
C SER A 124 11.01 9.88 -19.95
N GLY A 1 1.54 -6.54 23.74
CA GLY A 1 2.07 -5.63 22.74
C GLY A 1 1.00 -4.85 22.07
N SER A 2 0.72 -3.70 22.59
CA SER A 2 -0.29 -2.83 22.07
C SER A 2 0.37 -1.64 21.40
N GLY A 3 -0.22 -1.14 20.34
CA GLY A 3 0.34 0.01 19.70
C GLY A 3 1.28 -0.39 18.59
N SER A 4 2.40 0.27 18.51
CA SER A 4 3.34 0.02 17.45
C SER A 4 4.25 -1.18 17.72
N GLN A 5 3.67 -2.36 17.67
CA GLN A 5 4.43 -3.59 17.75
C GLN A 5 4.75 -4.03 16.33
N VAL A 6 3.99 -3.51 15.42
CA VAL A 6 4.13 -3.81 14.03
C VAL A 6 4.65 -2.59 13.27
N GLN A 7 5.69 -2.80 12.52
CA GLN A 7 6.23 -1.77 11.68
C GLN A 7 5.79 -2.05 10.28
N LEU A 8 5.37 -1.04 9.60
CA LEU A 8 5.05 -1.18 8.22
C LEU A 8 6.15 -0.58 7.43
N VAL A 9 6.72 -1.35 6.57
CA VAL A 9 7.79 -0.91 5.76
C VAL A 9 7.45 -1.10 4.30
N GLU A 10 7.33 -0.02 3.59
CA GLU A 10 7.08 -0.08 2.20
C GLU A 10 8.41 -0.20 1.48
N SER A 11 8.51 -1.19 0.67
CA SER A 11 9.71 -1.48 -0.08
C SER A 11 9.59 -0.96 -1.50
N GLY A 12 10.70 -0.72 -2.14
CA GLY A 12 10.71 -0.21 -3.46
C GLY A 12 11.12 1.23 -3.48
N GLY A 13 10.34 2.06 -4.14
CA GLY A 13 10.63 3.47 -4.20
C GLY A 13 11.84 3.76 -5.04
N GLY A 14 11.85 3.16 -6.19
CA GLY A 14 12.97 3.31 -7.06
C GLY A 14 12.70 4.27 -8.18
N LEU A 15 13.49 4.16 -9.20
CA LEU A 15 13.41 5.02 -10.34
C LEU A 15 13.03 4.24 -11.57
N VAL A 16 11.96 4.65 -12.18
CA VAL A 16 11.45 4.06 -13.39
C VAL A 16 11.17 5.11 -14.42
N GLN A 17 11.07 4.70 -15.64
CA GLN A 17 10.80 5.59 -16.72
C GLN A 17 9.31 5.58 -17.03
N ALA A 18 8.84 6.63 -17.66
CA ALA A 18 7.46 6.75 -18.05
C ALA A 18 7.07 5.59 -18.97
N GLY A 19 6.11 4.81 -18.54
CA GLY A 19 5.69 3.66 -19.31
C GLY A 19 6.21 2.38 -18.68
N GLY A 20 6.98 2.53 -17.62
CA GLY A 20 7.56 1.41 -16.94
C GLY A 20 6.64 0.82 -15.89
N SER A 21 7.06 -0.28 -15.31
CA SER A 21 6.34 -0.94 -14.26
C SER A 21 7.25 -1.13 -13.05
N LEU A 22 6.67 -1.10 -11.87
CA LEU A 22 7.43 -1.25 -10.65
C LEU A 22 6.50 -1.86 -9.62
N ARG A 23 7.01 -2.69 -8.77
CA ARG A 23 6.18 -3.29 -7.75
C ARG A 23 6.63 -2.84 -6.38
N LEU A 24 5.69 -2.40 -5.59
CA LEU A 24 5.95 -1.98 -4.25
C LEU A 24 5.43 -3.04 -3.33
N SER A 25 6.06 -3.22 -2.22
CA SER A 25 5.61 -4.22 -1.29
C SER A 25 5.61 -3.63 0.10
N CYS A 26 4.59 -3.90 0.84
CA CYS A 26 4.47 -3.38 2.18
C CYS A 26 4.64 -4.54 3.11
N ALA A 27 5.62 -4.45 3.94
CA ALA A 27 5.91 -5.50 4.84
C ALA A 27 5.60 -5.12 6.25
N ALA A 28 4.98 -6.02 6.94
CA ALA A 28 4.68 -5.82 8.31
C ALA A 28 5.72 -6.57 9.11
N SER A 29 6.36 -5.91 9.99
CA SER A 29 7.37 -6.54 10.80
C SER A 29 6.98 -6.52 12.27
N GLY A 30 7.17 -7.64 12.94
CA GLY A 30 6.92 -7.72 14.35
C GLY A 30 5.54 -8.21 14.69
N SER A 31 4.71 -8.38 13.70
CA SER A 31 3.35 -8.78 13.94
C SER A 31 3.21 -10.28 13.82
N THR A 32 2.79 -10.90 14.88
CA THR A 32 2.49 -12.31 14.87
C THR A 32 0.99 -12.50 14.70
N PHE A 33 0.29 -11.38 14.75
CA PHE A 33 -1.14 -11.34 14.61
C PHE A 33 -1.45 -11.11 13.13
N SER A 34 -2.55 -11.64 12.67
CA SER A 34 -2.91 -11.53 11.26
C SER A 34 -3.58 -10.16 10.97
N LEU A 35 -3.29 -9.61 9.81
CA LEU A 35 -3.86 -8.33 9.40
C LEU A 35 -5.21 -8.58 8.77
N HIS A 36 -6.18 -7.75 9.07
CA HIS A 36 -7.53 -7.98 8.60
C HIS A 36 -7.73 -7.31 7.25
N LEU A 37 -7.16 -6.13 7.09
CA LEU A 37 -7.21 -5.38 5.85
C LEU A 37 -5.87 -4.74 5.63
N MET A 38 -5.46 -4.62 4.38
CA MET A 38 -4.21 -3.98 4.08
C MET A 38 -4.36 -3.33 2.70
N GLY A 39 -3.84 -2.14 2.54
CA GLY A 39 -4.07 -1.40 1.31
C GLY A 39 -3.02 -0.35 1.03
N TRP A 40 -3.05 0.18 -0.18
CA TRP A 40 -2.09 1.17 -0.66
C TRP A 40 -2.76 2.51 -0.95
N TYR A 41 -2.06 3.55 -0.60
CA TYR A 41 -2.47 4.93 -0.79
C TYR A 41 -1.31 5.70 -1.38
N ARG A 42 -1.58 6.86 -1.87
CA ARG A 42 -0.51 7.66 -2.43
C ARG A 42 -0.75 9.11 -2.09
N GLN A 43 0.31 9.83 -1.83
CA GLN A 43 0.19 11.21 -1.51
C GLN A 43 1.18 12.01 -2.29
N ALA A 44 0.69 12.87 -3.12
CA ALA A 44 1.50 13.80 -3.83
C ALA A 44 1.44 15.12 -3.10
N PRO A 45 2.59 15.79 -2.89
CA PRO A 45 2.64 17.04 -2.12
C PRO A 45 1.73 18.11 -2.73
N GLY A 46 0.85 18.64 -1.91
CA GLY A 46 -0.08 19.65 -2.34
C GLY A 46 -1.42 19.07 -2.78
N LYS A 47 -1.48 17.74 -2.84
CA LYS A 47 -2.69 17.04 -3.27
C LYS A 47 -3.21 16.19 -2.11
N GLN A 48 -4.33 15.53 -2.34
CA GLN A 48 -4.95 14.64 -1.35
C GLN A 48 -4.27 13.28 -1.39
N ARG A 49 -4.24 12.60 -0.25
CA ARG A 49 -3.74 11.25 -0.23
C ARG A 49 -4.85 10.36 -0.75
N GLU A 50 -4.61 9.80 -1.88
CA GLU A 50 -5.59 9.08 -2.61
C GLU A 50 -5.55 7.62 -2.26
N VAL A 51 -6.71 7.02 -2.15
CA VAL A 51 -6.78 5.61 -1.96
C VAL A 51 -6.55 4.92 -3.29
N VAL A 52 -5.56 4.09 -3.33
CA VAL A 52 -5.18 3.43 -4.54
C VAL A 52 -5.84 2.07 -4.62
N ALA A 53 -5.74 1.32 -3.53
CA ALA A 53 -6.29 -0.01 -3.48
C ALA A 53 -6.46 -0.46 -2.05
N THR A 54 -7.61 -1.04 -1.75
CA THR A 54 -7.90 -1.57 -0.43
C THR A 54 -8.50 -2.96 -0.55
N SER A 55 -8.36 -3.74 0.49
CA SER A 55 -8.91 -5.06 0.51
C SER A 55 -10.26 -5.09 1.22
N GLY A 56 -11.27 -5.47 0.49
CA GLY A 56 -12.62 -5.47 0.98
C GLY A 56 -12.94 -6.63 1.90
N SER A 57 -14.10 -6.56 2.49
CA SER A 57 -14.59 -7.47 3.51
C SER A 57 -14.53 -8.97 3.13
N GLY A 58 -14.85 -9.30 1.90
CA GLY A 58 -14.89 -10.71 1.51
C GLY A 58 -13.62 -11.13 0.82
N GLY A 59 -12.60 -10.33 0.93
CA GLY A 59 -11.37 -10.61 0.23
C GLY A 59 -11.40 -9.93 -1.10
N ASP A 60 -12.27 -8.95 -1.20
CA ASP A 60 -12.45 -8.15 -2.40
C ASP A 60 -11.28 -7.21 -2.52
N THR A 61 -11.07 -6.67 -3.67
CA THR A 61 -10.06 -5.68 -3.79
C THR A 61 -10.61 -4.52 -4.60
N ASN A 62 -10.50 -3.35 -4.08
CA ASN A 62 -11.04 -2.18 -4.72
C ASN A 62 -9.91 -1.29 -5.14
N TYR A 63 -9.94 -0.83 -6.36
CA TYR A 63 -8.90 0.01 -6.89
C TYR A 63 -9.50 1.31 -7.37
N ALA A 64 -8.69 2.35 -7.44
CA ALA A 64 -9.12 3.64 -7.98
C ALA A 64 -9.42 3.48 -9.47
N ASP A 65 -10.33 4.29 -9.99
CA ASP A 65 -10.72 4.21 -11.42
C ASP A 65 -9.52 4.43 -12.31
N SER A 66 -8.64 5.29 -11.87
CA SER A 66 -7.46 5.64 -12.60
C SER A 66 -6.41 4.53 -12.61
N VAL A 67 -6.51 3.59 -11.68
CA VAL A 67 -5.49 2.56 -11.60
C VAL A 67 -6.04 1.19 -12.02
N LYS A 68 -7.30 1.18 -12.46
CA LYS A 68 -7.95 -0.04 -12.92
C LYS A 68 -7.25 -0.61 -14.14
N GLY A 69 -6.81 -1.85 -14.04
CA GLY A 69 -6.10 -2.48 -15.14
C GLY A 69 -4.65 -2.06 -15.21
N ARG A 70 -4.24 -1.24 -14.28
CA ARG A 70 -2.87 -0.77 -14.24
C ARG A 70 -2.19 -1.22 -12.97
N PHE A 71 -2.91 -1.13 -11.88
CA PHE A 71 -2.40 -1.47 -10.56
C PHE A 71 -3.13 -2.66 -9.99
N THR A 72 -2.39 -3.58 -9.46
CA THR A 72 -2.96 -4.74 -8.80
C THR A 72 -2.24 -5.01 -7.48
N ILE A 73 -3.00 -5.23 -6.42
CA ILE A 73 -2.41 -5.54 -5.14
C ILE A 73 -2.78 -6.94 -4.71
N SER A 74 -1.92 -7.55 -3.99
CA SER A 74 -2.13 -8.88 -3.50
C SER A 74 -1.76 -8.87 -2.04
N ARG A 75 -2.51 -9.60 -1.22
CA ARG A 75 -2.23 -9.63 0.20
C ARG A 75 -2.38 -11.01 0.74
N ASP A 76 -1.43 -11.44 1.51
CA ASP A 76 -1.65 -12.56 2.36
C ASP A 76 -1.90 -11.98 3.70
N ASN A 77 -2.94 -12.38 4.34
CA ASN A 77 -3.37 -11.73 5.58
C ASN A 77 -2.52 -12.09 6.80
N ASP A 78 -1.46 -12.85 6.62
CA ASP A 78 -0.66 -13.21 7.77
C ASP A 78 0.85 -13.29 7.50
N LYS A 79 1.26 -14.05 6.51
CA LYS A 79 2.69 -14.31 6.35
C LYS A 79 3.35 -13.55 5.20
N ASN A 80 2.60 -13.27 4.16
CA ASN A 80 3.18 -12.57 3.01
C ASN A 80 2.81 -11.09 3.07
N THR A 81 3.44 -10.30 2.27
CA THR A 81 3.29 -8.88 2.33
C THR A 81 2.50 -8.38 1.12
N VAL A 82 1.76 -7.29 1.31
CA VAL A 82 0.95 -6.72 0.24
C VAL A 82 1.81 -6.08 -0.83
N ASP A 83 1.73 -6.62 -2.01
CA ASP A 83 2.46 -6.11 -3.11
C ASP A 83 1.55 -5.37 -4.04
N LEU A 84 2.08 -4.33 -4.63
CA LEU A 84 1.38 -3.50 -5.57
C LEU A 84 2.15 -3.43 -6.86
N GLN A 85 1.63 -4.05 -7.88
CA GLN A 85 2.22 -4.01 -9.18
C GLN A 85 1.68 -2.80 -9.91
N MET A 86 2.54 -1.85 -10.15
CA MET A 86 2.15 -0.64 -10.82
C MET A 86 2.64 -0.68 -12.23
N ASN A 87 1.74 -0.55 -13.16
CA ASN A 87 2.09 -0.57 -14.57
C ASN A 87 1.59 0.70 -15.20
N ASN A 88 2.21 1.09 -16.32
CA ASN A 88 1.85 2.32 -17.06
C ASN A 88 2.17 3.54 -16.17
N LEU A 89 3.30 3.45 -15.50
CA LEU A 89 3.78 4.52 -14.62
C LEU A 89 4.12 5.77 -15.41
N LYS A 90 3.46 6.84 -15.09
CA LYS A 90 3.65 8.09 -15.74
C LYS A 90 4.44 9.00 -14.81
N PRO A 91 5.11 10.06 -15.33
CA PRO A 91 5.90 11.00 -14.50
C PRO A 91 5.07 11.59 -13.36
N GLU A 92 3.78 11.74 -13.63
CA GLU A 92 2.81 12.30 -12.69
C GLU A 92 2.56 11.36 -11.50
N ASP A 93 2.98 10.12 -11.61
CA ASP A 93 2.73 9.15 -10.55
C ASP A 93 3.82 9.16 -9.50
N THR A 94 4.81 10.02 -9.71
CA THR A 94 5.87 10.23 -8.74
C THR A 94 5.28 10.86 -7.48
N ALA A 95 5.34 10.14 -6.36
CA ALA A 95 4.78 10.62 -5.09
C ALA A 95 5.08 9.63 -3.99
N ASP A 96 4.47 9.83 -2.82
CA ASP A 96 4.71 8.93 -1.71
C ASP A 96 3.64 7.91 -1.67
N TYR A 97 3.99 6.68 -1.72
CA TYR A 97 3.07 5.63 -1.53
C TYR A 97 3.04 5.23 -0.09
N TYR A 98 1.87 5.22 0.45
CA TYR A 98 1.64 4.89 1.83
C TYR A 98 0.88 3.60 1.95
N CYS A 99 1.18 2.87 2.95
CA CYS A 99 0.56 1.61 3.21
C CYS A 99 -0.34 1.70 4.44
N ARG A 100 -1.45 1.01 4.40
CA ARG A 100 -2.39 0.96 5.49
C ARG A 100 -2.67 -0.48 5.86
N ALA A 101 -2.67 -0.77 7.14
CA ALA A 101 -3.00 -2.09 7.64
C ALA A 101 -3.99 -1.95 8.77
N GLN A 102 -5.02 -2.73 8.75
CA GLN A 102 -6.00 -2.64 9.81
C GLN A 102 -6.06 -3.96 10.54
N GLN A 103 -5.88 -3.89 11.82
CA GLN A 103 -5.81 -5.04 12.69
C GLN A 103 -6.98 -5.00 13.66
N LYS A 104 -7.56 -6.15 13.91
CA LYS A 104 -8.65 -6.24 14.84
C LYS A 104 -8.09 -6.49 16.23
N ILE A 105 -8.37 -5.59 17.11
CA ILE A 105 -7.84 -5.58 18.45
C ILE A 105 -8.96 -5.92 19.42
N GLY A 106 -8.68 -6.78 20.38
CA GLY A 106 -9.65 -7.14 21.40
C GLY A 106 -11.00 -7.58 20.86
N ARG A 107 -10.99 -8.18 19.65
CA ARG A 107 -12.19 -8.70 18.95
C ARG A 107 -13.17 -7.60 18.44
N ASP A 108 -13.39 -6.57 19.24
CA ASP A 108 -14.37 -5.53 18.88
C ASP A 108 -13.70 -4.26 18.35
N THR A 109 -12.46 -4.09 18.66
CA THR A 109 -11.73 -2.90 18.30
C THR A 109 -10.95 -3.13 16.99
N PHE A 110 -10.74 -2.07 16.25
CA PHE A 110 -9.99 -2.14 15.01
C PHE A 110 -9.07 -0.94 14.94
N ARG A 111 -7.84 -1.15 14.61
CA ARG A 111 -6.89 -0.06 14.51
C ARG A 111 -6.18 -0.07 13.20
N ASP A 112 -5.99 1.12 12.66
CA ASP A 112 -5.34 1.31 11.37
C ASP A 112 -3.91 1.76 11.56
N TYR A 113 -3.02 1.04 10.95
CA TYR A 113 -1.63 1.37 10.97
C TYR A 113 -1.27 1.95 9.64
N TRP A 114 -0.57 3.03 9.63
CA TRP A 114 -0.10 3.63 8.41
C TRP A 114 1.40 3.49 8.33
N GLY A 115 1.88 3.15 7.18
CA GLY A 115 3.27 2.85 7.01
C GLY A 115 4.17 4.03 6.73
N GLN A 116 5.35 3.71 6.27
CA GLN A 116 6.36 4.67 5.98
C GLN A 116 6.35 4.93 4.50
N GLY A 117 5.86 6.10 4.15
CA GLY A 117 5.66 6.46 2.78
C GLY A 117 6.88 6.34 1.94
N THR A 118 6.72 5.65 0.87
CA THR A 118 7.75 5.38 -0.07
C THR A 118 7.60 6.21 -1.34
N GLN A 119 8.62 6.98 -1.62
CA GLN A 119 8.66 7.86 -2.75
C GLN A 119 9.08 7.10 -4.01
N VAL A 120 8.21 7.07 -4.97
CA VAL A 120 8.51 6.45 -6.24
C VAL A 120 8.86 7.54 -7.23
N THR A 121 9.86 7.33 -8.04
CA THR A 121 10.23 8.33 -9.00
C THR A 121 10.09 7.80 -10.42
N VAL A 122 9.26 8.47 -11.20
CA VAL A 122 9.08 8.11 -12.58
C VAL A 122 9.60 9.25 -13.44
N SER A 123 10.59 8.98 -14.25
CA SER A 123 11.18 9.99 -15.08
C SER A 123 10.71 9.89 -16.51
N SER A 124 10.54 11.02 -17.12
CA SER A 124 10.15 11.08 -18.49
C SER A 124 11.27 11.74 -19.28
N GLY A 1 3.83 6.37 20.46
CA GLY A 1 3.44 5.81 19.16
C GLY A 1 3.89 4.39 19.01
N SER A 2 3.49 3.75 17.93
CA SER A 2 3.81 2.36 17.64
C SER A 2 3.19 1.40 18.65
N GLY A 3 1.99 0.98 18.36
CA GLY A 3 1.34 0.01 19.17
C GLY A 3 1.32 -1.30 18.47
N SER A 4 0.98 -2.36 19.19
CA SER A 4 0.92 -3.70 18.65
C SER A 4 2.34 -4.19 18.27
N GLN A 5 2.41 -5.36 17.69
CA GLN A 5 3.67 -5.95 17.33
C GLN A 5 4.01 -5.58 15.90
N VAL A 6 3.00 -5.22 15.15
CA VAL A 6 3.13 -4.94 13.74
C VAL A 6 3.76 -3.57 13.44
N GLN A 7 4.77 -3.60 12.61
CA GLN A 7 5.41 -2.42 12.10
C GLN A 7 5.31 -2.48 10.58
N LEU A 8 4.94 -1.38 9.96
CA LEU A 8 4.84 -1.33 8.51
C LEU A 8 6.07 -0.72 7.90
N VAL A 9 6.63 -1.41 6.95
CA VAL A 9 7.77 -0.91 6.21
C VAL A 9 7.48 -1.02 4.71
N GLU A 10 7.38 0.12 4.05
CA GLU A 10 7.19 0.11 2.63
C GLU A 10 8.52 0.08 1.93
N SER A 11 8.67 -0.85 1.04
CA SER A 11 9.83 -0.97 0.25
C SER A 11 9.46 -0.70 -1.19
N GLY A 12 10.35 -0.11 -1.91
CA GLY A 12 10.09 0.25 -3.26
C GLY A 12 10.21 1.73 -3.40
N GLY A 13 9.43 2.32 -4.26
CA GLY A 13 9.54 3.75 -4.45
C GLY A 13 10.81 4.07 -5.16
N GLY A 14 11.01 3.36 -6.21
CA GLY A 14 12.20 3.51 -6.97
C GLY A 14 12.01 4.37 -8.18
N LEU A 15 12.87 4.18 -9.12
CA LEU A 15 12.89 4.92 -10.34
C LEU A 15 12.57 4.02 -11.52
N VAL A 16 11.64 4.46 -12.33
CA VAL A 16 11.27 3.79 -13.56
C VAL A 16 11.06 4.81 -14.65
N GLN A 17 11.14 4.39 -15.87
CA GLN A 17 10.94 5.28 -16.96
C GLN A 17 9.47 5.24 -17.37
N ALA A 18 9.00 6.32 -18.00
CA ALA A 18 7.62 6.45 -18.46
C ALA A 18 7.16 5.21 -19.26
N GLY A 19 6.10 4.58 -18.78
CA GLY A 19 5.55 3.40 -19.42
C GLY A 19 6.01 2.13 -18.75
N GLY A 20 6.93 2.26 -17.82
CA GLY A 20 7.46 1.13 -17.10
C GLY A 20 6.53 0.64 -16.01
N SER A 21 6.91 -0.44 -15.38
CA SER A 21 6.17 -1.03 -14.30
C SER A 21 7.05 -1.11 -13.05
N LEU A 22 6.45 -0.98 -11.89
CA LEU A 22 7.20 -0.98 -10.66
C LEU A 22 6.33 -1.65 -9.61
N ARG A 23 6.91 -2.36 -8.70
CA ARG A 23 6.15 -3.01 -7.67
C ARG A 23 6.67 -2.59 -6.31
N LEU A 24 5.78 -2.19 -5.44
CA LEU A 24 6.17 -1.84 -4.10
C LEU A 24 5.71 -2.90 -3.14
N SER A 25 6.39 -2.99 -2.04
CA SER A 25 6.10 -3.99 -1.06
C SER A 25 5.83 -3.35 0.29
N CYS A 26 4.79 -3.79 0.95
CA CYS A 26 4.49 -3.34 2.28
C CYS A 26 4.77 -4.51 3.16
N ALA A 27 5.66 -4.34 4.06
CA ALA A 27 6.02 -5.41 4.92
C ALA A 27 5.47 -5.20 6.29
N ALA A 28 4.60 -6.09 6.68
CA ALA A 28 4.08 -6.09 7.99
C ALA A 28 4.84 -7.11 8.78
N SER A 29 5.45 -6.69 9.83
CA SER A 29 6.25 -7.58 10.62
C SER A 29 5.90 -7.41 12.07
N GLY A 30 5.98 -8.49 12.82
CA GLY A 30 5.68 -8.45 14.21
C GLY A 30 4.45 -9.23 14.56
N SER A 31 3.30 -8.72 14.21
CA SER A 31 2.07 -9.40 14.51
C SER A 31 1.84 -10.59 13.60
N THR A 32 1.46 -11.68 14.21
CA THR A 32 1.11 -12.88 13.50
C THR A 32 -0.40 -12.94 13.35
N PHE A 33 -1.07 -11.94 13.91
CA PHE A 33 -2.49 -11.81 13.81
C PHE A 33 -2.82 -11.26 12.44
N SER A 34 -3.83 -11.80 11.82
CA SER A 34 -4.21 -11.42 10.48
C SER A 34 -4.73 -9.99 10.45
N LEU A 35 -4.17 -9.19 9.56
CA LEU A 35 -4.62 -7.82 9.40
C LEU A 35 -6.00 -7.85 8.79
N HIS A 36 -6.87 -6.99 9.27
CA HIS A 36 -8.26 -7.04 8.88
C HIS A 36 -8.45 -6.28 7.57
N LEU A 37 -7.57 -5.33 7.32
CA LEU A 37 -7.54 -4.55 6.10
C LEU A 37 -6.14 -4.04 5.86
N MET A 38 -5.72 -4.08 4.61
CA MET A 38 -4.44 -3.54 4.18
C MET A 38 -4.62 -2.90 2.83
N GLY A 39 -3.99 -1.79 2.62
CA GLY A 39 -4.15 -1.06 1.40
C GLY A 39 -3.03 -0.10 1.12
N TRP A 40 -2.99 0.40 -0.09
CA TRP A 40 -2.00 1.35 -0.52
C TRP A 40 -2.66 2.66 -0.86
N TYR A 41 -2.02 3.71 -0.46
CA TYR A 41 -2.47 5.05 -0.67
C TYR A 41 -1.34 5.85 -1.25
N ARG A 42 -1.65 6.96 -1.80
CA ARG A 42 -0.65 7.77 -2.40
C ARG A 42 -0.81 9.19 -1.95
N GLN A 43 0.27 9.89 -1.81
CA GLN A 43 0.23 11.22 -1.32
C GLN A 43 1.05 12.13 -2.20
N ALA A 44 0.42 13.16 -2.72
CA ALA A 44 1.11 14.17 -3.47
C ALA A 44 1.07 15.47 -2.68
N PRO A 45 2.23 16.15 -2.52
CA PRO A 45 2.33 17.42 -1.76
C PRO A 45 1.33 18.46 -2.23
N GLY A 46 0.54 18.97 -1.30
CA GLY A 46 -0.45 19.98 -1.62
C GLY A 46 -1.80 19.36 -1.93
N LYS A 47 -1.82 18.06 -2.07
CA LYS A 47 -3.02 17.32 -2.37
C LYS A 47 -3.34 16.39 -1.23
N GLN A 48 -4.43 15.69 -1.34
CA GLN A 48 -4.83 14.76 -0.30
C GLN A 48 -4.25 13.38 -0.59
N ARG A 49 -4.04 12.60 0.44
CA ARG A 49 -3.61 11.25 0.26
C ARG A 49 -4.79 10.42 -0.22
N GLU A 50 -4.65 9.94 -1.42
CA GLU A 50 -5.70 9.28 -2.15
C GLU A 50 -5.59 7.78 -2.02
N VAL A 51 -6.70 7.11 -2.16
CA VAL A 51 -6.73 5.69 -2.12
C VAL A 51 -6.30 5.14 -3.47
N VAL A 52 -5.44 4.17 -3.44
CA VAL A 52 -4.98 3.56 -4.65
C VAL A 52 -5.58 2.17 -4.78
N ALA A 53 -5.42 1.40 -3.74
CA ALA A 53 -5.92 0.05 -3.70
C ALA A 53 -6.13 -0.36 -2.28
N THR A 54 -7.26 -0.95 -1.99
CA THR A 54 -7.53 -1.43 -0.66
C THR A 54 -8.00 -2.86 -0.70
N SER A 55 -7.70 -3.58 0.33
CA SER A 55 -8.13 -4.91 0.49
C SER A 55 -9.09 -4.94 1.64
N GLY A 56 -10.28 -5.40 1.37
CA GLY A 56 -11.31 -5.49 2.38
C GLY A 56 -11.04 -6.63 3.36
N SER A 57 -11.97 -6.85 4.28
CA SER A 57 -11.80 -7.84 5.33
C SER A 57 -11.68 -9.26 4.76
N GLY A 58 -12.44 -9.54 3.73
CA GLY A 58 -12.39 -10.83 3.11
C GLY A 58 -11.25 -10.95 2.12
N GLY A 59 -10.70 -9.82 1.76
CA GLY A 59 -9.58 -9.81 0.84
C GLY A 59 -9.97 -9.27 -0.52
N ASP A 60 -11.21 -8.83 -0.65
CA ASP A 60 -11.71 -8.29 -1.92
C ASP A 60 -11.04 -6.96 -2.17
N THR A 61 -10.68 -6.69 -3.38
CA THR A 61 -9.91 -5.51 -3.67
C THR A 61 -10.72 -4.42 -4.32
N ASN A 62 -10.30 -3.22 -4.10
CA ASN A 62 -10.86 -2.05 -4.75
C ASN A 62 -9.70 -1.22 -5.22
N TYR A 63 -9.71 -0.83 -6.47
CA TYR A 63 -8.65 0.01 -6.98
C TYR A 63 -9.26 1.32 -7.41
N ALA A 64 -8.47 2.37 -7.43
CA ALA A 64 -8.91 3.65 -7.96
C ALA A 64 -9.18 3.48 -9.45
N ASP A 65 -10.13 4.23 -10.01
CA ASP A 65 -10.46 4.08 -11.45
C ASP A 65 -9.25 4.39 -12.32
N SER A 66 -8.36 5.21 -11.80
CA SER A 66 -7.17 5.60 -12.51
C SER A 66 -6.14 4.44 -12.57
N VAL A 67 -6.17 3.55 -11.59
CA VAL A 67 -5.18 2.48 -11.54
C VAL A 67 -5.82 1.12 -11.83
N LYS A 68 -7.13 1.15 -12.00
CA LYS A 68 -7.94 -0.05 -12.23
C LYS A 68 -7.39 -0.79 -13.46
N GLY A 69 -7.08 -2.05 -13.30
CA GLY A 69 -6.61 -2.84 -14.41
C GLY A 69 -5.10 -2.89 -14.54
N ARG A 70 -4.42 -1.81 -14.19
CA ARG A 70 -2.97 -1.79 -14.33
C ARG A 70 -2.32 -2.24 -13.05
N PHE A 71 -2.99 -1.96 -11.95
CA PHE A 71 -2.48 -2.28 -10.64
C PHE A 71 -3.14 -3.51 -10.08
N THR A 72 -2.34 -4.32 -9.43
CA THR A 72 -2.82 -5.50 -8.74
C THR A 72 -2.15 -5.56 -7.37
N ILE A 73 -2.95 -5.76 -6.35
CA ILE A 73 -2.47 -5.82 -5.01
C ILE A 73 -2.48 -7.29 -4.53
N SER A 74 -1.50 -7.66 -3.75
CA SER A 74 -1.37 -9.02 -3.27
C SER A 74 -1.09 -8.97 -1.78
N ARG A 75 -1.88 -9.67 -0.96
CA ARG A 75 -1.67 -9.55 0.49
C ARG A 75 -1.76 -10.88 1.18
N ASP A 76 -0.72 -11.24 1.86
CA ASP A 76 -0.76 -12.38 2.74
C ASP A 76 -0.88 -11.83 4.15
N ASN A 77 -1.40 -12.61 5.06
CA ASN A 77 -1.60 -12.11 6.42
C ASN A 77 -0.36 -12.22 7.31
N ASP A 78 0.62 -13.08 6.94
CA ASP A 78 1.81 -13.25 7.80
C ASP A 78 2.96 -14.03 7.15
N LYS A 79 2.70 -14.80 6.10
CA LYS A 79 3.77 -15.59 5.45
C LYS A 79 4.49 -14.76 4.41
N ASN A 80 3.78 -13.84 3.85
CA ASN A 80 4.30 -13.00 2.78
C ASN A 80 3.84 -11.57 3.04
N THR A 81 4.40 -10.63 2.33
CA THR A 81 4.11 -9.24 2.53
C THR A 81 3.28 -8.72 1.35
N VAL A 82 2.62 -7.59 1.53
CA VAL A 82 1.76 -7.04 0.49
C VAL A 82 2.57 -6.43 -0.63
N ASP A 83 2.19 -6.70 -1.82
CA ASP A 83 2.82 -6.09 -2.97
C ASP A 83 1.80 -5.42 -3.82
N LEU A 84 2.17 -4.33 -4.41
CA LEU A 84 1.33 -3.62 -5.32
C LEU A 84 2.05 -3.52 -6.65
N GLN A 85 1.53 -4.22 -7.61
CA GLN A 85 2.10 -4.21 -8.92
C GLN A 85 1.57 -3.01 -9.68
N MET A 86 2.43 -2.07 -9.95
CA MET A 86 2.07 -0.87 -10.66
C MET A 86 2.57 -0.96 -12.08
N ASN A 87 1.80 -0.47 -13.01
CA ASN A 87 2.20 -0.44 -14.39
C ASN A 87 1.66 0.84 -14.98
N ASN A 88 2.14 1.23 -16.16
CA ASN A 88 1.75 2.48 -16.81
C ASN A 88 2.22 3.65 -15.96
N LEU A 89 3.47 3.58 -15.52
CA LEU A 89 4.05 4.66 -14.78
C LEU A 89 4.26 5.85 -15.68
N LYS A 90 3.63 6.92 -15.33
CA LYS A 90 3.67 8.13 -16.09
C LYS A 90 4.52 9.14 -15.37
N PRO A 91 5.11 10.11 -16.08
CA PRO A 91 5.94 11.15 -15.44
C PRO A 91 5.10 11.97 -14.45
N GLU A 92 3.80 12.01 -14.73
CA GLU A 92 2.82 12.71 -13.92
C GLU A 92 2.50 11.92 -12.64
N ASP A 93 2.85 10.67 -12.64
CA ASP A 93 2.37 9.74 -11.62
C ASP A 93 3.32 9.68 -10.41
N THR A 94 4.23 10.63 -10.36
CA THR A 94 5.21 10.74 -9.29
C THR A 94 4.58 11.28 -7.99
N ALA A 95 4.78 10.54 -6.89
CA ALA A 95 4.26 10.93 -5.56
C ALA A 95 4.70 9.91 -4.52
N ASP A 96 4.23 10.04 -3.28
CA ASP A 96 4.62 9.08 -2.24
C ASP A 96 3.59 8.02 -2.10
N TYR A 97 4.03 6.85 -1.86
CA TYR A 97 3.16 5.76 -1.57
C TYR A 97 3.23 5.40 -0.13
N TYR A 98 2.09 5.36 0.46
CA TYR A 98 1.92 5.01 1.85
C TYR A 98 1.10 3.76 1.98
N CYS A 99 1.41 2.96 2.95
CA CYS A 99 0.68 1.73 3.18
C CYS A 99 -0.14 1.87 4.46
N ARG A 100 -1.32 1.30 4.44
CA ARG A 100 -2.21 1.35 5.56
C ARG A 100 -2.60 -0.05 5.95
N ALA A 101 -2.55 -0.32 7.21
CA ALA A 101 -2.97 -1.59 7.73
C ALA A 101 -3.93 -1.33 8.84
N GLN A 102 -4.91 -2.15 8.95
CA GLN A 102 -5.83 -2.05 10.04
C GLN A 102 -5.92 -3.40 10.70
N GLN A 103 -5.68 -3.42 11.97
CA GLN A 103 -5.66 -4.64 12.71
C GLN A 103 -6.86 -4.68 13.60
N LYS A 104 -7.46 -5.83 13.70
CA LYS A 104 -8.58 -6.00 14.55
C LYS A 104 -8.02 -6.39 15.90
N ILE A 105 -8.24 -5.56 16.86
CA ILE A 105 -7.72 -5.78 18.16
C ILE A 105 -8.80 -6.43 18.98
N GLY A 106 -8.43 -7.45 19.74
CA GLY A 106 -9.40 -8.23 20.43
C GLY A 106 -10.38 -8.80 19.43
N ARG A 107 -11.64 -8.50 19.59
CA ARG A 107 -12.65 -8.89 18.63
C ARG A 107 -13.63 -7.74 18.39
N ASP A 108 -13.26 -6.54 18.83
CA ASP A 108 -14.19 -5.41 18.74
C ASP A 108 -13.48 -4.10 18.39
N THR A 109 -12.18 -4.05 18.60
CA THR A 109 -11.44 -2.84 18.43
C THR A 109 -10.67 -2.88 17.09
N PHE A 110 -10.48 -1.73 16.47
CA PHE A 110 -9.76 -1.63 15.21
C PHE A 110 -8.82 -0.44 15.26
N ARG A 111 -7.62 -0.63 14.77
CA ARG A 111 -6.63 0.45 14.75
C ARG A 111 -6.00 0.57 13.39
N ASP A 112 -5.62 1.77 13.04
CA ASP A 112 -5.01 2.07 11.75
C ASP A 112 -3.52 2.17 11.92
N TYR A 113 -2.81 1.72 10.93
CA TYR A 113 -1.38 1.79 10.89
C TYR A 113 -0.96 2.36 9.58
N TRP A 114 -0.06 3.30 9.63
CA TRP A 114 0.49 3.88 8.45
C TRP A 114 1.97 3.65 8.46
N GLY A 115 2.52 3.33 7.33
CA GLY A 115 3.90 3.03 7.26
C GLY A 115 4.77 4.18 6.84
N GLN A 116 5.89 3.83 6.28
CA GLN A 116 6.88 4.76 5.85
C GLN A 116 6.75 4.96 4.36
N GLY A 117 6.27 6.11 3.98
CA GLY A 117 6.02 6.38 2.60
C GLY A 117 7.26 6.54 1.78
N THR A 118 7.25 5.93 0.64
CA THR A 118 8.34 6.00 -0.29
C THR A 118 7.84 6.67 -1.58
N GLN A 119 8.66 7.52 -2.16
CA GLN A 119 8.28 8.25 -3.35
C GLN A 119 8.53 7.43 -4.59
N VAL A 120 7.56 7.40 -5.47
CA VAL A 120 7.70 6.69 -6.70
C VAL A 120 8.18 7.68 -7.74
N THR A 121 9.30 7.41 -8.33
CA THR A 121 9.89 8.34 -9.23
C THR A 121 9.87 7.79 -10.65
N VAL A 122 9.25 8.53 -11.53
CA VAL A 122 9.17 8.14 -12.92
C VAL A 122 9.85 9.21 -13.76
N SER A 123 10.72 8.79 -14.63
CA SER A 123 11.42 9.71 -15.48
C SER A 123 11.12 9.44 -16.95
N SER A 124 11.09 10.48 -17.73
CA SER A 124 10.83 10.35 -19.13
C SER A 124 12.16 10.26 -19.88
N GLY A 1 -1.43 8.44 20.74
CA GLY A 1 -1.97 7.25 20.09
C GLY A 1 -0.90 6.54 19.30
N SER A 2 -1.30 5.82 18.27
CA SER A 2 -0.42 5.04 17.42
C SER A 2 0.17 3.85 18.19
N GLY A 3 -0.63 2.80 18.31
CA GLY A 3 -0.19 1.62 18.98
C GLY A 3 0.41 0.68 17.97
N SER A 4 1.63 0.97 17.59
CA SER A 4 2.32 0.27 16.54
C SER A 4 2.76 -1.14 16.93
N GLN A 5 1.85 -2.08 16.78
CA GLN A 5 2.14 -3.48 16.98
C GLN A 5 2.64 -4.05 15.66
N VAL A 6 2.24 -3.39 14.61
CA VAL A 6 2.59 -3.76 13.27
C VAL A 6 3.49 -2.71 12.67
N GLN A 7 4.66 -3.10 12.28
CA GLN A 7 5.58 -2.22 11.64
C GLN A 7 5.59 -2.53 10.16
N LEU A 8 5.32 -1.54 9.36
CA LEU A 8 5.30 -1.71 7.93
C LEU A 8 6.64 -1.30 7.35
N VAL A 9 7.26 -2.20 6.65
CA VAL A 9 8.50 -1.92 5.97
C VAL A 9 8.25 -1.95 4.47
N GLU A 10 8.48 -0.84 3.81
CA GLU A 10 8.19 -0.74 2.39
C GLU A 10 9.51 -1.03 1.63
N SER A 11 9.42 -1.52 0.42
CA SER A 11 10.57 -1.75 -0.41
C SER A 11 10.25 -1.37 -1.85
N GLY A 12 11.22 -0.85 -2.55
CA GLY A 12 11.00 -0.31 -3.85
C GLY A 12 11.31 1.17 -3.83
N GLY A 13 10.27 2.01 -4.03
CA GLY A 13 10.45 3.47 -3.98
C GLY A 13 11.53 3.95 -4.89
N GLY A 14 11.47 3.52 -6.11
CA GLY A 14 12.54 3.75 -7.01
C GLY A 14 12.25 4.73 -8.09
N LEU A 15 13.07 4.67 -9.10
CA LEU A 15 13.02 5.55 -10.22
C LEU A 15 12.73 4.76 -11.47
N VAL A 16 11.65 5.07 -12.09
CA VAL A 16 11.20 4.41 -13.29
C VAL A 16 11.06 5.38 -14.44
N GLN A 17 11.08 4.85 -15.62
CA GLN A 17 10.90 5.64 -16.81
C GLN A 17 9.44 5.59 -17.20
N ALA A 18 8.93 6.67 -17.76
CA ALA A 18 7.55 6.78 -18.21
C ALA A 18 7.17 5.61 -19.10
N GLY A 19 6.17 4.88 -18.68
CA GLY A 19 5.73 3.73 -19.42
C GLY A 19 6.23 2.45 -18.81
N GLY A 20 7.07 2.57 -17.80
CA GLY A 20 7.64 1.41 -17.13
C GLY A 20 6.75 0.87 -16.03
N SER A 21 7.17 -0.23 -15.44
CA SER A 21 6.44 -0.88 -14.36
C SER A 21 7.31 -0.90 -13.10
N LEU A 22 6.68 -1.01 -11.96
CA LEU A 22 7.36 -1.01 -10.69
C LEU A 22 6.54 -1.83 -9.72
N ARG A 23 7.16 -2.42 -8.73
CA ARG A 23 6.41 -3.17 -7.75
C ARG A 23 6.91 -2.80 -6.36
N LEU A 24 5.99 -2.47 -5.50
CA LEU A 24 6.29 -2.07 -4.13
C LEU A 24 5.93 -3.21 -3.24
N SER A 25 6.57 -3.32 -2.11
CA SER A 25 6.32 -4.41 -1.21
C SER A 25 6.30 -3.92 0.23
N CYS A 26 5.20 -4.09 0.90
CA CYS A 26 5.07 -3.64 2.24
C CYS A 26 5.03 -4.84 3.16
N ALA A 27 5.96 -4.91 4.06
CA ALA A 27 6.05 -6.01 4.98
C ALA A 27 5.51 -5.62 6.32
N ALA A 28 4.59 -6.39 6.80
CA ALA A 28 4.03 -6.18 8.10
C ALA A 28 4.69 -7.14 9.06
N SER A 29 5.29 -6.62 10.09
CA SER A 29 5.92 -7.46 11.08
C SER A 29 5.70 -6.89 12.47
N GLY A 30 5.91 -7.72 13.48
CA GLY A 30 5.74 -7.31 14.85
C GLY A 30 4.56 -7.99 15.48
N SER A 31 3.59 -8.28 14.66
CA SER A 31 2.42 -8.97 15.08
C SER A 31 2.38 -10.35 14.44
N THR A 32 2.13 -11.35 15.24
CA THR A 32 2.06 -12.71 14.76
C THR A 32 0.60 -13.10 14.49
N PHE A 33 -0.29 -12.20 14.85
CA PHE A 33 -1.70 -12.38 14.63
C PHE A 33 -2.01 -11.87 13.22
N SER A 34 -3.10 -12.30 12.63
CA SER A 34 -3.42 -11.95 11.26
C SER A 34 -3.90 -10.49 11.06
N LEU A 35 -3.55 -9.92 9.92
CA LEU A 35 -3.98 -8.59 9.52
C LEU A 35 -5.36 -8.71 8.92
N HIS A 36 -6.24 -7.78 9.20
CA HIS A 36 -7.60 -7.90 8.68
C HIS A 36 -7.76 -7.14 7.35
N LEU A 37 -6.95 -6.12 7.16
CA LEU A 37 -6.97 -5.33 5.93
C LEU A 37 -5.62 -4.67 5.74
N MET A 38 -5.17 -4.62 4.50
CA MET A 38 -3.93 -3.96 4.15
C MET A 38 -4.14 -3.28 2.81
N GLY A 39 -3.61 -2.09 2.66
CA GLY A 39 -3.86 -1.33 1.46
C GLY A 39 -2.82 -0.27 1.18
N TRP A 40 -2.88 0.27 -0.01
CA TRP A 40 -1.96 1.30 -0.47
C TRP A 40 -2.68 2.60 -0.75
N TYR A 41 -2.05 3.68 -0.36
CA TYR A 41 -2.54 5.02 -0.54
C TYR A 41 -1.45 5.86 -1.13
N ARG A 42 -1.77 7.02 -1.63
CA ARG A 42 -0.77 7.84 -2.23
C ARG A 42 -1.00 9.27 -1.88
N GLN A 43 0.06 9.97 -1.62
CA GLN A 43 -0.02 11.35 -1.31
C GLN A 43 0.79 12.11 -2.31
N ALA A 44 0.17 12.98 -3.04
CA ALA A 44 0.87 13.78 -3.99
C ALA A 44 0.86 15.23 -3.54
N PRO A 45 2.04 15.89 -3.49
CA PRO A 45 2.15 17.30 -3.08
C PRO A 45 1.24 18.21 -3.92
N GLY A 46 0.40 18.98 -3.23
CA GLY A 46 -0.54 19.85 -3.90
C GLY A 46 -1.88 19.17 -4.11
N LYS A 47 -1.88 17.86 -3.96
CA LYS A 47 -3.04 17.04 -4.12
C LYS A 47 -3.37 16.37 -2.78
N GLN A 48 -4.44 15.62 -2.75
CA GLN A 48 -4.84 14.96 -1.53
C GLN A 48 -4.31 13.53 -1.52
N ARG A 49 -4.33 12.94 -0.38
CA ARG A 49 -4.01 11.55 -0.22
C ARG A 49 -5.24 10.74 -0.54
N GLU A 50 -5.10 9.88 -1.50
CA GLU A 50 -6.20 9.15 -2.03
C GLU A 50 -5.94 7.68 -1.93
N VAL A 51 -7.02 6.92 -1.87
CA VAL A 51 -6.94 5.50 -1.84
C VAL A 51 -6.49 4.98 -3.20
N VAL A 52 -5.48 4.13 -3.20
CA VAL A 52 -5.00 3.55 -4.42
C VAL A 52 -5.58 2.17 -4.56
N ALA A 53 -5.48 1.39 -3.50
CA ALA A 53 -5.97 0.03 -3.49
C ALA A 53 -6.15 -0.47 -2.07
N THR A 54 -7.27 -1.09 -1.80
CA THR A 54 -7.54 -1.67 -0.49
C THR A 54 -8.20 -3.03 -0.63
N SER A 55 -8.13 -3.82 0.43
CA SER A 55 -8.72 -5.12 0.44
C SER A 55 -10.04 -5.12 1.21
N GLY A 56 -11.09 -5.44 0.54
CA GLY A 56 -12.39 -5.49 1.14
C GLY A 56 -12.58 -6.76 1.94
N SER A 57 -13.42 -6.69 2.95
CA SER A 57 -13.66 -7.79 3.90
C SER A 57 -14.19 -9.08 3.23
N GLY A 58 -14.80 -8.95 2.08
CA GLY A 58 -15.35 -10.10 1.38
C GLY A 58 -14.36 -10.72 0.42
N GLY A 59 -13.10 -10.34 0.56
CA GLY A 59 -12.08 -10.84 -0.34
C GLY A 59 -12.05 -10.02 -1.59
N ASP A 60 -12.35 -8.76 -1.41
CA ASP A 60 -12.44 -7.82 -2.50
C ASP A 60 -11.14 -7.07 -2.61
N THR A 61 -10.86 -6.56 -3.77
CA THR A 61 -9.74 -5.70 -3.93
C THR A 61 -10.20 -4.55 -4.78
N ASN A 62 -10.07 -3.38 -4.26
CA ASN A 62 -10.56 -2.23 -4.95
C ASN A 62 -9.42 -1.34 -5.29
N TYR A 63 -9.37 -0.93 -6.51
CA TYR A 63 -8.35 -0.04 -6.98
C TYR A 63 -9.02 1.22 -7.40
N ALA A 64 -8.34 2.34 -7.25
CA ALA A 64 -8.87 3.62 -7.70
C ALA A 64 -9.14 3.53 -9.19
N ASP A 65 -10.16 4.23 -9.67
CA ASP A 65 -10.55 4.17 -11.09
C ASP A 65 -9.38 4.56 -11.99
N SER A 66 -8.53 5.43 -11.49
CA SER A 66 -7.36 5.89 -12.19
C SER A 66 -6.36 4.75 -12.44
N VAL A 67 -6.28 3.81 -11.52
CA VAL A 67 -5.27 2.76 -11.60
C VAL A 67 -5.91 1.38 -11.71
N LYS A 68 -7.21 1.37 -11.97
CA LYS A 68 -7.98 0.16 -12.07
C LYS A 68 -7.38 -0.72 -13.17
N GLY A 69 -6.98 -1.91 -12.81
CA GLY A 69 -6.39 -2.79 -13.79
C GLY A 69 -4.88 -2.74 -13.78
N ARG A 70 -4.32 -1.56 -14.01
CA ARG A 70 -2.85 -1.40 -14.04
C ARG A 70 -2.23 -1.78 -12.73
N PHE A 71 -2.76 -1.25 -11.67
CA PHE A 71 -2.24 -1.50 -10.36
C PHE A 71 -2.89 -2.72 -9.75
N THR A 72 -2.08 -3.59 -9.21
CA THR A 72 -2.56 -4.80 -8.60
C THR A 72 -1.88 -5.02 -7.25
N ILE A 73 -2.68 -5.28 -6.22
CA ILE A 73 -2.11 -5.53 -4.91
C ILE A 73 -2.43 -6.93 -4.47
N SER A 74 -1.57 -7.49 -3.69
CA SER A 74 -1.73 -8.83 -3.22
C SER A 74 -1.48 -8.80 -1.73
N ARG A 75 -2.40 -9.36 -0.95
CA ARG A 75 -2.26 -9.33 0.49
C ARG A 75 -2.66 -10.64 1.04
N ASP A 76 -1.81 -11.25 1.79
CA ASP A 76 -2.26 -12.38 2.53
C ASP A 76 -2.47 -11.87 3.91
N ASN A 77 -3.53 -12.25 4.52
CA ASN A 77 -3.81 -11.79 5.86
C ASN A 77 -2.90 -12.48 6.86
N ASP A 78 -2.19 -13.51 6.40
CA ASP A 78 -1.27 -14.22 7.25
C ASP A 78 -0.22 -14.96 6.41
N LYS A 79 1.03 -14.48 6.52
CA LYS A 79 2.29 -15.12 5.97
C LYS A 79 2.83 -14.49 4.69
N ASN A 80 2.30 -13.37 4.27
CA ASN A 80 2.78 -12.71 3.05
C ASN A 80 2.66 -11.19 3.18
N THR A 81 3.34 -10.46 2.34
CA THR A 81 3.39 -9.02 2.44
C THR A 81 2.61 -8.37 1.30
N VAL A 82 1.98 -7.22 1.58
CA VAL A 82 1.21 -6.54 0.57
C VAL A 82 2.10 -5.87 -0.45
N ASP A 83 2.01 -6.33 -1.64
CA ASP A 83 2.78 -5.76 -2.70
C ASP A 83 1.88 -5.13 -3.71
N LEU A 84 2.36 -4.06 -4.29
CA LEU A 84 1.65 -3.31 -5.29
C LEU A 84 2.40 -3.30 -6.59
N GLN A 85 1.82 -3.91 -7.59
CA GLN A 85 2.39 -3.95 -8.90
C GLN A 85 1.83 -2.74 -9.64
N MET A 86 2.70 -1.91 -10.12
CA MET A 86 2.37 -0.69 -10.79
C MET A 86 2.77 -0.81 -12.26
N ASN A 87 1.86 -0.52 -13.16
CA ASN A 87 2.13 -0.65 -14.59
C ASN A 87 1.70 0.61 -15.33
N ASN A 88 2.37 0.87 -16.47
CA ASN A 88 2.12 2.03 -17.35
C ASN A 88 2.26 3.32 -16.55
N LEU A 89 3.38 3.43 -15.88
CA LEU A 89 3.67 4.57 -15.03
C LEU A 89 3.92 5.85 -15.80
N LYS A 90 3.09 6.83 -15.54
CA LYS A 90 3.22 8.15 -16.13
C LYS A 90 4.09 9.00 -15.24
N PRO A 91 4.77 10.03 -15.78
CA PRO A 91 5.61 10.94 -14.99
C PRO A 91 4.80 11.65 -13.88
N GLU A 92 3.51 11.78 -14.14
CA GLU A 92 2.54 12.42 -13.23
C GLU A 92 2.29 11.58 -11.97
N ASP A 93 2.78 10.35 -11.96
CA ASP A 93 2.46 9.40 -10.88
C ASP A 93 3.46 9.56 -9.72
N THR A 94 4.48 10.37 -9.95
CA THR A 94 5.51 10.66 -8.97
C THR A 94 4.89 11.28 -7.70
N ALA A 95 4.98 10.58 -6.57
CA ALA A 95 4.38 11.00 -5.33
C ALA A 95 4.83 10.08 -4.21
N ASP A 96 4.19 10.16 -3.06
CA ASP A 96 4.53 9.31 -1.93
C ASP A 96 3.54 8.21 -1.84
N TYR A 97 4.00 7.00 -1.89
CA TYR A 97 3.11 5.89 -1.67
C TYR A 97 3.15 5.48 -0.23
N TYR A 98 2.00 5.42 0.35
CA TYR A 98 1.85 5.09 1.73
C TYR A 98 1.18 3.75 1.89
N CYS A 99 1.65 3.01 2.85
CA CYS A 99 1.14 1.70 3.13
C CYS A 99 0.39 1.72 4.44
N ARG A 100 -0.73 1.05 4.46
CA ARG A 100 -1.55 0.94 5.63
C ARG A 100 -1.99 -0.46 5.89
N ALA A 101 -2.17 -0.71 7.13
CA ALA A 101 -2.61 -1.98 7.61
C ALA A 101 -3.58 -1.75 8.74
N GLN A 102 -4.55 -2.59 8.84
CA GLN A 102 -5.43 -2.52 9.94
C GLN A 102 -5.60 -3.91 10.52
N GLN A 103 -5.33 -4.02 11.78
CA GLN A 103 -5.36 -5.29 12.47
C GLN A 103 -6.57 -5.24 13.39
N LYS A 104 -7.28 -6.33 13.44
CA LYS A 104 -8.52 -6.44 14.17
C LYS A 104 -8.22 -6.90 15.59
N ILE A 105 -8.58 -6.08 16.53
CA ILE A 105 -8.31 -6.31 17.93
C ILE A 105 -9.61 -6.65 18.62
N GLY A 106 -9.61 -7.69 19.45
CA GLY A 106 -10.78 -8.10 20.21
C GLY A 106 -12.04 -8.21 19.36
N ARG A 107 -11.86 -8.52 18.07
CA ARG A 107 -12.94 -8.65 17.07
C ARG A 107 -13.66 -7.34 16.73
N ASP A 108 -13.95 -6.52 17.72
CA ASP A 108 -14.72 -5.30 17.52
C ASP A 108 -13.84 -4.08 17.30
N THR A 109 -12.63 -4.14 17.75
CA THR A 109 -11.75 -2.99 17.71
C THR A 109 -10.74 -3.13 16.54
N PHE A 110 -10.31 -2.02 16.00
CA PHE A 110 -9.34 -2.03 14.92
C PHE A 110 -8.28 -0.98 15.19
N ARG A 111 -7.11 -1.16 14.63
CA ARG A 111 -6.05 -0.16 14.73
C ARG A 111 -5.52 0.19 13.37
N ASP A 112 -5.18 1.43 13.21
CA ASP A 112 -4.70 1.96 11.94
C ASP A 112 -3.20 2.01 11.98
N TYR A 113 -2.56 1.29 11.12
CA TYR A 113 -1.12 1.29 11.07
C TYR A 113 -0.62 2.01 9.87
N TRP A 114 0.32 2.87 10.09
CA TRP A 114 0.94 3.60 9.02
C TRP A 114 2.38 3.22 8.87
N GLY A 115 2.83 3.15 7.65
CA GLY A 115 4.21 2.90 7.38
C GLY A 115 4.85 4.13 6.79
N GLN A 116 6.17 4.14 6.73
CA GLN A 116 6.87 5.24 6.15
C GLN A 116 6.78 5.12 4.66
N GLY A 117 6.05 6.02 4.08
CA GLY A 117 5.82 6.05 2.68
C GLY A 117 7.06 6.28 1.90
N THR A 118 7.10 5.70 0.76
CA THR A 118 8.23 5.78 -0.08
C THR A 118 7.93 6.69 -1.27
N GLN A 119 8.92 7.44 -1.71
CA GLN A 119 8.74 8.29 -2.84
C GLN A 119 9.00 7.53 -4.09
N VAL A 120 8.17 7.72 -5.02
CA VAL A 120 8.34 7.09 -6.31
C VAL A 120 8.65 8.15 -7.32
N THR A 121 9.55 7.90 -8.20
CA THR A 121 9.85 8.88 -9.20
C THR A 121 9.75 8.28 -10.59
N VAL A 122 8.90 8.85 -11.40
CA VAL A 122 8.76 8.41 -12.76
C VAL A 122 9.32 9.51 -13.66
N SER A 123 10.38 9.21 -14.35
CA SER A 123 11.00 10.16 -15.23
C SER A 123 10.41 10.10 -16.61
N SER A 124 10.33 11.22 -17.24
CA SER A 124 9.83 11.33 -18.57
C SER A 124 10.81 10.67 -19.55
N GLY A 1 1.01 6.85 16.68
CA GLY A 1 0.83 5.57 17.33
C GLY A 1 0.89 5.71 18.82
N SER A 2 1.19 4.63 19.50
CA SER A 2 1.28 4.63 20.93
C SER A 2 2.25 3.52 21.37
N GLY A 3 1.90 2.29 21.04
CA GLY A 3 2.74 1.18 21.39
C GLY A 3 2.70 0.10 20.34
N SER A 4 2.39 0.46 19.12
CA SER A 4 2.34 -0.48 18.04
C SER A 4 3.74 -0.78 17.53
N GLN A 5 4.28 -1.91 17.95
CA GLN A 5 5.60 -2.33 17.54
C GLN A 5 5.52 -3.00 16.16
N VAL A 6 4.31 -3.36 15.78
CA VAL A 6 4.06 -3.92 14.47
C VAL A 6 4.52 -2.91 13.39
N GLN A 7 5.40 -3.34 12.55
CA GLN A 7 6.05 -2.46 11.62
C GLN A 7 5.65 -2.76 10.19
N LEU A 8 5.25 -1.73 9.48
CA LEU A 8 4.99 -1.81 8.08
C LEU A 8 6.20 -1.26 7.35
N VAL A 9 6.72 -2.03 6.45
CA VAL A 9 7.90 -1.64 5.70
C VAL A 9 7.59 -1.61 4.21
N GLU A 10 7.63 -0.45 3.62
CA GLU A 10 7.42 -0.32 2.21
C GLU A 10 8.76 -0.45 1.49
N SER A 11 8.81 -1.34 0.55
CA SER A 11 9.98 -1.55 -0.25
C SER A 11 9.73 -0.93 -1.62
N GLY A 12 10.78 -0.57 -2.30
CA GLY A 12 10.65 0.11 -3.57
C GLY A 12 10.95 1.58 -3.41
N GLY A 13 10.06 2.44 -3.91
CA GLY A 13 10.27 3.87 -3.76
C GLY A 13 11.38 4.36 -4.63
N GLY A 14 11.31 4.00 -5.87
CA GLY A 14 12.41 4.30 -6.74
C GLY A 14 12.02 5.14 -7.92
N LEU A 15 12.89 5.15 -8.88
CA LEU A 15 12.77 5.92 -10.09
C LEU A 15 12.58 5.01 -11.28
N VAL A 16 11.52 5.24 -12.00
CA VAL A 16 11.18 4.50 -13.19
C VAL A 16 10.89 5.46 -14.32
N GLN A 17 11.07 5.00 -15.53
CA GLN A 17 10.76 5.82 -16.68
C GLN A 17 9.30 5.71 -17.05
N ALA A 18 8.82 6.72 -17.75
CA ALA A 18 7.45 6.79 -18.21
C ALA A 18 7.10 5.56 -19.06
N GLY A 19 6.14 4.81 -18.62
CA GLY A 19 5.73 3.61 -19.31
C GLY A 19 6.28 2.38 -18.63
N GLY A 20 7.13 2.59 -17.65
CA GLY A 20 7.75 1.53 -16.92
C GLY A 20 6.87 0.92 -15.85
N SER A 21 7.37 -0.10 -15.22
CA SER A 21 6.68 -0.79 -14.17
C SER A 21 7.55 -0.81 -12.91
N LEU A 22 6.94 -0.97 -11.77
CA LEU A 22 7.64 -0.97 -10.51
C LEU A 22 6.86 -1.84 -9.54
N ARG A 23 7.53 -2.47 -8.64
CA ARG A 23 6.86 -3.29 -7.66
C ARG A 23 7.11 -2.79 -6.25
N LEU A 24 6.05 -2.46 -5.57
CA LEU A 24 6.14 -2.05 -4.19
C LEU A 24 5.63 -3.16 -3.35
N SER A 25 6.23 -3.36 -2.23
CA SER A 25 5.79 -4.38 -1.34
C SER A 25 5.84 -3.85 0.07
N CYS A 26 4.83 -4.10 0.82
CA CYS A 26 4.77 -3.66 2.18
C CYS A 26 4.85 -4.87 3.06
N ALA A 27 5.83 -4.90 3.91
CA ALA A 27 6.01 -6.01 4.79
C ALA A 27 5.51 -5.68 6.16
N ALA A 28 4.53 -6.43 6.59
CA ALA A 28 3.99 -6.27 7.92
C ALA A 28 4.60 -7.32 8.80
N SER A 29 5.21 -6.90 9.86
CA SER A 29 5.81 -7.84 10.76
C SER A 29 5.46 -7.45 12.20
N GLY A 30 5.14 -8.45 13.02
CA GLY A 30 4.84 -8.19 14.40
C GLY A 30 3.43 -8.64 14.77
N SER A 31 2.56 -8.65 13.80
CA SER A 31 1.19 -9.03 14.02
C SER A 31 1.05 -10.54 14.01
N THR A 32 0.54 -11.11 15.07
CA THR A 32 0.27 -12.52 15.12
C THR A 32 -1.17 -12.76 14.69
N PHE A 33 -1.98 -11.75 14.89
CA PHE A 33 -3.36 -11.76 14.50
C PHE A 33 -3.44 -11.40 13.02
N SER A 34 -4.46 -11.86 12.35
CA SER A 34 -4.64 -11.65 10.93
C SER A 34 -4.80 -10.16 10.57
N LEU A 35 -4.32 -9.81 9.41
CA LEU A 35 -4.44 -8.47 8.91
C LEU A 35 -5.71 -8.40 8.09
N HIS A 36 -6.54 -7.45 8.41
CA HIS A 36 -7.83 -7.36 7.76
C HIS A 36 -7.82 -6.44 6.57
N LEU A 37 -6.90 -5.51 6.56
CA LEU A 37 -6.76 -4.60 5.45
C LEU A 37 -5.32 -4.24 5.23
N MET A 38 -4.96 -4.16 3.98
CA MET A 38 -3.68 -3.66 3.52
C MET A 38 -4.01 -2.74 2.38
N GLY A 39 -3.33 -1.66 2.28
CA GLY A 39 -3.62 -0.78 1.20
C GLY A 39 -2.51 0.15 0.88
N TRP A 40 -2.62 0.75 -0.28
CA TRP A 40 -1.66 1.69 -0.78
C TRP A 40 -2.34 3.02 -1.07
N TYR A 41 -1.65 4.09 -0.74
CA TYR A 41 -2.14 5.45 -0.93
C TYR A 41 -1.04 6.30 -1.51
N ARG A 42 -1.39 7.48 -1.94
CA ARG A 42 -0.39 8.41 -2.45
C ARG A 42 -0.57 9.76 -1.94
N GLN A 43 0.53 10.43 -1.77
CA GLN A 43 0.50 11.76 -1.38
C GLN A 43 1.41 12.52 -2.31
N ALA A 44 0.84 13.43 -3.07
CA ALA A 44 1.61 14.25 -3.98
C ALA A 44 1.54 15.69 -3.53
N PRO A 45 2.62 16.47 -3.66
CA PRO A 45 2.60 17.87 -3.29
C PRO A 45 1.56 18.63 -4.12
N GLY A 46 0.65 19.28 -3.44
CA GLY A 46 -0.42 20.00 -4.11
C GLY A 46 -1.71 19.21 -4.10
N LYS A 47 -1.60 17.92 -3.89
CA LYS A 47 -2.75 17.06 -3.77
C LYS A 47 -2.96 16.72 -2.33
N GLN A 48 -4.01 16.00 -2.10
CA GLN A 48 -4.27 15.41 -0.83
C GLN A 48 -4.03 13.94 -1.00
N ARG A 49 -3.88 13.23 0.07
CA ARG A 49 -3.60 11.83 -0.03
C ARG A 49 -4.78 11.07 -0.58
N GLU A 50 -4.54 10.41 -1.68
CA GLU A 50 -5.52 9.70 -2.42
C GLU A 50 -5.39 8.22 -2.19
N VAL A 51 -6.50 7.54 -2.18
CA VAL A 51 -6.50 6.10 -2.03
C VAL A 51 -6.20 5.44 -3.37
N VAL A 52 -5.31 4.49 -3.34
CA VAL A 52 -4.93 3.78 -4.52
C VAL A 52 -5.52 2.36 -4.49
N ALA A 53 -5.37 1.71 -3.36
CA ALA A 53 -5.84 0.34 -3.18
C ALA A 53 -6.03 0.05 -1.71
N THR A 54 -7.01 -0.75 -1.39
CA THR A 54 -7.30 -1.21 -0.03
C THR A 54 -7.91 -2.60 -0.11
N SER A 55 -8.01 -3.27 1.00
CA SER A 55 -8.63 -4.56 1.03
C SER A 55 -9.75 -4.63 2.07
N GLY A 56 -10.72 -5.42 1.79
CA GLY A 56 -11.86 -5.57 2.67
C GLY A 56 -11.80 -6.86 3.48
N SER A 57 -12.69 -6.95 4.44
CA SER A 57 -12.77 -8.06 5.38
C SER A 57 -12.94 -9.43 4.69
N GLY A 58 -13.71 -9.47 3.61
CA GLY A 58 -13.99 -10.74 2.98
C GLY A 58 -12.96 -11.10 1.93
N GLY A 59 -11.86 -10.39 1.93
CA GLY A 59 -10.84 -10.62 0.94
C GLY A 59 -11.08 -9.74 -0.26
N ASP A 60 -11.89 -8.73 -0.03
CA ASP A 60 -12.26 -7.76 -1.03
C ASP A 60 -11.05 -6.93 -1.35
N THR A 61 -10.93 -6.50 -2.56
CA THR A 61 -9.85 -5.63 -2.89
C THR A 61 -10.41 -4.45 -3.68
N ASN A 62 -10.06 -3.26 -3.28
CA ASN A 62 -10.59 -2.08 -3.90
C ASN A 62 -9.46 -1.27 -4.44
N TYR A 63 -9.65 -0.71 -5.59
CA TYR A 63 -8.64 0.10 -6.21
C TYR A 63 -9.29 1.38 -6.69
N ALA A 64 -8.50 2.37 -6.98
CA ALA A 64 -9.00 3.57 -7.59
C ALA A 64 -9.42 3.23 -9.01
N ASP A 65 -10.47 3.86 -9.48
CA ASP A 65 -11.00 3.59 -10.82
C ASP A 65 -9.99 3.89 -11.91
N SER A 66 -9.03 4.73 -11.59
CA SER A 66 -8.00 5.10 -12.51
C SER A 66 -6.96 3.99 -12.67
N VAL A 67 -6.80 3.16 -11.64
CA VAL A 67 -5.76 2.15 -11.66
C VAL A 67 -6.35 0.75 -11.87
N LYS A 68 -7.62 0.68 -12.21
CA LYS A 68 -8.28 -0.58 -12.48
C LYS A 68 -7.67 -1.23 -13.72
N GLY A 69 -7.16 -2.44 -13.55
CA GLY A 69 -6.52 -3.15 -14.63
C GLY A 69 -5.08 -2.71 -14.82
N ARG A 70 -4.61 -1.85 -13.94
CA ARG A 70 -3.29 -1.31 -14.02
C ARG A 70 -2.51 -1.64 -12.74
N PHE A 71 -3.13 -1.42 -11.59
CA PHE A 71 -2.54 -1.70 -10.28
C PHE A 71 -3.24 -2.86 -9.63
N THR A 72 -2.47 -3.77 -9.10
CA THR A 72 -3.03 -4.93 -8.43
C THR A 72 -2.30 -5.18 -7.10
N ILE A 73 -3.04 -5.41 -6.01
CA ILE A 73 -2.41 -5.71 -4.74
C ILE A 73 -2.73 -7.12 -4.30
N SER A 74 -1.83 -7.73 -3.61
CA SER A 74 -1.99 -9.09 -3.13
C SER A 74 -1.62 -9.11 -1.66
N ARG A 75 -2.38 -9.84 -0.85
CA ARG A 75 -2.09 -9.85 0.58
C ARG A 75 -2.09 -11.23 1.17
N ASP A 76 -0.97 -11.61 1.71
CA ASP A 76 -0.89 -12.80 2.54
C ASP A 76 -0.82 -12.33 3.99
N ASN A 77 -1.18 -13.17 4.94
CA ASN A 77 -1.15 -12.76 6.33
C ASN A 77 0.12 -13.19 7.08
N ASP A 78 0.97 -14.03 6.47
CA ASP A 78 2.17 -14.54 7.17
C ASP A 78 3.32 -14.95 6.24
N LYS A 79 2.99 -15.57 5.14
CA LYS A 79 3.99 -16.15 4.25
C LYS A 79 4.47 -15.13 3.23
N ASN A 80 3.62 -14.21 2.89
CA ASN A 80 3.93 -13.20 1.90
C ASN A 80 3.46 -11.86 2.46
N THR A 81 3.84 -10.80 1.85
CA THR A 81 3.52 -9.48 2.30
C THR A 81 2.47 -8.88 1.35
N VAL A 82 2.25 -7.59 1.40
CA VAL A 82 1.33 -7.01 0.44
C VAL A 82 2.10 -6.36 -0.69
N ASP A 83 1.94 -6.90 -1.84
CA ASP A 83 2.61 -6.40 -3.03
C ASP A 83 1.67 -5.58 -3.86
N LEU A 84 2.22 -4.57 -4.47
CA LEU A 84 1.50 -3.72 -5.38
C LEU A 84 2.17 -3.76 -6.74
N GLN A 85 1.46 -4.29 -7.69
CA GLN A 85 1.90 -4.39 -9.06
C GLN A 85 1.57 -3.06 -9.74
N MET A 86 2.61 -2.35 -10.14
CA MET A 86 2.46 -1.04 -10.76
C MET A 86 3.03 -1.10 -12.18
N ASN A 87 2.25 -0.70 -13.17
CA ASN A 87 2.75 -0.72 -14.55
C ASN A 87 2.17 0.46 -15.34
N ASN A 88 2.85 0.83 -16.44
CA ASN A 88 2.47 1.94 -17.34
C ASN A 88 2.52 3.24 -16.54
N LEU A 89 3.57 3.34 -15.75
CA LEU A 89 3.80 4.46 -14.87
C LEU A 89 4.12 5.74 -15.63
N LYS A 90 3.32 6.75 -15.39
CA LYS A 90 3.48 8.02 -16.04
C LYS A 90 4.20 8.95 -15.09
N PRO A 91 4.80 10.05 -15.58
CA PRO A 91 5.46 11.04 -14.72
C PRO A 91 4.49 11.58 -13.64
N GLU A 92 3.20 11.53 -13.97
CA GLU A 92 2.12 12.00 -13.11
C GLU A 92 1.87 11.06 -11.91
N ASP A 93 2.52 9.90 -11.92
CA ASP A 93 2.37 8.93 -10.82
C ASP A 93 3.39 9.16 -9.74
N THR A 94 4.27 10.12 -9.97
CA THR A 94 5.30 10.48 -9.02
C THR A 94 4.65 11.01 -7.73
N ALA A 95 4.87 10.29 -6.62
CA ALA A 95 4.32 10.66 -5.32
C ALA A 95 4.78 9.68 -4.26
N ASP A 96 4.39 9.93 -3.02
CA ASP A 96 4.75 9.04 -1.94
C ASP A 96 3.71 7.97 -1.82
N TYR A 97 4.14 6.76 -1.84
CA TYR A 97 3.25 5.67 -1.62
C TYR A 97 3.26 5.31 -0.18
N TYR A 98 2.09 5.25 0.38
CA TYR A 98 1.89 4.94 1.77
C TYR A 98 1.20 3.62 1.91
N CYS A 99 1.59 2.87 2.91
CA CYS A 99 1.00 1.59 3.18
C CYS A 99 0.16 1.64 4.45
N ARG A 100 -0.93 0.92 4.42
CA ARG A 100 -1.81 0.79 5.56
C ARG A 100 -2.11 -0.62 5.86
N ALA A 101 -2.35 -0.84 7.11
CA ALA A 101 -2.76 -2.10 7.62
C ALA A 101 -3.81 -1.81 8.66
N GLN A 102 -4.78 -2.67 8.76
CA GLN A 102 -5.83 -2.47 9.72
C GLN A 102 -6.24 -3.80 10.30
N GLN A 103 -6.35 -3.84 11.61
CA GLN A 103 -6.74 -5.03 12.31
C GLN A 103 -7.96 -4.76 13.16
N LYS A 104 -8.87 -5.69 13.14
CA LYS A 104 -10.07 -5.60 13.93
C LYS A 104 -9.82 -6.24 15.27
N ILE A 105 -9.96 -5.47 16.30
CA ILE A 105 -9.66 -5.91 17.63
C ILE A 105 -10.96 -6.24 18.32
N GLY A 106 -10.99 -7.33 19.05
CA GLY A 106 -12.17 -7.75 19.76
C GLY A 106 -13.35 -7.97 18.84
N ARG A 107 -14.33 -7.11 18.94
CA ARG A 107 -15.49 -7.19 18.09
C ARG A 107 -15.97 -5.82 17.61
N ASP A 108 -15.44 -4.75 18.19
CA ASP A 108 -15.88 -3.40 17.83
C ASP A 108 -14.71 -2.45 17.62
N THR A 109 -13.53 -2.84 18.04
CA THR A 109 -12.38 -1.96 17.91
C THR A 109 -11.57 -2.24 16.65
N PHE A 110 -10.97 -1.21 16.11
CA PHE A 110 -10.14 -1.33 14.92
C PHE A 110 -8.88 -0.50 15.13
N ARG A 111 -7.77 -0.97 14.62
CA ARG A 111 -6.53 -0.23 14.75
C ARG A 111 -6.00 0.13 13.40
N ASP A 112 -5.48 1.31 13.32
CA ASP A 112 -4.97 1.87 12.10
C ASP A 112 -3.47 1.84 12.12
N TYR A 113 -2.92 1.19 11.14
CA TYR A 113 -1.49 1.05 11.03
C TYR A 113 -1.02 1.69 9.74
N TRP A 114 0.04 2.44 9.83
CA TRP A 114 0.63 3.09 8.70
C TRP A 114 2.10 2.80 8.61
N GLY A 115 2.60 2.77 7.42
CA GLY A 115 4.00 2.57 7.19
C GLY A 115 4.69 3.87 6.92
N GLN A 116 5.93 3.81 6.53
CA GLN A 116 6.68 4.98 6.21
C GLN A 116 6.70 5.16 4.70
N GLY A 117 5.94 6.13 4.25
CA GLY A 117 5.73 6.39 2.85
C GLY A 117 7.00 6.56 2.07
N THR A 118 7.10 5.83 1.02
CA THR A 118 8.27 5.87 0.19
C THR A 118 7.99 6.73 -1.06
N GLN A 119 8.97 7.52 -1.46
CA GLN A 119 8.81 8.44 -2.58
C GLN A 119 9.10 7.74 -3.90
N VAL A 120 8.12 7.68 -4.74
CA VAL A 120 8.27 7.07 -6.05
C VAL A 120 8.35 8.17 -7.09
N THR A 121 9.26 8.03 -8.01
CA THR A 121 9.44 9.02 -9.02
C THR A 121 9.42 8.38 -10.41
N VAL A 122 8.64 8.94 -11.29
CA VAL A 122 8.60 8.48 -12.65
C VAL A 122 9.02 9.62 -13.55
N SER A 123 10.01 9.39 -14.36
CA SER A 123 10.52 10.40 -15.25
C SER A 123 10.41 9.93 -16.68
N SER A 124 10.15 10.84 -17.57
CA SER A 124 10.04 10.51 -18.95
C SER A 124 11.42 10.59 -19.60
N GLY A 1 -5.44 -5.11 21.18
CA GLY A 1 -5.01 -4.97 19.79
C GLY A 1 -3.51 -4.84 19.64
N SER A 2 -2.80 -4.89 20.78
CA SER A 2 -1.32 -4.78 20.86
C SER A 2 -0.82 -3.35 20.57
N GLY A 3 -1.23 -2.81 19.45
CA GLY A 3 -0.82 -1.50 19.08
C GLY A 3 0.26 -1.58 18.04
N SER A 4 1.32 -0.87 18.27
CA SER A 4 2.39 -0.83 17.33
C SER A 4 3.36 -2.02 17.51
N GLN A 5 2.92 -3.18 17.08
CA GLN A 5 3.76 -4.38 17.08
C GLN A 5 4.09 -4.76 15.65
N VAL A 6 3.36 -4.17 14.75
CA VAL A 6 3.54 -4.38 13.35
C VAL A 6 4.11 -3.13 12.69
N GLN A 7 5.28 -3.27 12.11
CA GLN A 7 5.87 -2.17 11.41
C GLN A 7 5.69 -2.39 9.93
N LEU A 8 5.08 -1.43 9.30
CA LEU A 8 4.90 -1.48 7.89
C LEU A 8 6.10 -0.87 7.22
N VAL A 9 6.71 -1.63 6.35
CA VAL A 9 7.87 -1.16 5.63
C VAL A 9 7.61 -1.29 4.14
N GLU A 10 7.57 -0.18 3.46
CA GLU A 10 7.33 -0.19 2.05
C GLU A 10 8.66 -0.33 1.34
N SER A 11 8.74 -1.28 0.48
CA SER A 11 9.92 -1.55 -0.28
C SER A 11 9.69 -1.08 -1.71
N GLY A 12 10.73 -0.61 -2.35
CA GLY A 12 10.61 -0.06 -3.68
C GLY A 12 10.94 1.41 -3.64
N GLY A 13 10.04 2.24 -4.14
CA GLY A 13 10.25 3.69 -4.07
C GLY A 13 11.42 4.14 -4.88
N GLY A 14 11.48 3.69 -6.09
CA GLY A 14 12.61 3.96 -6.91
C GLY A 14 12.28 4.84 -8.08
N LEU A 15 13.17 4.81 -9.02
CA LEU A 15 13.05 5.59 -10.23
C LEU A 15 12.55 4.69 -11.36
N VAL A 16 11.47 5.09 -11.97
CA VAL A 16 10.83 4.32 -13.02
C VAL A 16 10.65 5.24 -14.23
N GLN A 17 10.45 4.69 -15.38
CA GLN A 17 10.23 5.46 -16.59
C GLN A 17 8.74 5.65 -16.84
N ALA A 18 8.41 6.57 -17.73
CA ALA A 18 7.03 6.86 -18.08
C ALA A 18 6.37 5.64 -18.70
N GLY A 19 5.29 5.20 -18.10
CA GLY A 19 4.58 4.04 -18.57
C GLY A 19 5.19 2.76 -18.04
N GLY A 20 6.29 2.91 -17.31
CA GLY A 20 7.00 1.77 -16.80
C GLY A 20 6.28 1.13 -15.64
N SER A 21 6.79 0.01 -15.22
CA SER A 21 6.22 -0.74 -14.17
C SER A 21 7.23 -1.01 -13.06
N LEU A 22 6.76 -0.97 -11.84
CA LEU A 22 7.57 -1.24 -10.67
C LEU A 22 6.66 -1.81 -9.60
N ARG A 23 7.19 -2.60 -8.73
CA ARG A 23 6.39 -3.21 -7.70
C ARG A 23 6.81 -2.80 -6.33
N LEU A 24 5.85 -2.58 -5.49
CA LEU A 24 6.08 -2.25 -4.11
C LEU A 24 5.77 -3.48 -3.30
N SER A 25 6.47 -3.64 -2.25
CA SER A 25 6.25 -4.74 -1.38
C SER A 25 6.21 -4.17 0.02
N CYS A 26 5.26 -4.56 0.79
CA CYS A 26 5.15 -4.03 2.12
C CYS A 26 5.47 -5.13 3.09
N ALA A 27 6.39 -4.90 3.95
CA ALA A 27 6.78 -5.88 4.90
C ALA A 27 6.16 -5.57 6.23
N ALA A 28 5.66 -6.59 6.87
CA ALA A 28 5.02 -6.49 8.14
C ALA A 28 5.81 -7.28 9.16
N SER A 29 5.75 -6.87 10.39
CA SER A 29 6.45 -7.49 11.42
C SER A 29 5.52 -8.47 12.05
N GLY A 30 6.01 -9.18 12.99
CA GLY A 30 5.24 -10.14 13.66
C GLY A 30 4.07 -9.57 14.43
N SER A 31 2.91 -9.59 13.84
CA SER A 31 1.73 -9.14 14.49
C SER A 31 1.00 -10.34 15.05
N THR A 32 0.86 -10.36 16.35
CA THR A 32 0.18 -11.44 17.01
C THR A 32 -1.32 -11.36 16.73
N PHE A 33 -1.83 -10.15 16.62
CA PHE A 33 -3.22 -9.96 16.32
C PHE A 33 -3.39 -9.91 14.80
N SER A 34 -4.39 -10.61 14.32
CA SER A 34 -4.67 -10.75 12.91
C SER A 34 -5.01 -9.40 12.25
N LEU A 35 -4.36 -9.12 11.13
CA LEU A 35 -4.66 -7.94 10.34
C LEU A 35 -5.93 -8.20 9.54
N HIS A 36 -6.77 -7.22 9.46
CA HIS A 36 -8.06 -7.37 8.82
C HIS A 36 -7.98 -6.91 7.36
N LEU A 37 -7.08 -5.98 7.08
CA LEU A 37 -6.92 -5.42 5.74
C LEU A 37 -5.56 -4.75 5.60
N MET A 38 -4.94 -4.92 4.43
CA MET A 38 -3.72 -4.20 4.11
C MET A 38 -3.99 -3.46 2.83
N GLY A 39 -3.52 -2.27 2.71
CA GLY A 39 -3.77 -1.51 1.51
C GLY A 39 -2.68 -0.53 1.21
N TRP A 40 -2.71 -0.01 0.01
CA TRP A 40 -1.75 0.95 -0.45
C TRP A 40 -2.44 2.26 -0.72
N TYR A 41 -1.80 3.29 -0.34
CA TYR A 41 -2.24 4.64 -0.53
C TYR A 41 -1.10 5.42 -1.05
N ARG A 42 -1.34 6.53 -1.61
CA ARG A 42 -0.28 7.29 -2.16
C ARG A 42 -0.50 8.74 -1.92
N GLN A 43 0.54 9.43 -1.55
CA GLN A 43 0.41 10.82 -1.30
C GLN A 43 1.31 11.57 -2.24
N ALA A 44 0.71 12.35 -3.12
CA ALA A 44 1.42 13.07 -4.16
C ALA A 44 1.36 14.56 -3.93
N PRO A 45 2.37 15.32 -4.42
CA PRO A 45 2.35 16.77 -4.33
C PRO A 45 1.15 17.34 -5.09
N GLY A 46 0.36 18.12 -4.40
CA GLY A 46 -0.79 18.73 -5.02
C GLY A 46 -2.04 17.89 -4.85
N LYS A 47 -1.87 16.62 -4.57
CA LYS A 47 -3.00 15.72 -4.40
C LYS A 47 -3.32 15.52 -2.95
N GLN A 48 -4.33 14.75 -2.73
CA GLN A 48 -4.71 14.26 -1.45
C GLN A 48 -4.14 12.85 -1.40
N ARG A 49 -4.07 12.25 -0.24
CA ARG A 49 -3.61 10.89 -0.20
C ARG A 49 -4.72 10.01 -0.79
N GLU A 50 -4.44 9.46 -1.93
CA GLU A 50 -5.40 8.75 -2.71
C GLU A 50 -5.37 7.28 -2.36
N VAL A 51 -6.51 6.64 -2.45
CA VAL A 51 -6.58 5.24 -2.25
C VAL A 51 -6.10 4.54 -3.49
N VAL A 52 -5.09 3.77 -3.37
CA VAL A 52 -4.57 3.08 -4.49
C VAL A 52 -5.19 1.72 -4.57
N ALA A 53 -5.20 1.03 -3.45
CA ALA A 53 -5.67 -0.31 -3.42
C ALA A 53 -5.88 -0.82 -2.00
N THR A 54 -6.94 -1.55 -1.79
CA THR A 54 -7.21 -2.17 -0.51
C THR A 54 -7.71 -3.60 -0.73
N SER A 55 -7.39 -4.49 0.18
CA SER A 55 -7.85 -5.84 0.08
C SER A 55 -8.97 -6.07 1.09
N GLY A 56 -10.13 -6.39 0.60
CA GLY A 56 -11.26 -6.58 1.44
C GLY A 56 -11.20 -7.91 2.13
N SER A 57 -11.92 -8.02 3.22
CA SER A 57 -11.90 -9.20 4.04
C SER A 57 -12.56 -10.39 3.36
N GLY A 58 -13.33 -10.13 2.32
CA GLY A 58 -13.99 -11.20 1.62
C GLY A 58 -13.21 -11.61 0.39
N GLY A 59 -11.96 -11.17 0.30
CA GLY A 59 -11.14 -11.47 -0.86
C GLY A 59 -11.41 -10.47 -1.95
N ASP A 60 -11.69 -9.26 -1.54
CA ASP A 60 -12.04 -8.17 -2.44
C ASP A 60 -10.80 -7.40 -2.77
N THR A 61 -10.71 -6.87 -3.93
CA THR A 61 -9.67 -5.96 -4.24
C THR A 61 -10.26 -4.68 -4.77
N ASN A 62 -9.96 -3.60 -4.10
CA ASN A 62 -10.51 -2.33 -4.50
C ASN A 62 -9.40 -1.42 -4.87
N TYR A 63 -9.52 -0.81 -6.01
CA TYR A 63 -8.53 0.10 -6.52
C TYR A 63 -9.24 1.36 -6.90
N ALA A 64 -8.55 2.49 -6.90
CA ALA A 64 -9.18 3.75 -7.34
C ALA A 64 -9.53 3.64 -8.79
N ASP A 65 -10.43 4.46 -9.26
CA ASP A 65 -10.86 4.42 -10.66
C ASP A 65 -9.69 4.73 -11.57
N SER A 66 -8.89 5.66 -11.14
CA SER A 66 -7.74 6.12 -11.87
C SER A 66 -6.66 5.03 -12.02
N VAL A 67 -6.55 4.16 -11.04
CA VAL A 67 -5.53 3.12 -11.06
C VAL A 67 -6.15 1.74 -11.22
N LYS A 68 -7.44 1.71 -11.51
CA LYS A 68 -8.19 0.47 -11.61
C LYS A 68 -7.59 -0.42 -12.70
N GLY A 69 -7.17 -1.62 -12.32
CA GLY A 69 -6.62 -2.56 -13.29
C GLY A 69 -5.14 -2.31 -13.60
N ARG A 70 -4.75 -1.05 -13.58
CA ARG A 70 -3.39 -0.67 -13.90
C ARG A 70 -2.50 -0.74 -12.66
N PHE A 71 -3.13 -0.90 -11.54
CA PHE A 71 -2.46 -1.17 -10.29
C PHE A 71 -3.12 -2.38 -9.69
N THR A 72 -2.35 -3.34 -9.27
CA THR A 72 -2.91 -4.57 -8.74
C THR A 72 -2.17 -4.99 -7.46
N ILE A 73 -2.91 -5.36 -6.42
CA ILE A 73 -2.30 -5.76 -5.16
C ILE A 73 -2.67 -7.16 -4.74
N SER A 74 -1.76 -7.77 -4.04
CA SER A 74 -1.91 -9.11 -3.51
C SER A 74 -1.57 -9.06 -2.02
N ARG A 75 -2.25 -9.88 -1.22
CA ARG A 75 -1.98 -9.94 0.23
C ARG A 75 -1.87 -11.34 0.75
N ASP A 76 -0.74 -11.64 1.31
CA ASP A 76 -0.58 -12.79 2.16
C ASP A 76 -0.54 -12.26 3.56
N ASN A 77 -1.20 -12.90 4.48
CA ASN A 77 -1.26 -12.37 5.85
C ASN A 77 -0.02 -12.72 6.67
N ASP A 78 0.61 -13.83 6.34
CA ASP A 78 1.74 -14.31 7.13
C ASP A 78 2.80 -15.02 6.29
N LYS A 79 2.53 -15.21 5.02
CA LYS A 79 3.47 -15.95 4.17
C LYS A 79 4.27 -15.09 3.23
N ASN A 80 3.86 -13.86 3.04
CA ASN A 80 4.52 -13.02 2.06
C ASN A 80 4.28 -11.56 2.42
N THR A 81 5.00 -10.70 1.78
CA THR A 81 4.96 -9.31 2.03
C THR A 81 4.22 -8.64 0.87
N VAL A 82 3.07 -8.06 1.21
CA VAL A 82 2.05 -7.62 0.27
C VAL A 82 2.59 -6.85 -0.96
N ASP A 83 2.12 -7.26 -2.10
CA ASP A 83 2.60 -6.79 -3.40
C ASP A 83 1.67 -5.73 -4.00
N LEU A 84 2.26 -4.79 -4.71
CA LEU A 84 1.56 -3.79 -5.51
C LEU A 84 2.26 -3.65 -6.85
N GLN A 85 1.59 -4.06 -7.89
CA GLN A 85 2.10 -3.96 -9.22
C GLN A 85 1.54 -2.67 -9.81
N MET A 86 2.41 -1.83 -10.31
CA MET A 86 2.01 -0.57 -10.89
C MET A 86 2.38 -0.54 -12.34
N ASN A 87 1.49 -0.05 -13.16
CA ASN A 87 1.78 0.20 -14.54
C ASN A 87 1.04 1.45 -14.98
N ASN A 88 1.39 1.99 -16.16
CA ASN A 88 0.78 3.24 -16.71
C ASN A 88 1.18 4.46 -15.84
N LEU A 89 2.37 4.40 -15.23
CA LEU A 89 2.90 5.52 -14.46
C LEU A 89 3.16 6.74 -15.33
N LYS A 90 2.65 7.85 -14.91
CA LYS A 90 2.82 9.08 -15.64
C LYS A 90 3.97 9.87 -15.01
N PRO A 91 4.72 10.63 -15.82
CA PRO A 91 5.89 11.42 -15.37
C PRO A 91 5.66 12.25 -14.09
N GLU A 92 4.51 12.88 -14.01
CA GLU A 92 4.21 13.78 -12.90
C GLU A 92 3.26 13.14 -11.90
N ASP A 93 3.23 11.83 -11.91
CA ASP A 93 2.34 11.08 -11.01
C ASP A 93 3.18 10.54 -9.83
N THR A 94 4.40 11.08 -9.74
CA THR A 94 5.37 10.72 -8.72
C THR A 94 4.84 10.99 -7.34
N ALA A 95 5.07 10.05 -6.41
CA ALA A 95 4.55 10.21 -5.06
C ALA A 95 5.05 9.18 -4.10
N ASP A 96 4.60 9.32 -2.85
CA ASP A 96 4.99 8.42 -1.78
C ASP A 96 3.94 7.37 -1.62
N TYR A 97 4.32 6.14 -1.69
CA TYR A 97 3.38 5.08 -1.46
C TYR A 97 3.40 4.69 -0.02
N TYR A 98 2.26 4.70 0.57
CA TYR A 98 2.05 4.41 1.96
C TYR A 98 1.28 3.12 2.15
N CYS A 99 1.57 2.42 3.22
CA CYS A 99 0.85 1.22 3.55
C CYS A 99 -0.06 1.48 4.71
N ARG A 100 -1.23 0.89 4.65
CA ARG A 100 -2.17 0.94 5.73
C ARG A 100 -2.44 -0.48 6.19
N ALA A 101 -2.43 -0.68 7.47
CA ALA A 101 -2.80 -1.94 8.06
C ALA A 101 -3.98 -1.70 8.94
N GLN A 102 -5.00 -2.48 8.78
CA GLN A 102 -6.21 -2.25 9.49
C GLN A 102 -6.47 -3.45 10.40
N GLN A 103 -6.64 -3.19 11.67
CA GLN A 103 -6.98 -4.21 12.66
C GLN A 103 -8.32 -3.89 13.26
N LYS A 104 -9.22 -4.83 13.25
CA LYS A 104 -10.53 -4.60 13.79
C LYS A 104 -10.55 -5.06 15.22
N ILE A 105 -10.81 -4.14 16.11
CA ILE A 105 -10.71 -4.38 17.52
C ILE A 105 -12.11 -4.53 18.10
N GLY A 106 -12.29 -5.51 18.96
CA GLY A 106 -13.57 -5.79 19.53
C GLY A 106 -14.58 -6.10 18.45
N ARG A 107 -15.67 -5.36 18.45
CA ARG A 107 -16.68 -5.50 17.42
C ARG A 107 -17.08 -4.13 16.87
N ASP A 108 -16.38 -3.09 17.33
CA ASP A 108 -16.75 -1.71 16.96
C ASP A 108 -15.53 -0.83 16.68
N THR A 109 -14.39 -1.21 17.20
CA THR A 109 -13.23 -0.38 17.14
C THR A 109 -12.31 -0.76 15.98
N PHE A 110 -11.63 0.22 15.40
CA PHE A 110 -10.74 -0.02 14.30
C PHE A 110 -9.45 0.74 14.50
N ARG A 111 -8.34 0.09 14.23
CA ARG A 111 -7.06 0.75 14.23
C ARG A 111 -6.43 0.63 12.88
N ASP A 112 -5.92 1.72 12.41
CA ASP A 112 -5.26 1.79 11.13
C ASP A 112 -3.82 2.22 11.36
N TYR A 113 -2.91 1.40 10.95
CA TYR A 113 -1.51 1.65 11.12
C TYR A 113 -0.93 2.08 9.81
N TRP A 114 0.07 2.94 9.86
CA TRP A 114 0.67 3.47 8.66
C TRP A 114 2.17 3.30 8.69
N GLY A 115 2.74 3.24 7.52
CA GLY A 115 4.18 3.20 7.40
C GLY A 115 4.68 4.52 6.86
N GLN A 116 5.98 4.63 6.71
CA GLN A 116 6.54 5.81 6.14
C GLN A 116 6.81 5.57 4.68
N GLY A 117 6.01 6.17 3.87
CA GLY A 117 6.00 5.98 2.45
C GLY A 117 7.28 6.25 1.75
N THR A 118 7.53 5.45 0.77
CA THR A 118 8.70 5.57 -0.06
C THR A 118 8.31 6.37 -1.32
N GLN A 119 9.15 7.30 -1.71
CA GLN A 119 8.85 8.18 -2.83
C GLN A 119 9.31 7.57 -4.16
N VAL A 120 8.37 7.40 -5.05
CA VAL A 120 8.62 6.85 -6.37
C VAL A 120 8.77 7.98 -7.37
N THR A 121 9.82 7.92 -8.14
CA THR A 121 10.10 8.94 -9.09
C THR A 121 9.95 8.39 -10.52
N VAL A 122 9.26 9.12 -11.37
CA VAL A 122 9.05 8.73 -12.75
C VAL A 122 9.88 9.65 -13.64
N SER A 123 10.64 9.08 -14.52
CA SER A 123 11.50 9.80 -15.41
C SER A 123 10.93 9.78 -16.82
N SER A 124 11.07 10.88 -17.51
CA SER A 124 10.63 11.00 -18.85
C SER A 124 11.49 12.04 -19.57
N GLY A 1 5.68 4.58 14.61
CA GLY A 1 4.25 4.78 14.37
C GLY A 1 3.49 4.86 15.66
N SER A 2 2.67 5.88 15.80
CA SER A 2 1.88 6.07 17.00
C SER A 2 0.86 4.94 17.20
N GLY A 3 0.98 4.23 18.30
CA GLY A 3 0.10 3.12 18.58
C GLY A 3 0.26 1.98 17.59
N SER A 4 1.44 1.87 17.03
CA SER A 4 1.73 0.86 16.07
C SER A 4 2.81 -0.05 16.63
N GLN A 5 2.46 -1.30 16.84
CA GLN A 5 3.40 -2.27 17.35
C GLN A 5 3.87 -3.18 16.23
N VAL A 6 3.28 -3.00 15.07
CA VAL A 6 3.63 -3.74 13.88
C VAL A 6 4.56 -2.89 13.01
N GLN A 7 5.56 -3.52 12.47
CA GLN A 7 6.49 -2.85 11.61
C GLN A 7 6.03 -2.98 10.18
N LEU A 8 5.85 -1.87 9.53
CA LEU A 8 5.53 -1.86 8.14
C LEU A 8 6.78 -1.50 7.37
N VAL A 9 7.18 -2.34 6.49
CA VAL A 9 8.38 -2.14 5.72
C VAL A 9 8.05 -2.18 4.23
N GLU A 10 8.09 -1.04 3.61
CA GLU A 10 7.77 -0.90 2.22
C GLU A 10 9.03 -1.08 1.39
N SER A 11 8.87 -1.75 0.28
CA SER A 11 9.95 -1.97 -0.63
C SER A 11 9.57 -1.47 -2.03
N GLY A 12 10.54 -0.99 -2.77
CA GLY A 12 10.31 -0.41 -4.06
C GLY A 12 10.73 1.02 -4.06
N GLY A 13 9.87 1.92 -4.51
CA GLY A 13 10.20 3.33 -4.46
C GLY A 13 11.32 3.65 -5.39
N GLY A 14 11.17 3.24 -6.59
CA GLY A 14 12.23 3.30 -7.50
C GLY A 14 12.08 4.38 -8.49
N LEU A 15 13.10 4.51 -9.25
CA LEU A 15 13.18 5.44 -10.32
C LEU A 15 12.85 4.74 -11.61
N VAL A 16 11.83 5.20 -12.25
CA VAL A 16 11.38 4.64 -13.50
C VAL A 16 11.15 5.72 -14.51
N GLN A 17 11.14 5.35 -15.74
CA GLN A 17 10.88 6.27 -16.81
C GLN A 17 9.39 6.21 -17.12
N ALA A 18 8.90 7.17 -17.87
CA ALA A 18 7.50 7.18 -18.24
C ALA A 18 7.12 5.92 -19.02
N GLY A 19 6.19 5.17 -18.48
CA GLY A 19 5.78 3.92 -19.09
C GLY A 19 6.34 2.73 -18.34
N GLY A 20 7.16 3.02 -17.34
CA GLY A 20 7.80 2.02 -16.52
C GLY A 20 6.83 1.25 -15.63
N SER A 21 7.35 0.26 -14.93
CA SER A 21 6.55 -0.55 -14.05
C SER A 21 7.32 -0.86 -12.76
N LEU A 22 6.62 -0.88 -11.65
CA LEU A 22 7.19 -1.13 -10.34
C LEU A 22 6.30 -1.98 -9.52
N ARG A 23 6.87 -2.78 -8.70
CA ARG A 23 6.14 -3.59 -7.78
C ARG A 23 6.56 -3.18 -6.38
N LEU A 24 5.63 -2.76 -5.59
CA LEU A 24 5.93 -2.32 -4.26
C LEU A 24 5.43 -3.37 -3.30
N SER A 25 6.25 -3.78 -2.40
CA SER A 25 5.86 -4.77 -1.43
C SER A 25 5.83 -4.17 -0.04
N CYS A 26 4.76 -4.37 0.67
CA CYS A 26 4.65 -3.83 2.01
C CYS A 26 4.68 -5.00 2.98
N ALA A 27 5.65 -5.00 3.85
CA ALA A 27 5.81 -6.08 4.79
C ALA A 27 5.31 -5.68 6.15
N ALA A 28 4.60 -6.56 6.79
CA ALA A 28 4.13 -6.34 8.12
C ALA A 28 4.65 -7.43 9.02
N SER A 29 5.36 -7.03 10.04
CA SER A 29 5.90 -7.97 10.98
C SER A 29 5.78 -7.41 12.39
N GLY A 30 5.56 -8.26 13.36
CA GLY A 30 5.53 -7.78 14.73
C GLY A 30 4.25 -8.12 15.46
N SER A 31 3.18 -8.30 14.74
CA SER A 31 1.90 -8.58 15.36
C SER A 31 1.64 -10.09 15.46
N THR A 32 1.14 -10.53 16.61
CA THR A 32 0.82 -11.91 16.81
C THR A 32 -0.52 -12.24 16.13
N PHE A 33 -1.42 -11.28 16.14
CA PHE A 33 -2.71 -11.47 15.53
C PHE A 33 -2.60 -11.04 14.07
N SER A 34 -3.39 -11.63 13.22
CA SER A 34 -3.34 -11.36 11.81
C SER A 34 -4.06 -10.06 11.46
N LEU A 35 -3.47 -9.29 10.56
CA LEU A 35 -4.04 -8.03 10.13
C LEU A 35 -5.31 -8.27 9.33
N HIS A 36 -6.33 -7.54 9.65
CA HIS A 36 -7.63 -7.76 9.03
C HIS A 36 -7.66 -7.16 7.62
N LEU A 37 -7.17 -5.95 7.47
CA LEU A 37 -7.17 -5.26 6.19
C LEU A 37 -5.85 -4.53 5.97
N MET A 38 -5.43 -4.49 4.73
CA MET A 38 -4.25 -3.73 4.32
C MET A 38 -4.54 -3.09 3.00
N GLY A 39 -3.89 -2.01 2.74
CA GLY A 39 -4.11 -1.28 1.53
C GLY A 39 -2.95 -0.38 1.19
N TRP A 40 -2.96 0.11 -0.03
CA TRP A 40 -1.96 1.02 -0.53
C TRP A 40 -2.61 2.35 -0.86
N TYR A 41 -1.91 3.38 -0.53
CA TYR A 41 -2.33 4.74 -0.72
C TYR A 41 -1.23 5.51 -1.35
N ARG A 42 -1.50 6.70 -1.74
CA ARG A 42 -0.52 7.49 -2.40
C ARG A 42 -0.68 8.91 -1.99
N GLN A 43 0.40 9.61 -1.87
CA GLN A 43 0.32 10.99 -1.53
C GLN A 43 1.16 11.77 -2.50
N ALA A 44 0.51 12.63 -3.23
CA ALA A 44 1.17 13.45 -4.20
C ALA A 44 1.12 14.88 -3.74
N PRO A 45 2.26 15.59 -3.75
CA PRO A 45 2.31 17.00 -3.39
C PRO A 45 1.37 17.82 -4.26
N GLY A 46 0.49 18.55 -3.62
CA GLY A 46 -0.49 19.32 -4.33
C GLY A 46 -1.84 18.63 -4.30
N LYS A 47 -1.84 17.35 -4.03
CA LYS A 47 -3.05 16.57 -3.96
C LYS A 47 -3.27 16.06 -2.57
N GLN A 48 -4.37 15.39 -2.39
CA GLN A 48 -4.69 14.73 -1.16
C GLN A 48 -4.15 13.32 -1.24
N ARG A 49 -4.02 12.67 -0.11
CA ARG A 49 -3.62 11.30 -0.11
C ARG A 49 -4.77 10.46 -0.60
N GLU A 50 -4.54 9.85 -1.70
CA GLU A 50 -5.54 9.14 -2.43
C GLU A 50 -5.45 7.66 -2.16
N VAL A 51 -6.58 7.00 -2.27
CA VAL A 51 -6.62 5.58 -2.13
C VAL A 51 -6.17 4.95 -3.42
N VAL A 52 -5.35 3.97 -3.32
CA VAL A 52 -4.89 3.28 -4.47
C VAL A 52 -5.55 1.92 -4.52
N ALA A 53 -5.41 1.19 -3.44
CA ALA A 53 -5.90 -0.16 -3.39
C ALA A 53 -6.15 -0.58 -1.97
N THR A 54 -7.18 -1.34 -1.75
CA THR A 54 -7.46 -1.91 -0.46
C THR A 54 -7.76 -3.40 -0.60
N SER A 55 -7.46 -4.17 0.43
CA SER A 55 -7.77 -5.57 0.45
C SER A 55 -8.13 -6.02 1.85
N GLY A 56 -9.34 -6.50 1.98
CA GLY A 56 -9.82 -6.97 3.25
C GLY A 56 -9.30 -8.36 3.58
N SER A 57 -9.83 -8.95 4.63
CA SER A 57 -9.39 -10.25 5.09
C SER A 57 -9.80 -11.38 4.14
N GLY A 58 -10.74 -11.11 3.27
CA GLY A 58 -11.17 -12.10 2.32
C GLY A 58 -10.49 -11.95 0.99
N GLY A 59 -9.60 -10.99 0.91
CA GLY A 59 -8.86 -10.76 -0.31
C GLY A 59 -9.64 -9.97 -1.31
N ASP A 60 -10.66 -9.27 -0.84
CA ASP A 60 -11.47 -8.46 -1.72
C ASP A 60 -10.72 -7.18 -2.01
N THR A 61 -10.52 -6.92 -3.27
CA THR A 61 -9.68 -5.86 -3.73
C THR A 61 -10.46 -4.70 -4.34
N ASN A 62 -10.22 -3.51 -3.83
CA ASN A 62 -10.81 -2.32 -4.39
C ASN A 62 -9.70 -1.42 -4.84
N TYR A 63 -9.77 -0.93 -6.05
CA TYR A 63 -8.77 -0.04 -6.57
C TYR A 63 -9.48 1.22 -7.01
N ALA A 64 -8.82 2.35 -6.91
CA ALA A 64 -9.42 3.59 -7.38
C ALA A 64 -9.50 3.57 -8.89
N ASP A 65 -10.43 4.32 -9.48
CA ASP A 65 -10.59 4.33 -10.95
C ASP A 65 -9.32 4.77 -11.65
N SER A 66 -8.54 5.58 -10.98
CA SER A 66 -7.29 6.09 -11.46
C SER A 66 -6.30 4.95 -11.76
N VAL A 67 -6.32 3.94 -10.92
CA VAL A 67 -5.36 2.85 -11.01
C VAL A 67 -6.04 1.52 -11.27
N LYS A 68 -7.34 1.57 -11.51
CA LYS A 68 -8.16 0.38 -11.72
C LYS A 68 -7.61 -0.41 -12.91
N GLY A 69 -7.30 -1.66 -12.70
CA GLY A 69 -6.82 -2.49 -13.79
C GLY A 69 -5.31 -2.51 -13.92
N ARG A 70 -4.68 -1.36 -13.79
CA ARG A 70 -3.23 -1.28 -13.91
C ARG A 70 -2.53 -1.63 -12.63
N PHE A 71 -3.12 -1.26 -11.54
CA PHE A 71 -2.57 -1.53 -10.23
C PHE A 71 -3.27 -2.70 -9.61
N THR A 72 -2.51 -3.63 -9.12
CA THR A 72 -3.06 -4.81 -8.49
C THR A 72 -2.31 -5.08 -7.18
N ILE A 73 -3.05 -5.40 -6.12
CA ILE A 73 -2.45 -5.75 -4.84
C ILE A 73 -2.98 -7.07 -4.36
N SER A 74 -2.18 -7.78 -3.64
CA SER A 74 -2.56 -9.07 -3.11
C SER A 74 -1.99 -9.19 -1.71
N ARG A 75 -2.73 -9.78 -0.81
CA ARG A 75 -2.27 -9.92 0.55
C ARG A 75 -2.24 -11.36 1.01
N ASP A 76 -1.09 -11.81 1.38
CA ASP A 76 -0.96 -12.99 2.19
C ASP A 76 -0.64 -12.45 3.58
N ASN A 77 -0.90 -13.15 4.64
CA ASN A 77 -0.57 -12.56 5.94
C ASN A 77 0.84 -12.92 6.38
N ASP A 78 1.42 -13.96 5.80
CA ASP A 78 2.72 -14.42 6.26
C ASP A 78 3.71 -14.67 5.12
N LYS A 79 3.34 -15.50 4.17
CA LYS A 79 4.26 -15.94 3.11
C LYS A 79 4.54 -14.83 2.12
N ASN A 80 3.60 -13.96 1.94
CA ASN A 80 3.78 -12.85 1.05
C ASN A 80 3.45 -11.57 1.78
N THR A 81 3.98 -10.51 1.33
CA THR A 81 3.73 -9.22 1.86
C THR A 81 2.92 -8.49 0.80
N VAL A 82 1.90 -7.73 1.20
CA VAL A 82 1.02 -7.08 0.23
C VAL A 82 1.79 -6.29 -0.82
N ASP A 83 1.69 -6.75 -2.03
CA ASP A 83 2.43 -6.14 -3.11
C ASP A 83 1.52 -5.46 -4.07
N LEU A 84 1.97 -4.33 -4.51
CA LEU A 84 1.30 -3.49 -5.44
C LEU A 84 2.05 -3.46 -6.76
N GLN A 85 1.50 -4.10 -7.74
CA GLN A 85 2.08 -4.11 -9.04
C GLN A 85 1.55 -2.90 -9.80
N MET A 86 2.42 -1.97 -10.07
CA MET A 86 2.06 -0.75 -10.77
C MET A 86 2.55 -0.81 -12.19
N ASN A 87 1.71 -0.46 -13.13
CA ASN A 87 2.06 -0.40 -14.55
C ASN A 87 1.69 0.94 -15.13
N ASN A 88 2.39 1.33 -16.18
CA ASN A 88 2.19 2.61 -16.89
C ASN A 88 2.42 3.81 -15.96
N LEU A 89 3.57 3.82 -15.32
CA LEU A 89 3.94 4.94 -14.47
C LEU A 89 4.21 6.17 -15.33
N LYS A 90 3.45 7.20 -15.10
CA LYS A 90 3.61 8.43 -15.83
C LYS A 90 4.40 9.41 -14.98
N PRO A 91 5.06 10.43 -15.59
CA PRO A 91 5.91 11.38 -14.83
C PRO A 91 5.12 12.12 -13.75
N GLU A 92 3.83 12.26 -14.00
CA GLU A 92 2.92 12.93 -13.09
C GLU A 92 2.53 12.02 -11.90
N ASP A 93 2.93 10.74 -11.96
CA ASP A 93 2.62 9.80 -10.88
C ASP A 93 3.68 9.81 -9.81
N THR A 94 4.69 10.63 -10.01
CA THR A 94 5.75 10.79 -9.03
C THR A 94 5.15 11.27 -7.70
N ALA A 95 5.29 10.43 -6.67
CA ALA A 95 4.72 10.68 -5.35
C ALA A 95 5.14 9.58 -4.41
N ASP A 96 4.56 9.57 -3.21
CA ASP A 96 4.90 8.55 -2.23
C ASP A 96 3.77 7.61 -2.13
N TYR A 97 4.07 6.36 -2.04
CA TYR A 97 3.05 5.38 -1.81
C TYR A 97 3.10 4.90 -0.38
N TYR A 98 1.97 4.98 0.26
CA TYR A 98 1.80 4.72 1.68
C TYR A 98 0.99 3.47 1.96
N CYS A 99 1.26 2.83 3.08
CA CYS A 99 0.56 1.61 3.46
C CYS A 99 -0.37 1.84 4.63
N ARG A 100 -1.50 1.16 4.58
CA ARG A 100 -2.42 1.09 5.69
C ARG A 100 -2.66 -0.31 6.08
N ALA A 101 -2.92 -0.47 7.31
CA ALA A 101 -3.30 -1.72 7.85
C ALA A 101 -4.34 -1.44 8.89
N GLN A 102 -5.45 -2.05 8.75
CA GLN A 102 -6.51 -1.85 9.67
C GLN A 102 -6.81 -3.17 10.31
N GLN A 103 -6.77 -3.18 11.59
CA GLN A 103 -6.99 -4.37 12.30
C GLN A 103 -8.16 -4.12 13.24
N LYS A 104 -9.03 -5.09 13.35
CA LYS A 104 -10.18 -4.96 14.17
C LYS A 104 -9.79 -5.44 15.56
N ILE A 105 -9.86 -4.54 16.49
CA ILE A 105 -9.41 -4.78 17.83
C ILE A 105 -10.61 -5.08 18.68
N GLY A 106 -10.48 -6.12 19.51
CA GLY A 106 -11.53 -6.53 20.42
C GLY A 106 -12.85 -6.82 19.73
N ARG A 107 -12.82 -6.96 18.39
CA ARG A 107 -14.00 -7.21 17.55
C ARG A 107 -14.99 -6.03 17.54
N ASP A 108 -14.62 -4.91 18.18
CA ASP A 108 -15.52 -3.75 18.30
C ASP A 108 -14.79 -2.42 18.09
N THR A 109 -13.54 -2.46 17.74
CA THR A 109 -12.75 -1.26 17.54
C THR A 109 -11.82 -1.45 16.34
N PHE A 110 -11.46 -0.39 15.66
CA PHE A 110 -10.53 -0.50 14.55
C PHE A 110 -9.33 0.37 14.82
N ARG A 111 -8.16 -0.15 14.56
CA ARG A 111 -6.96 0.61 14.74
C ARG A 111 -6.24 0.72 13.42
N ASP A 112 -5.84 1.92 13.08
CA ASP A 112 -5.23 2.19 11.79
C ASP A 112 -3.74 2.27 11.92
N TYR A 113 -3.06 1.44 11.22
CA TYR A 113 -1.64 1.47 11.20
C TYR A 113 -1.18 2.08 9.89
N TRP A 114 -0.28 3.00 9.96
CA TRP A 114 0.25 3.65 8.80
C TRP A 114 1.71 3.36 8.61
N GLY A 115 2.11 3.32 7.39
CA GLY A 115 3.47 3.13 7.06
C GLY A 115 3.98 4.26 6.23
N GLN A 116 5.15 4.79 6.58
CA GLN A 116 5.73 5.83 5.81
C GLN A 116 6.29 5.21 4.58
N GLY A 117 5.62 5.44 3.52
CA GLY A 117 5.92 4.81 2.29
C GLY A 117 7.15 5.30 1.61
N THR A 118 7.41 4.69 0.51
CA THR A 118 8.56 4.95 -0.27
C THR A 118 8.19 5.88 -1.44
N GLN A 119 9.08 6.76 -1.78
CA GLN A 119 8.84 7.73 -2.83
C GLN A 119 9.17 7.11 -4.18
N VAL A 120 8.37 7.37 -5.14
CA VAL A 120 8.56 6.85 -6.46
C VAL A 120 8.86 8.00 -7.38
N THR A 121 9.86 7.85 -8.20
CA THR A 121 10.24 8.91 -9.08
C THR A 121 10.11 8.45 -10.54
N VAL A 122 9.21 9.07 -11.28
CA VAL A 122 9.04 8.72 -12.66
C VAL A 122 9.63 9.84 -13.51
N SER A 123 10.54 9.49 -14.38
CA SER A 123 11.28 10.46 -15.13
C SER A 123 10.98 10.41 -16.61
N SER A 124 11.01 11.56 -17.20
CA SER A 124 10.83 11.75 -18.60
C SER A 124 11.43 13.12 -18.95
N GLY A 1 1.59 -3.84 27.03
CA GLY A 1 0.89 -4.39 25.86
C GLY A 1 0.10 -3.33 25.16
N SER A 2 -0.94 -3.75 24.42
CA SER A 2 -1.88 -2.86 23.73
C SER A 2 -1.19 -1.98 22.66
N GLY A 3 0.02 -2.32 22.32
CA GLY A 3 0.76 -1.57 21.35
C GLY A 3 0.83 -2.31 20.04
N SER A 4 1.06 -1.60 18.99
CA SER A 4 1.12 -2.15 17.68
C SER A 4 2.39 -2.96 17.46
N GLN A 5 2.23 -4.21 17.09
CA GLN A 5 3.38 -5.06 16.82
C GLN A 5 3.89 -4.80 15.43
N VAL A 6 3.02 -4.34 14.60
CA VAL A 6 3.34 -4.19 13.21
C VAL A 6 4.14 -2.95 12.90
N GLN A 7 5.32 -3.19 12.40
CA GLN A 7 6.15 -2.15 11.89
C GLN A 7 6.06 -2.26 10.39
N LEU A 8 5.68 -1.21 9.74
CA LEU A 8 5.51 -1.23 8.31
C LEU A 8 6.78 -0.85 7.59
N VAL A 9 7.24 -1.72 6.74
CA VAL A 9 8.43 -1.50 5.95
C VAL A 9 8.05 -1.60 4.48
N GLU A 10 8.04 -0.48 3.79
CA GLU A 10 7.70 -0.50 2.40
C GLU A 10 8.94 -0.68 1.56
N SER A 11 8.89 -1.64 0.70
CA SER A 11 9.93 -1.92 -0.22
C SER A 11 9.67 -1.19 -1.50
N GLY A 12 10.71 -0.81 -2.15
CA GLY A 12 10.60 -0.08 -3.38
C GLY A 12 10.80 1.41 -3.18
N GLY A 13 10.22 2.20 -4.05
CA GLY A 13 10.37 3.63 -3.97
C GLY A 13 11.58 4.06 -4.73
N GLY A 14 11.66 3.57 -5.92
CA GLY A 14 12.82 3.80 -6.74
C GLY A 14 12.54 4.67 -7.92
N LEU A 15 13.26 4.46 -8.97
CA LEU A 15 13.14 5.23 -10.18
C LEU A 15 12.53 4.37 -11.28
N VAL A 16 11.56 4.94 -11.96
CA VAL A 16 10.85 4.28 -13.03
C VAL A 16 11.03 5.10 -14.30
N GLN A 17 10.80 4.47 -15.42
CA GLN A 17 10.82 5.12 -16.70
C GLN A 17 9.40 5.57 -17.01
N ALA A 18 9.24 6.59 -17.82
CA ALA A 18 7.92 7.01 -18.22
C ALA A 18 7.26 5.90 -19.04
N GLY A 19 6.14 5.41 -18.56
CA GLY A 19 5.48 4.31 -19.22
C GLY A 19 5.85 2.98 -18.58
N GLY A 20 6.73 3.06 -17.59
CA GLY A 20 7.27 1.88 -16.97
C GLY A 20 6.40 1.34 -15.86
N SER A 21 6.81 0.22 -15.34
CA SER A 21 6.12 -0.45 -14.28
C SER A 21 7.09 -0.70 -13.12
N LEU A 22 6.60 -0.59 -11.91
CA LEU A 22 7.41 -0.80 -10.74
C LEU A 22 6.55 -1.38 -9.65
N ARG A 23 7.14 -2.17 -8.79
CA ARG A 23 6.37 -2.88 -7.80
C ARG A 23 6.84 -2.55 -6.39
N LEU A 24 5.91 -2.29 -5.52
CA LEU A 24 6.18 -1.97 -4.13
C LEU A 24 5.70 -3.11 -3.28
N SER A 25 6.27 -3.28 -2.13
CA SER A 25 5.83 -4.34 -1.24
C SER A 25 5.81 -3.79 0.19
N CYS A 26 4.79 -4.09 0.93
CA CYS A 26 4.68 -3.62 2.30
C CYS A 26 4.86 -4.79 3.21
N ALA A 27 5.84 -4.72 4.06
CA ALA A 27 6.13 -5.82 4.93
C ALA A 27 5.92 -5.42 6.37
N ALA A 28 5.08 -6.16 7.04
CA ALA A 28 4.87 -5.96 8.46
C ALA A 28 5.68 -6.98 9.19
N SER A 29 6.57 -6.54 10.04
CA SER A 29 7.44 -7.44 10.75
C SER A 29 6.97 -7.67 12.18
N GLY A 30 6.98 -8.94 12.59
CA GLY A 30 6.62 -9.32 13.93
C GLY A 30 5.14 -9.19 14.19
N SER A 31 4.40 -10.21 13.88
CA SER A 31 2.98 -10.17 14.07
C SER A 31 2.49 -11.51 14.61
N THR A 32 1.99 -11.49 15.83
CA THR A 32 1.40 -12.70 16.40
C THR A 32 -0.10 -12.64 16.20
N PHE A 33 -0.54 -11.57 15.59
CA PHE A 33 -1.93 -11.31 15.37
C PHE A 33 -2.12 -11.11 13.87
N SER A 34 -3.20 -11.65 13.33
CA SER A 34 -3.47 -11.58 11.91
C SER A 34 -3.96 -10.17 11.50
N LEU A 35 -3.64 -9.77 10.27
CA LEU A 35 -4.05 -8.50 9.75
C LEU A 35 -5.39 -8.63 9.05
N HIS A 36 -6.29 -7.74 9.36
CA HIS A 36 -7.62 -7.77 8.80
C HIS A 36 -7.58 -7.15 7.41
N LEU A 37 -6.81 -6.09 7.26
CA LEU A 37 -6.73 -5.39 6.00
C LEU A 37 -5.35 -4.78 5.80
N MET A 38 -4.91 -4.73 4.57
CA MET A 38 -3.68 -4.06 4.17
C MET A 38 -4.01 -3.33 2.88
N GLY A 39 -3.47 -2.17 2.70
CA GLY A 39 -3.80 -1.38 1.54
C GLY A 39 -2.74 -0.35 1.24
N TRP A 40 -2.83 0.23 0.06
CA TRP A 40 -1.92 1.25 -0.40
C TRP A 40 -2.65 2.57 -0.66
N TYR A 41 -2.01 3.64 -0.28
CA TYR A 41 -2.50 5.00 -0.51
C TYR A 41 -1.42 5.80 -1.13
N ARG A 42 -1.73 6.98 -1.58
CA ARG A 42 -0.74 7.74 -2.30
C ARG A 42 -0.91 9.24 -2.08
N GLN A 43 0.20 9.92 -1.94
CA GLN A 43 0.22 11.38 -1.95
C GLN A 43 1.13 11.88 -3.02
N ALA A 44 0.57 12.58 -3.95
CA ALA A 44 1.31 13.17 -5.04
C ALA A 44 1.47 14.67 -4.83
N PRO A 45 2.60 15.25 -5.29
CA PRO A 45 2.84 16.70 -5.20
C PRO A 45 1.70 17.53 -5.76
N GLY A 46 1.19 18.44 -4.93
CA GLY A 46 0.13 19.33 -5.35
C GLY A 46 -1.25 18.67 -5.38
N LYS A 47 -1.31 17.41 -5.02
CA LYS A 47 -2.56 16.68 -5.03
C LYS A 47 -2.97 16.22 -3.63
N GLN A 48 -4.11 15.59 -3.53
CA GLN A 48 -4.59 15.08 -2.25
C GLN A 48 -4.26 13.60 -2.15
N ARG A 49 -4.28 13.06 -0.93
CA ARG A 49 -4.04 11.67 -0.76
C ARG A 49 -5.20 10.88 -1.32
N GLU A 50 -4.88 9.96 -2.16
CA GLU A 50 -5.84 9.19 -2.87
C GLU A 50 -5.78 7.75 -2.41
N VAL A 51 -6.88 7.06 -2.52
CA VAL A 51 -6.89 5.68 -2.24
C VAL A 51 -6.35 4.97 -3.45
N VAL A 52 -5.52 4.02 -3.25
CA VAL A 52 -5.02 3.29 -4.35
C VAL A 52 -5.63 1.92 -4.37
N ALA A 53 -5.54 1.23 -3.25
CA ALA A 53 -6.04 -0.11 -3.18
C ALA A 53 -6.14 -0.59 -1.76
N THR A 54 -7.12 -1.39 -1.47
CA THR A 54 -7.28 -2.01 -0.18
C THR A 54 -7.54 -3.50 -0.36
N SER A 55 -7.08 -4.30 0.56
CA SER A 55 -7.34 -5.72 0.52
C SER A 55 -7.74 -6.24 1.88
N GLY A 56 -8.90 -6.84 1.91
CA GLY A 56 -9.42 -7.42 3.11
C GLY A 56 -8.96 -8.85 3.27
N SER A 57 -9.24 -9.42 4.41
CA SER A 57 -8.84 -10.78 4.74
C SER A 57 -9.58 -11.83 3.89
N GLY A 58 -10.75 -11.46 3.41
CA GLY A 58 -11.53 -12.36 2.56
C GLY A 58 -11.08 -12.32 1.11
N GLY A 59 -10.03 -11.53 0.84
CA GLY A 59 -9.51 -11.42 -0.49
C GLY A 59 -10.13 -10.28 -1.25
N ASP A 60 -10.91 -9.49 -0.54
CA ASP A 60 -11.59 -8.34 -1.12
C ASP A 60 -10.59 -7.28 -1.49
N THR A 61 -10.40 -7.08 -2.74
CA THR A 61 -9.48 -6.09 -3.16
C THR A 61 -10.20 -5.03 -3.96
N ASN A 62 -10.02 -3.82 -3.55
CA ASN A 62 -10.68 -2.70 -4.17
C ASN A 62 -9.61 -1.74 -4.60
N TYR A 63 -9.77 -1.19 -5.77
CA TYR A 63 -8.82 -0.24 -6.32
C TYR A 63 -9.56 1.02 -6.68
N ALA A 64 -8.86 2.13 -6.68
CA ALA A 64 -9.46 3.38 -7.10
C ALA A 64 -9.78 3.31 -8.57
N ASP A 65 -10.82 4.02 -8.98
CA ASP A 65 -11.25 4.04 -10.38
C ASP A 65 -10.14 4.52 -11.28
N SER A 66 -9.32 5.41 -10.77
CA SER A 66 -8.23 5.98 -11.53
C SER A 66 -7.02 5.01 -11.67
N VAL A 67 -7.04 3.89 -10.95
CA VAL A 67 -5.93 2.95 -11.03
C VAL A 67 -6.41 1.55 -11.49
N LYS A 68 -7.69 1.44 -11.82
CA LYS A 68 -8.28 0.16 -12.25
C LYS A 68 -7.57 -0.41 -13.47
N GLY A 69 -7.07 -1.62 -13.32
CA GLY A 69 -6.39 -2.28 -14.40
C GLY A 69 -4.90 -2.06 -14.36
N ARG A 70 -4.50 -0.86 -13.99
CA ARG A 70 -3.11 -0.46 -14.01
C ARG A 70 -2.41 -0.87 -12.71
N PHE A 71 -3.10 -0.79 -11.61
CA PHE A 71 -2.52 -1.11 -10.31
C PHE A 71 -3.14 -2.37 -9.74
N THR A 72 -2.31 -3.24 -9.24
CA THR A 72 -2.78 -4.48 -8.65
C THR A 72 -2.06 -4.73 -7.32
N ILE A 73 -2.82 -5.11 -6.28
CA ILE A 73 -2.21 -5.45 -5.02
C ILE A 73 -2.67 -6.81 -4.60
N SER A 74 -1.84 -7.50 -3.89
CA SER A 74 -2.14 -8.84 -3.46
C SER A 74 -1.86 -8.98 -1.97
N ARG A 75 -2.67 -9.79 -1.29
CA ARG A 75 -2.47 -10.05 0.12
C ARG A 75 -2.64 -11.48 0.49
N ASP A 76 -1.81 -11.88 1.38
CA ASP A 76 -2.01 -13.05 2.18
C ASP A 76 -2.48 -12.51 3.54
N ASN A 77 -3.16 -13.30 4.32
CA ASN A 77 -3.64 -12.85 5.63
C ASN A 77 -2.51 -12.37 6.54
N ASP A 78 -1.41 -13.12 6.61
CA ASP A 78 -0.35 -12.77 7.57
C ASP A 78 1.03 -13.36 7.20
N LYS A 79 1.08 -14.18 6.18
CA LYS A 79 2.33 -14.86 5.82
C LYS A 79 3.08 -14.11 4.73
N ASN A 80 2.36 -13.42 3.90
CA ASN A 80 2.93 -12.67 2.78
C ASN A 80 2.74 -11.19 2.98
N THR A 81 3.39 -10.42 2.18
CA THR A 81 3.35 -8.99 2.31
C THR A 81 2.51 -8.41 1.17
N VAL A 82 1.80 -7.32 1.43
CA VAL A 82 0.98 -6.71 0.41
C VAL A 82 1.83 -5.99 -0.63
N ASP A 83 1.79 -6.46 -1.83
CA ASP A 83 2.57 -5.89 -2.89
C ASP A 83 1.69 -5.16 -3.87
N LEU A 84 2.22 -4.09 -4.40
CA LEU A 84 1.54 -3.24 -5.35
C LEU A 84 2.32 -3.19 -6.65
N GLN A 85 1.75 -3.78 -7.65
CA GLN A 85 2.32 -3.82 -8.97
C GLN A 85 1.71 -2.65 -9.75
N MET A 86 2.52 -1.67 -10.07
CA MET A 86 2.06 -0.44 -10.71
C MET A 86 2.43 -0.43 -12.18
N ASN A 87 1.52 0.01 -13.02
CA ASN A 87 1.75 0.09 -14.46
C ASN A 87 1.34 1.45 -14.97
N ASN A 88 1.87 1.83 -16.12
CA ASN A 88 1.57 3.11 -16.79
C ASN A 88 1.95 4.29 -15.90
N LEU A 89 3.16 4.28 -15.44
CA LEU A 89 3.65 5.36 -14.62
C LEU A 89 4.22 6.47 -15.48
N LYS A 90 3.63 7.64 -15.36
CA LYS A 90 4.03 8.79 -16.15
C LYS A 90 4.90 9.69 -15.27
N PRO A 91 5.63 10.68 -15.84
CA PRO A 91 6.43 11.64 -15.05
C PRO A 91 5.58 12.38 -14.00
N GLU A 92 4.29 12.51 -14.30
CA GLU A 92 3.33 13.15 -13.42
C GLU A 92 2.98 12.25 -12.22
N ASP A 93 3.33 10.98 -12.31
CA ASP A 93 2.96 9.99 -11.32
C ASP A 93 3.92 9.85 -10.16
N THR A 94 4.91 10.73 -10.10
CA THR A 94 5.84 10.72 -9.00
C THR A 94 5.11 11.02 -7.71
N ALA A 95 5.12 10.08 -6.80
CA ALA A 95 4.35 10.23 -5.57
C ALA A 95 4.81 9.28 -4.52
N ASP A 96 4.29 9.47 -3.33
CA ASP A 96 4.60 8.61 -2.22
C ASP A 96 3.50 7.64 -2.05
N TYR A 97 3.83 6.41 -1.98
CA TYR A 97 2.87 5.40 -1.74
C TYR A 97 2.99 4.95 -0.31
N TYR A 98 1.89 4.97 0.36
CA TYR A 98 1.78 4.68 1.78
C TYR A 98 1.06 3.39 2.01
N CYS A 99 1.42 2.73 3.07
CA CYS A 99 0.83 1.47 3.39
C CYS A 99 -0.08 1.60 4.61
N ARG A 100 -1.21 0.96 4.53
CA ARG A 100 -2.18 0.93 5.60
C ARG A 100 -2.37 -0.50 6.05
N ALA A 101 -2.35 -0.71 7.32
CA ALA A 101 -2.57 -2.02 7.91
C ALA A 101 -3.70 -1.91 8.88
N GLN A 102 -4.46 -2.94 9.04
CA GLN A 102 -5.56 -2.89 9.96
C GLN A 102 -5.63 -4.16 10.74
N GLN A 103 -5.81 -4.03 12.01
CA GLN A 103 -6.00 -5.14 12.90
C GLN A 103 -7.31 -4.97 13.60
N LYS A 104 -8.16 -5.95 13.50
CA LYS A 104 -9.41 -5.92 14.17
C LYS A 104 -9.19 -6.56 15.53
N ILE A 105 -9.38 -5.79 16.54
CA ILE A 105 -9.01 -6.14 17.89
C ILE A 105 -10.21 -6.65 18.64
N GLY A 106 -9.98 -7.72 19.37
CA GLY A 106 -11.00 -8.33 20.16
C GLY A 106 -12.12 -8.87 19.32
N ARG A 107 -13.15 -8.07 19.18
CA ARG A 107 -14.34 -8.44 18.47
C ARG A 107 -14.85 -7.25 17.68
N ASP A 108 -15.14 -6.20 18.40
CA ASP A 108 -15.77 -5.02 17.84
C ASP A 108 -14.74 -3.94 17.46
N THR A 109 -13.56 -4.03 18.00
CA THR A 109 -12.61 -2.95 17.85
C THR A 109 -11.69 -3.20 16.65
N PHE A 110 -11.21 -2.16 16.01
CA PHE A 110 -10.17 -2.28 15.00
C PHE A 110 -9.29 -1.06 14.97
N ARG A 111 -8.05 -1.23 14.62
CA ARG A 111 -7.12 -0.13 14.53
C ARG A 111 -6.45 -0.12 13.20
N ASP A 112 -6.32 1.04 12.66
CA ASP A 112 -5.66 1.23 11.37
C ASP A 112 -4.28 1.80 11.58
N TYR A 113 -3.32 1.16 11.02
CA TYR A 113 -1.95 1.55 11.16
C TYR A 113 -1.47 2.12 9.86
N TRP A 114 -0.67 3.14 9.94
CA TRP A 114 -0.14 3.80 8.78
C TRP A 114 1.36 3.87 8.87
N GLY A 115 2.00 3.77 7.75
CA GLY A 115 3.44 3.86 7.70
C GLY A 115 3.87 4.98 6.78
N GLN A 116 5.12 5.38 6.87
CA GLN A 116 5.61 6.44 6.06
C GLN A 116 6.08 5.87 4.74
N GLY A 117 5.29 6.12 3.74
CA GLY A 117 5.47 5.58 2.46
C GLY A 117 6.66 6.10 1.73
N THR A 118 6.96 5.44 0.68
CA THR A 118 8.12 5.72 -0.10
C THR A 118 7.74 6.53 -1.36
N GLN A 119 8.59 7.46 -1.72
CA GLN A 119 8.36 8.30 -2.87
C GLN A 119 9.00 7.66 -4.09
N VAL A 120 8.21 7.45 -5.09
CA VAL A 120 8.68 6.82 -6.29
C VAL A 120 8.97 7.90 -7.32
N THR A 121 10.08 7.80 -7.96
CA THR A 121 10.48 8.77 -8.94
C THR A 121 10.34 8.18 -10.34
N VAL A 122 9.75 8.92 -11.24
CA VAL A 122 9.58 8.50 -12.60
C VAL A 122 10.27 9.52 -13.50
N SER A 123 11.11 9.05 -14.39
CA SER A 123 11.82 9.95 -15.28
C SER A 123 11.34 9.80 -16.69
N SER A 124 11.14 10.89 -17.34
CA SER A 124 10.77 10.92 -18.70
C SER A 124 12.04 10.90 -19.55
N GLY A 1 -1.99 7.45 13.30
CA GLY A 1 -1.95 6.03 13.01
C GLY A 1 -1.10 5.31 14.01
N SER A 2 -1.32 4.03 14.15
CA SER A 2 -0.61 3.22 15.10
C SER A 2 0.49 2.41 14.40
N GLY A 3 1.15 1.58 15.15
CA GLY A 3 2.24 0.77 14.68
C GLY A 3 3.16 0.49 15.81
N SER A 4 2.63 -0.13 16.85
CA SER A 4 3.35 -0.39 18.06
C SER A 4 4.43 -1.48 17.86
N GLN A 5 4.01 -2.73 17.78
CA GLN A 5 4.94 -3.84 17.65
C GLN A 5 5.00 -4.32 16.22
N VAL A 6 4.08 -3.86 15.42
CA VAL A 6 4.06 -4.20 14.02
C VAL A 6 4.69 -3.09 13.19
N GLN A 7 5.72 -3.42 12.47
CA GLN A 7 6.37 -2.48 11.58
C GLN A 7 5.82 -2.65 10.20
N LEU A 8 5.39 -1.57 9.60
CA LEU A 8 5.00 -1.59 8.21
C LEU A 8 6.14 -1.01 7.42
N VAL A 9 6.64 -1.75 6.47
CA VAL A 9 7.74 -1.30 5.65
C VAL A 9 7.41 -1.39 4.19
N GLU A 10 7.41 -0.27 3.52
CA GLU A 10 7.17 -0.20 2.10
C GLU A 10 8.48 -0.33 1.36
N SER A 11 8.53 -1.22 0.44
CA SER A 11 9.70 -1.36 -0.37
C SER A 11 9.36 -0.94 -1.79
N GLY A 12 10.32 -0.40 -2.47
CA GLY A 12 10.14 0.14 -3.77
C GLY A 12 10.57 1.58 -3.77
N GLY A 13 9.77 2.47 -4.33
CA GLY A 13 10.11 3.88 -4.32
C GLY A 13 11.32 4.17 -5.16
N GLY A 14 11.30 3.66 -6.34
CA GLY A 14 12.41 3.79 -7.21
C GLY A 14 12.19 4.81 -8.28
N LEU A 15 13.11 4.83 -9.18
CA LEU A 15 13.10 5.72 -10.31
C LEU A 15 12.81 4.93 -11.57
N VAL A 16 11.67 5.21 -12.14
CA VAL A 16 11.17 4.52 -13.31
C VAL A 16 10.88 5.47 -14.43
N GLN A 17 10.80 4.93 -15.61
CA GLN A 17 10.50 5.71 -16.78
C GLN A 17 9.05 5.56 -17.14
N ALA A 18 8.57 6.43 -18.00
CA ALA A 18 7.19 6.44 -18.41
C ALA A 18 6.83 5.14 -19.14
N GLY A 19 5.80 4.48 -18.65
CA GLY A 19 5.36 3.25 -19.24
C GLY A 19 5.92 2.04 -18.51
N GLY A 20 6.90 2.28 -17.66
CA GLY A 20 7.56 1.20 -16.92
C GLY A 20 6.70 0.61 -15.82
N SER A 21 7.21 -0.43 -15.19
CA SER A 21 6.52 -1.08 -14.09
C SER A 21 7.38 -1.03 -12.83
N LEU A 22 6.73 -1.03 -11.69
CA LEU A 22 7.41 -1.00 -10.43
C LEU A 22 6.54 -1.71 -9.43
N ARG A 23 7.14 -2.49 -8.60
CA ARG A 23 6.42 -3.28 -7.63
C ARG A 23 6.78 -2.84 -6.22
N LEU A 24 5.76 -2.57 -5.43
CA LEU A 24 5.92 -2.19 -4.05
C LEU A 24 5.55 -3.36 -3.20
N SER A 25 6.12 -3.45 -2.06
CA SER A 25 5.79 -4.48 -1.13
C SER A 25 5.71 -3.91 0.27
N CYS A 26 4.67 -4.25 0.98
CA CYS A 26 4.51 -3.79 2.32
C CYS A 26 4.71 -4.96 3.23
N ALA A 27 5.66 -4.85 4.10
CA ALA A 27 5.96 -5.92 5.00
C ALA A 27 5.57 -5.54 6.39
N ALA A 28 4.75 -6.34 6.99
CA ALA A 28 4.32 -6.14 8.34
C ALA A 28 4.96 -7.21 9.21
N SER A 29 5.69 -6.80 10.20
CA SER A 29 6.37 -7.73 11.07
C SER A 29 6.09 -7.40 12.52
N GLY A 30 5.80 -8.43 13.32
CA GLY A 30 5.60 -8.23 14.74
C GLY A 30 4.30 -8.83 15.26
N SER A 31 3.33 -8.96 14.39
CA SER A 31 2.03 -9.45 14.79
C SER A 31 1.84 -10.94 14.44
N THR A 32 1.33 -11.70 15.38
CA THR A 32 1.02 -13.08 15.14
C THR A 32 -0.38 -13.17 14.57
N PHE A 33 -1.23 -12.28 15.04
CA PHE A 33 -2.58 -12.14 14.59
C PHE A 33 -2.52 -11.32 13.32
N SER A 34 -3.14 -11.80 12.27
CA SER A 34 -3.03 -11.15 10.99
C SER A 34 -3.96 -9.95 10.86
N LEU A 35 -3.53 -8.99 10.07
CA LEU A 35 -4.24 -7.76 9.83
C LEU A 35 -5.49 -8.02 9.00
N HIS A 36 -6.57 -7.37 9.34
CA HIS A 36 -7.86 -7.63 8.70
C HIS A 36 -7.92 -6.97 7.33
N LEU A 37 -7.23 -5.87 7.17
CA LEU A 37 -7.23 -5.16 5.91
C LEU A 37 -5.86 -4.55 5.65
N MET A 38 -5.44 -4.65 4.40
CA MET A 38 -4.19 -4.07 3.91
C MET A 38 -4.51 -3.22 2.71
N GLY A 39 -3.85 -2.10 2.58
CA GLY A 39 -4.07 -1.27 1.43
C GLY A 39 -2.92 -0.31 1.18
N TRP A 40 -2.93 0.27 -0.01
CA TRP A 40 -1.92 1.22 -0.44
C TRP A 40 -2.55 2.58 -0.69
N TYR A 41 -1.83 3.60 -0.33
CA TYR A 41 -2.26 4.99 -0.47
C TYR A 41 -1.14 5.83 -1.05
N ARG A 42 -1.49 6.93 -1.69
CA ARG A 42 -0.49 7.79 -2.33
C ARG A 42 -0.72 9.27 -2.10
N GLN A 43 0.37 9.96 -1.86
CA GLN A 43 0.37 11.40 -1.79
C GLN A 43 1.18 11.96 -2.89
N ALA A 44 0.63 12.92 -3.52
CA ALA A 44 1.32 13.66 -4.56
C ALA A 44 1.52 15.07 -4.06
N PRO A 45 2.52 15.82 -4.55
CA PRO A 45 2.73 17.18 -4.11
C PRO A 45 1.48 18.03 -4.39
N GLY A 46 0.95 18.64 -3.36
CA GLY A 46 -0.22 19.46 -3.50
C GLY A 46 -1.51 18.69 -3.27
N LYS A 47 -1.41 17.38 -3.12
CA LYS A 47 -2.59 16.56 -2.89
C LYS A 47 -2.68 16.03 -1.51
N GLN A 48 -3.87 15.60 -1.17
CA GLN A 48 -4.10 14.86 0.03
C GLN A 48 -3.95 13.40 -0.35
N ARG A 49 -3.76 12.52 0.59
CA ARG A 49 -3.53 11.15 0.27
C ARG A 49 -4.79 10.48 -0.27
N GLU A 50 -4.67 9.95 -1.46
CA GLU A 50 -5.75 9.30 -2.14
C GLU A 50 -5.63 7.80 -1.99
N VAL A 51 -6.77 7.12 -1.99
CA VAL A 51 -6.80 5.70 -1.90
C VAL A 51 -6.36 5.09 -3.23
N VAL A 52 -5.55 4.09 -3.17
CA VAL A 52 -5.08 3.45 -4.35
C VAL A 52 -5.73 2.12 -4.49
N ALA A 53 -5.59 1.32 -3.46
CA ALA A 53 -6.08 -0.01 -3.47
C ALA A 53 -6.21 -0.52 -2.07
N THR A 54 -7.30 -1.15 -1.78
CA THR A 54 -7.51 -1.77 -0.49
C THR A 54 -7.99 -3.20 -0.69
N SER A 55 -7.62 -4.08 0.20
CA SER A 55 -8.07 -5.43 0.12
C SER A 55 -9.11 -5.67 1.18
N GLY A 56 -10.27 -6.10 0.74
CA GLY A 56 -11.38 -6.34 1.63
C GLY A 56 -11.28 -7.68 2.31
N SER A 57 -12.15 -7.92 3.24
CA SER A 57 -12.16 -9.13 4.04
C SER A 57 -12.60 -10.37 3.24
N GLY A 58 -13.15 -10.16 2.06
CA GLY A 58 -13.59 -11.28 1.25
C GLY A 58 -12.58 -11.66 0.21
N GLY A 59 -11.39 -11.09 0.31
CA GLY A 59 -10.36 -11.35 -0.67
C GLY A 59 -10.54 -10.45 -1.88
N ASP A 60 -11.47 -9.54 -1.76
CA ASP A 60 -11.79 -8.59 -2.78
C ASP A 60 -10.82 -7.45 -2.72
N THR A 61 -10.71 -6.71 -3.76
CA THR A 61 -9.83 -5.59 -3.76
C THR A 61 -10.46 -4.42 -4.49
N ASN A 62 -10.22 -3.25 -4.00
CA ASN A 62 -10.77 -2.05 -4.57
C ASN A 62 -9.61 -1.27 -5.11
N TYR A 63 -9.70 -0.83 -6.33
CA TYR A 63 -8.67 -0.03 -6.92
C TYR A 63 -9.27 1.29 -7.36
N ALA A 64 -8.53 2.37 -7.18
CA ALA A 64 -8.98 3.68 -7.62
C ALA A 64 -9.12 3.67 -9.13
N ASP A 65 -10.05 4.44 -9.65
CA ASP A 65 -10.29 4.50 -11.10
C ASP A 65 -9.06 4.97 -11.84
N SER A 66 -8.25 5.74 -11.15
CA SER A 66 -7.04 6.29 -11.70
C SER A 66 -5.93 5.22 -11.86
N VAL A 67 -6.10 4.08 -11.23
CA VAL A 67 -5.07 3.04 -11.27
C VAL A 67 -5.59 1.73 -11.87
N LYS A 68 -6.80 1.79 -12.41
CA LYS A 68 -7.44 0.61 -13.01
C LYS A 68 -6.73 0.21 -14.28
N GLY A 69 -6.27 -1.01 -14.31
CA GLY A 69 -5.55 -1.50 -15.46
C GLY A 69 -4.09 -1.17 -15.36
N ARG A 70 -3.67 -0.72 -14.20
CA ARG A 70 -2.28 -0.39 -13.96
C ARG A 70 -1.77 -0.97 -12.66
N PHE A 71 -2.51 -0.77 -11.58
CA PHE A 71 -2.07 -1.18 -10.25
C PHE A 71 -2.81 -2.42 -9.77
N THR A 72 -2.09 -3.37 -9.29
CA THR A 72 -2.69 -4.58 -8.76
C THR A 72 -2.03 -4.93 -7.43
N ILE A 73 -2.84 -5.14 -6.40
CA ILE A 73 -2.32 -5.52 -5.11
C ILE A 73 -2.86 -6.88 -4.73
N SER A 74 -2.08 -7.59 -3.99
CA SER A 74 -2.44 -8.90 -3.51
C SER A 74 -1.86 -9.08 -2.12
N ARG A 75 -2.58 -9.75 -1.22
CA ARG A 75 -2.06 -9.90 0.12
C ARG A 75 -2.28 -11.21 0.81
N ASP A 76 -1.30 -11.56 1.56
CA ASP A 76 -1.29 -12.69 2.44
C ASP A 76 -1.49 -12.20 3.87
N ASN A 77 -1.92 -13.10 4.76
CA ASN A 77 -2.16 -12.77 6.19
C ASN A 77 -1.04 -11.93 6.81
N ASP A 78 0.17 -12.48 6.82
CA ASP A 78 1.32 -11.80 7.44
C ASP A 78 2.63 -12.48 7.06
N LYS A 79 2.58 -13.77 6.74
CA LYS A 79 3.78 -14.54 6.35
C LYS A 79 4.35 -13.99 5.05
N ASN A 80 3.50 -13.45 4.24
CA ASN A 80 3.90 -12.85 3.00
C ASN A 80 3.35 -11.43 2.97
N THR A 81 3.78 -10.63 2.05
CA THR A 81 3.53 -9.22 2.09
C THR A 81 2.48 -8.79 1.08
N VAL A 82 1.94 -7.60 1.27
CA VAL A 82 1.03 -7.05 0.31
C VAL A 82 1.81 -6.31 -0.74
N ASP A 83 1.75 -6.81 -1.93
CA ASP A 83 2.50 -6.25 -3.03
C ASP A 83 1.61 -5.49 -3.96
N LEU A 84 2.16 -4.45 -4.50
CA LEU A 84 1.50 -3.60 -5.45
C LEU A 84 2.34 -3.51 -6.71
N GLN A 85 1.87 -4.13 -7.76
CA GLN A 85 2.57 -4.10 -9.02
C GLN A 85 1.94 -2.99 -9.83
N MET A 86 2.72 -2.09 -10.33
CA MET A 86 2.22 -0.98 -11.08
C MET A 86 2.79 -1.02 -12.46
N ASN A 87 1.93 -1.03 -13.44
CA ASN A 87 2.35 -1.05 -14.82
C ASN A 87 1.81 0.21 -15.50
N ASN A 88 2.49 0.65 -16.56
CA ASN A 88 2.08 1.84 -17.33
C ASN A 88 2.15 3.11 -16.46
N LEU A 89 3.30 3.28 -15.84
CA LEU A 89 3.56 4.44 -15.00
C LEU A 89 3.70 5.73 -15.81
N LYS A 90 2.85 6.67 -15.51
CA LYS A 90 2.81 7.96 -16.19
C LYS A 90 3.73 8.94 -15.45
N PRO A 91 4.29 9.94 -16.14
CA PRO A 91 5.21 10.92 -15.51
C PRO A 91 4.55 11.69 -14.35
N GLU A 92 3.26 11.91 -14.45
CA GLU A 92 2.49 12.62 -13.43
C GLU A 92 2.07 11.69 -12.31
N ASP A 93 2.31 10.41 -12.49
CA ASP A 93 1.83 9.41 -11.56
C ASP A 93 2.88 9.21 -10.43
N THR A 94 3.92 10.05 -10.49
CA THR A 94 4.97 10.15 -9.47
C THR A 94 4.34 10.52 -8.11
N ALA A 95 4.58 9.70 -7.07
CA ALA A 95 3.96 9.96 -5.76
C ALA A 95 4.60 9.14 -4.65
N ASP A 96 4.23 9.43 -3.40
CA ASP A 96 4.70 8.66 -2.23
C ASP A 96 3.71 7.59 -1.96
N TYR A 97 4.18 6.40 -1.72
CA TYR A 97 3.30 5.29 -1.45
C TYR A 97 3.36 4.93 0.00
N TYR A 98 2.23 4.91 0.62
CA TYR A 98 2.10 4.61 2.02
C TYR A 98 1.27 3.36 2.20
N CYS A 99 1.58 2.61 3.21
CA CYS A 99 0.88 1.40 3.50
C CYS A 99 0.02 1.55 4.76
N ARG A 100 -1.15 0.93 4.74
CA ARG A 100 -2.06 0.88 5.88
C ARG A 100 -2.47 -0.51 6.19
N ALA A 101 -2.73 -0.73 7.44
CA ALA A 101 -3.16 -2.00 7.93
C ALA A 101 -4.20 -1.77 9.01
N GLN A 102 -5.31 -2.42 8.89
CA GLN A 102 -6.35 -2.27 9.88
C GLN A 102 -6.63 -3.61 10.53
N GLN A 103 -6.71 -3.58 11.84
CA GLN A 103 -6.92 -4.79 12.62
C GLN A 103 -8.12 -4.56 13.56
N LYS A 104 -9.01 -5.54 13.65
CA LYS A 104 -10.16 -5.42 14.52
C LYS A 104 -9.97 -6.16 15.84
N ILE A 105 -10.09 -5.41 16.90
CA ILE A 105 -9.78 -5.83 18.25
C ILE A 105 -11.06 -5.86 19.07
N GLY A 106 -11.24 -6.88 19.87
CA GLY A 106 -12.39 -6.95 20.77
C GLY A 106 -13.72 -6.75 20.07
N ARG A 107 -13.83 -7.33 18.88
CA ARG A 107 -15.03 -7.32 18.04
C ARG A 107 -15.30 -5.95 17.38
N ASP A 108 -15.32 -4.88 18.18
CA ASP A 108 -15.72 -3.56 17.66
C ASP A 108 -14.66 -2.48 17.82
N THR A 109 -13.51 -2.82 18.31
CA THR A 109 -12.43 -1.87 18.41
C THR A 109 -11.56 -2.04 17.17
N PHE A 110 -11.02 -0.97 16.65
CA PHE A 110 -10.21 -1.08 15.47
C PHE A 110 -8.91 -0.35 15.67
N ARG A 111 -7.86 -0.89 15.15
CA ARG A 111 -6.58 -0.26 15.17
C ARG A 111 -6.10 -0.05 13.77
N ASP A 112 -5.59 1.10 13.54
CA ASP A 112 -5.17 1.52 12.21
C ASP A 112 -3.70 1.76 12.23
N TYR A 113 -3.00 1.02 11.45
CA TYR A 113 -1.57 1.07 11.43
C TYR A 113 -1.11 1.80 10.20
N TRP A 114 -0.13 2.63 10.38
CA TRP A 114 0.40 3.46 9.33
C TRP A 114 1.89 3.26 9.16
N GLY A 115 2.32 3.35 7.92
CA GLY A 115 3.71 3.29 7.61
C GLY A 115 4.16 4.56 6.93
N GLN A 116 5.43 4.82 6.96
CA GLN A 116 6.01 5.96 6.31
C GLN A 116 6.59 5.48 5.00
N GLY A 117 5.93 5.83 3.95
CA GLY A 117 6.23 5.25 2.66
C GLY A 117 7.36 5.87 1.89
N THR A 118 7.52 5.36 0.70
CA THR A 118 8.60 5.71 -0.18
C THR A 118 8.03 6.32 -1.48
N GLN A 119 8.72 7.30 -2.03
CA GLN A 119 8.25 7.98 -3.23
C GLN A 119 8.89 7.44 -4.48
N VAL A 120 8.09 7.27 -5.49
CA VAL A 120 8.54 6.83 -6.80
C VAL A 120 8.74 8.02 -7.67
N THR A 121 9.76 8.00 -8.44
CA THR A 121 9.99 9.08 -9.34
C THR A 121 9.87 8.57 -10.77
N VAL A 122 8.94 9.10 -11.53
CA VAL A 122 8.83 8.75 -12.91
C VAL A 122 9.63 9.77 -13.72
N SER A 123 10.43 9.27 -14.61
CA SER A 123 11.35 10.08 -15.33
C SER A 123 10.99 10.13 -16.82
N SER A 124 10.84 11.34 -17.30
CA SER A 124 10.64 11.62 -18.70
C SER A 124 11.22 13.00 -18.98
N GLY A 1 -0.16 -7.19 21.32
CA GLY A 1 -0.40 -6.14 22.29
C GLY A 1 0.89 -5.73 22.97
N SER A 2 0.82 -4.67 23.78
CA SER A 2 1.96 -4.15 24.55
C SER A 2 3.12 -3.64 23.66
N GLY A 3 3.28 -2.33 23.61
CA GLY A 3 4.39 -1.73 22.90
C GLY A 3 4.12 -1.48 21.43
N SER A 4 3.28 -2.31 20.82
CA SER A 4 2.96 -2.25 19.39
C SER A 4 4.18 -2.60 18.54
N GLN A 5 4.41 -3.88 18.39
CA GLN A 5 5.57 -4.38 17.68
C GLN A 5 5.27 -4.38 16.18
N VAL A 6 3.98 -4.29 15.86
CA VAL A 6 3.52 -4.32 14.47
C VAL A 6 4.00 -3.08 13.73
N GLN A 7 4.80 -3.30 12.72
CA GLN A 7 5.34 -2.23 11.92
C GLN A 7 5.26 -2.57 10.46
N LEU A 8 5.05 -1.58 9.64
CA LEU A 8 5.00 -1.74 8.22
C LEU A 8 6.32 -1.35 7.63
N VAL A 9 6.86 -2.20 6.80
CA VAL A 9 8.10 -1.93 6.14
C VAL A 9 7.86 -1.85 4.65
N GLU A 10 8.07 -0.68 4.09
CA GLU A 10 7.86 -0.48 2.69
C GLU A 10 9.15 -0.78 1.94
N SER A 11 9.03 -1.13 0.71
CA SER A 11 10.17 -1.39 -0.12
C SER A 11 9.89 -0.87 -1.52
N GLY A 12 10.91 -0.40 -2.20
CA GLY A 12 10.77 0.18 -3.50
C GLY A 12 10.96 1.68 -3.42
N GLY A 13 10.13 2.42 -4.13
CA GLY A 13 10.24 3.87 -4.07
C GLY A 13 11.39 4.38 -4.86
N GLY A 14 11.49 3.92 -6.06
CA GLY A 14 12.61 4.22 -6.86
C GLY A 14 12.25 4.96 -8.10
N LEU A 15 13.14 4.92 -9.04
CA LEU A 15 13.00 5.62 -10.27
C LEU A 15 12.45 4.71 -11.36
N VAL A 16 11.31 5.06 -11.87
CA VAL A 16 10.63 4.34 -12.92
C VAL A 16 10.63 5.26 -14.13
N GLN A 17 10.43 4.75 -15.29
CA GLN A 17 10.35 5.60 -16.46
C GLN A 17 8.90 5.68 -16.90
N ALA A 18 8.55 6.69 -17.69
CA ALA A 18 7.18 6.86 -18.17
C ALA A 18 6.73 5.63 -18.97
N GLY A 19 5.68 5.00 -18.51
CA GLY A 19 5.17 3.82 -19.16
C GLY A 19 5.71 2.53 -18.58
N GLY A 20 6.63 2.67 -17.64
CA GLY A 20 7.27 1.50 -17.05
C GLY A 20 6.50 0.95 -15.88
N SER A 21 6.96 -0.16 -15.35
CA SER A 21 6.34 -0.77 -14.20
C SER A 21 7.33 -0.94 -13.04
N LEU A 22 6.82 -0.88 -11.83
CA LEU A 22 7.62 -1.07 -10.64
C LEU A 22 6.72 -1.71 -9.59
N ARG A 23 7.30 -2.48 -8.71
CA ARG A 23 6.52 -3.23 -7.75
C ARG A 23 6.98 -2.86 -6.33
N LEU A 24 6.04 -2.48 -5.50
CA LEU A 24 6.29 -2.09 -4.12
C LEU A 24 5.80 -3.20 -3.20
N SER A 25 6.39 -3.30 -2.04
CA SER A 25 5.97 -4.28 -1.07
C SER A 25 5.84 -3.64 0.29
N CYS A 26 4.80 -4.02 1.01
CA CYS A 26 4.59 -3.56 2.36
C CYS A 26 4.62 -4.78 3.24
N ALA A 27 5.52 -4.80 4.17
CA ALA A 27 5.67 -5.93 5.04
C ALA A 27 5.17 -5.61 6.41
N ALA A 28 4.35 -6.45 6.97
CA ALA A 28 3.90 -6.25 8.31
C ALA A 28 4.75 -7.13 9.18
N SER A 29 5.44 -6.55 10.08
CA SER A 29 6.33 -7.29 10.91
C SER A 29 5.91 -7.17 12.36
N GLY A 30 6.01 -8.27 13.08
CA GLY A 30 5.67 -8.28 14.47
C GLY A 30 4.20 -8.47 14.69
N SER A 31 3.53 -9.03 13.71
CA SER A 31 2.12 -9.26 13.82
C SER A 31 1.87 -10.62 14.48
N THR A 32 1.34 -10.57 15.66
CA THR A 32 1.03 -11.74 16.44
C THR A 32 -0.45 -12.10 16.35
N PHE A 33 -1.20 -11.19 15.79
CA PHE A 33 -2.61 -11.34 15.64
C PHE A 33 -2.90 -11.32 14.15
N SER A 34 -4.07 -11.76 13.76
CA SER A 34 -4.44 -11.79 12.36
C SER A 34 -4.55 -10.37 11.79
N LEU A 35 -3.80 -10.10 10.75
CA LEU A 35 -3.85 -8.82 10.09
C LEU A 35 -5.15 -8.83 9.27
N HIS A 36 -6.01 -7.85 9.47
CA HIS A 36 -7.36 -7.92 8.95
C HIS A 36 -7.50 -7.26 7.56
N LEU A 37 -6.83 -6.16 7.34
CA LEU A 37 -6.94 -5.44 6.06
C LEU A 37 -5.62 -4.79 5.68
N MET A 38 -5.30 -4.83 4.40
CA MET A 38 -4.09 -4.21 3.87
C MET A 38 -4.46 -3.37 2.65
N GLY A 39 -3.87 -2.23 2.51
CA GLY A 39 -4.14 -1.42 1.36
C GLY A 39 -3.06 -0.42 1.07
N TRP A 40 -3.10 0.12 -0.13
CA TRP A 40 -2.17 1.10 -0.60
C TRP A 40 -2.87 2.40 -0.95
N TYR A 41 -2.22 3.47 -0.60
CA TYR A 41 -2.64 4.82 -0.87
C TYR A 41 -1.48 5.54 -1.49
N ARG A 42 -1.72 6.69 -2.02
CA ARG A 42 -0.66 7.43 -2.61
C ARG A 42 -0.83 8.87 -2.30
N GLN A 43 0.24 9.53 -2.02
CA GLN A 43 0.19 10.89 -1.63
C GLN A 43 1.31 11.64 -2.30
N ALA A 44 0.96 12.58 -3.10
CA ALA A 44 1.94 13.43 -3.74
C ALA A 44 2.01 14.75 -2.98
N PRO A 45 3.21 15.34 -2.85
CA PRO A 45 3.37 16.61 -2.14
C PRO A 45 2.52 17.70 -2.77
N GLY A 46 1.68 18.32 -1.96
CA GLY A 46 0.82 19.37 -2.44
C GLY A 46 -0.51 18.83 -2.94
N LYS A 47 -0.64 17.50 -2.97
CA LYS A 47 -1.84 16.86 -3.43
C LYS A 47 -2.47 16.04 -2.30
N GLN A 48 -3.59 15.45 -2.57
CA GLN A 48 -4.31 14.65 -1.59
C GLN A 48 -3.81 13.23 -1.59
N ARG A 49 -4.02 12.53 -0.48
CA ARG A 49 -3.70 11.14 -0.44
C ARG A 49 -4.88 10.37 -0.97
N GLU A 50 -4.65 9.72 -2.04
CA GLU A 50 -5.66 9.06 -2.81
C GLU A 50 -5.63 7.57 -2.53
N VAL A 51 -6.76 6.95 -2.68
CA VAL A 51 -6.85 5.53 -2.53
C VAL A 51 -6.34 4.87 -3.79
N VAL A 52 -5.52 3.88 -3.63
CA VAL A 52 -5.01 3.16 -4.76
C VAL A 52 -5.65 1.80 -4.82
N ALA A 53 -5.58 1.08 -3.72
CA ALA A 53 -6.10 -0.25 -3.64
C ALA A 53 -6.23 -0.69 -2.20
N THR A 54 -7.34 -1.27 -1.84
CA THR A 54 -7.54 -1.77 -0.49
C THR A 54 -8.18 -3.15 -0.54
N SER A 55 -7.93 -3.96 0.48
CA SER A 55 -8.52 -5.26 0.55
C SER A 55 -9.72 -5.24 1.49
N GLY A 56 -10.74 -5.93 1.09
CA GLY A 56 -11.92 -6.03 1.89
C GLY A 56 -11.96 -7.33 2.66
N SER A 57 -12.92 -7.45 3.55
CA SER A 57 -13.07 -8.62 4.41
C SER A 57 -13.42 -9.88 3.62
N GLY A 58 -13.94 -9.70 2.42
CA GLY A 58 -14.28 -10.84 1.59
C GLY A 58 -13.07 -11.37 0.83
N GLY A 59 -11.93 -10.68 0.96
CA GLY A 59 -10.73 -11.07 0.24
C GLY A 59 -10.67 -10.42 -1.11
N ASP A 60 -11.59 -9.53 -1.34
CA ASP A 60 -11.72 -8.80 -2.58
C ASP A 60 -10.98 -7.48 -2.46
N THR A 61 -10.60 -6.89 -3.55
CA THR A 61 -9.89 -5.64 -3.52
C THR A 61 -10.55 -4.58 -4.36
N ASN A 62 -10.51 -3.36 -3.88
CA ASN A 62 -11.08 -2.23 -4.59
C ASN A 62 -9.96 -1.35 -4.97
N TYR A 63 -9.92 -0.99 -6.21
CA TYR A 63 -8.88 -0.13 -6.71
C TYR A 63 -9.53 1.14 -7.19
N ALA A 64 -8.74 2.18 -7.33
CA ALA A 64 -9.25 3.41 -7.89
C ALA A 64 -9.55 3.17 -9.35
N ASP A 65 -10.59 3.80 -9.85
CA ASP A 65 -11.02 3.66 -11.25
C ASP A 65 -9.87 3.99 -12.21
N SER A 66 -9.05 4.93 -11.81
CA SER A 66 -7.93 5.37 -12.62
C SER A 66 -6.69 4.46 -12.50
N VAL A 67 -6.71 3.51 -11.59
CA VAL A 67 -5.58 2.62 -11.48
C VAL A 67 -5.96 1.21 -11.92
N LYS A 68 -7.20 1.07 -12.36
CA LYS A 68 -7.73 -0.22 -12.79
C LYS A 68 -6.96 -0.79 -13.96
N GLY A 69 -6.43 -1.98 -13.77
CA GLY A 69 -5.63 -2.63 -14.78
C GLY A 69 -4.17 -2.28 -14.68
N ARG A 70 -3.91 -1.08 -14.22
CA ARG A 70 -2.56 -0.57 -14.11
C ARG A 70 -1.92 -1.00 -12.81
N PHE A 71 -2.65 -0.89 -11.73
CA PHE A 71 -2.17 -1.18 -10.38
C PHE A 71 -2.86 -2.41 -9.85
N THR A 72 -2.12 -3.32 -9.30
CA THR A 72 -2.70 -4.52 -8.70
C THR A 72 -2.03 -4.83 -7.36
N ILE A 73 -2.82 -5.18 -6.33
CA ILE A 73 -2.24 -5.54 -5.06
C ILE A 73 -2.58 -6.97 -4.69
N SER A 74 -1.70 -7.58 -4.01
CA SER A 74 -1.86 -8.92 -3.52
C SER A 74 -1.45 -8.98 -2.07
N ARG A 75 -2.21 -9.71 -1.27
CA ARG A 75 -1.99 -9.73 0.17
C ARG A 75 -2.16 -11.12 0.67
N ASP A 76 -1.31 -11.54 1.53
CA ASP A 76 -1.54 -12.77 2.24
C ASP A 76 -2.05 -12.39 3.61
N ASN A 77 -2.75 -13.27 4.25
CA ASN A 77 -3.34 -12.95 5.54
C ASN A 77 -2.31 -12.75 6.65
N ASP A 78 -1.15 -13.41 6.54
CA ASP A 78 -0.08 -13.20 7.59
C ASP A 78 1.32 -13.65 7.13
N LYS A 79 1.37 -14.52 6.15
CA LYS A 79 2.63 -15.14 5.75
C LYS A 79 3.38 -14.30 4.70
N ASN A 80 2.65 -13.58 3.92
CA ASN A 80 3.25 -12.80 2.84
C ASN A 80 2.82 -11.35 2.99
N THR A 81 3.42 -10.48 2.25
CA THR A 81 3.25 -9.08 2.41
C THR A 81 2.38 -8.51 1.27
N VAL A 82 1.78 -7.35 1.50
CA VAL A 82 0.97 -6.73 0.47
C VAL A 82 1.85 -6.02 -0.53
N ASP A 83 1.82 -6.48 -1.73
CA ASP A 83 2.61 -5.88 -2.75
C ASP A 83 1.74 -5.22 -3.79
N LEU A 84 2.22 -4.14 -4.31
CA LEU A 84 1.54 -3.34 -5.28
C LEU A 84 2.39 -3.23 -6.52
N GLN A 85 1.86 -3.65 -7.62
CA GLN A 85 2.56 -3.50 -8.86
C GLN A 85 1.91 -2.41 -9.64
N MET A 86 2.66 -1.39 -9.94
CA MET A 86 2.13 -0.30 -10.72
C MET A 86 2.67 -0.45 -12.12
N ASN A 87 1.81 -0.43 -13.10
CA ASN A 87 2.27 -0.51 -14.47
C ASN A 87 1.88 0.77 -15.18
N ASN A 88 2.65 1.11 -16.20
CA ASN A 88 2.44 2.30 -17.02
C ASN A 88 2.48 3.57 -16.16
N LEU A 89 3.57 3.72 -15.41
CA LEU A 89 3.76 4.91 -14.60
C LEU A 89 3.89 6.13 -15.50
N LYS A 90 3.00 7.06 -15.32
CA LYS A 90 3.00 8.26 -16.06
C LYS A 90 3.77 9.29 -15.26
N PRO A 91 4.22 10.41 -15.85
CA PRO A 91 4.97 11.44 -15.14
C PRO A 91 4.21 11.97 -13.91
N GLU A 92 2.89 11.91 -13.97
CA GLU A 92 2.04 12.39 -12.89
C GLU A 92 1.92 11.38 -11.77
N ASP A 93 2.49 10.20 -11.96
CA ASP A 93 2.44 9.15 -10.95
C ASP A 93 3.56 9.29 -9.95
N THR A 94 4.35 10.35 -10.08
CA THR A 94 5.38 10.64 -9.14
C THR A 94 4.75 11.03 -7.83
N ALA A 95 5.01 10.25 -6.81
CA ALA A 95 4.39 10.48 -5.50
C ALA A 95 4.91 9.51 -4.48
N ASP A 96 4.42 9.64 -3.28
CA ASP A 96 4.81 8.77 -2.20
C ASP A 96 3.73 7.76 -2.03
N TYR A 97 4.09 6.53 -2.02
CA TYR A 97 3.12 5.51 -1.78
C TYR A 97 3.04 5.18 -0.33
N TYR A 98 1.86 5.21 0.18
CA TYR A 98 1.59 4.98 1.56
C TYR A 98 0.86 3.69 1.75
N CYS A 99 1.24 2.98 2.76
CA CYS A 99 0.66 1.69 3.05
C CYS A 99 -0.18 1.79 4.29
N ARG A 100 -1.28 1.08 4.29
CA ARG A 100 -2.18 1.05 5.40
C ARG A 100 -2.52 -0.38 5.72
N ALA A 101 -2.46 -0.71 6.96
CA ALA A 101 -2.83 -2.00 7.44
C ALA A 101 -3.78 -1.80 8.59
N GLN A 102 -4.88 -2.47 8.57
CA GLN A 102 -5.84 -2.33 9.62
C GLN A 102 -6.02 -3.65 10.32
N GLN A 103 -5.86 -3.65 11.61
CA GLN A 103 -5.99 -4.85 12.39
C GLN A 103 -7.07 -4.63 13.41
N LYS A 104 -7.88 -5.61 13.62
CA LYS A 104 -8.94 -5.53 14.57
C LYS A 104 -8.41 -5.98 15.91
N ILE A 105 -8.66 -5.21 16.92
CA ILE A 105 -8.17 -5.52 18.22
C ILE A 105 -9.35 -5.87 19.09
N GLY A 106 -9.21 -6.93 19.85
CA GLY A 106 -10.27 -7.40 20.72
C GLY A 106 -11.62 -7.50 20.02
N ARG A 107 -12.56 -6.77 20.54
CA ARG A 107 -13.92 -6.78 20.06
C ARG A 107 -14.30 -5.41 19.50
N ASP A 108 -13.97 -4.37 20.22
CA ASP A 108 -14.42 -3.02 19.89
C ASP A 108 -13.34 -2.11 19.35
N THR A 109 -12.14 -2.61 19.19
CA THR A 109 -11.06 -1.75 18.75
C THR A 109 -10.49 -2.12 17.37
N PHE A 110 -10.02 -1.12 16.66
CA PHE A 110 -9.39 -1.30 15.36
C PHE A 110 -8.19 -0.40 15.28
N ARG A 111 -7.14 -0.87 14.67
CA ARG A 111 -5.94 -0.07 14.52
C ARG A 111 -5.59 0.12 13.08
N ASP A 112 -5.19 1.31 12.76
CA ASP A 112 -4.73 1.66 11.44
C ASP A 112 -3.24 1.86 11.52
N TYR A 113 -2.52 1.10 10.78
CA TYR A 113 -1.09 1.25 10.72
C TYR A 113 -0.75 1.92 9.44
N TRP A 114 0.08 2.91 9.50
CA TRP A 114 0.48 3.62 8.31
C TRP A 114 1.96 3.57 8.14
N GLY A 115 2.38 3.20 6.97
CA GLY A 115 3.77 3.14 6.66
C GLY A 115 4.30 4.48 6.22
N GLN A 116 5.54 4.53 5.86
CA GLN A 116 6.16 5.72 5.42
C GLN A 116 6.18 5.72 3.93
N GLY A 117 5.60 6.71 3.39
CA GLY A 117 5.46 6.82 1.98
C GLY A 117 6.77 6.93 1.27
N THR A 118 6.99 6.03 0.37
CA THR A 118 8.19 6.05 -0.40
C THR A 118 7.91 6.80 -1.71
N GLN A 119 8.73 7.78 -1.99
CA GLN A 119 8.54 8.63 -3.14
C GLN A 119 9.15 8.01 -4.39
N VAL A 120 8.32 7.80 -5.39
CA VAL A 120 8.75 7.27 -6.65
C VAL A 120 8.98 8.36 -7.65
N THR A 121 10.02 8.24 -8.38
CA THR A 121 10.29 9.21 -9.40
C THR A 121 10.11 8.57 -10.76
N VAL A 122 9.40 9.25 -11.63
CA VAL A 122 9.22 8.79 -12.99
C VAL A 122 10.08 9.63 -13.92
N SER A 123 10.78 8.99 -14.83
CA SER A 123 11.64 9.66 -15.76
C SER A 123 10.87 10.10 -16.98
N SER A 124 10.84 11.39 -17.22
CA SER A 124 10.20 11.94 -18.36
C SER A 124 10.80 13.31 -18.68
#